data_1MDC
# 
_entry.id   1MDC 
# 
_audit_conform.dict_name       mmcif_pdbx.dic 
_audit_conform.dict_version    5.398 
_audit_conform.dict_location   http://mmcif.pdb.org/dictionaries/ascii/mmcif_pdbx.dic 
# 
loop_
_database_2.database_id 
_database_2.database_code 
_database_2.pdbx_database_accession 
_database_2.pdbx_DOI 
PDB   1MDC         pdb_00001mdc 10.2210/pdb1mdc/pdb 
WWPDB D_1000174957 ?            ?                   
# 
loop_
_pdbx_audit_revision_history.ordinal 
_pdbx_audit_revision_history.data_content_type 
_pdbx_audit_revision_history.major_revision 
_pdbx_audit_revision_history.minor_revision 
_pdbx_audit_revision_history.revision_date 
1 'Structure model' 1 0 1994-01-31 
2 'Structure model' 1 1 2008-03-24 
3 'Structure model' 1 2 2011-07-13 
4 'Structure model' 1 3 2017-11-29 
5 'Structure model' 1 4 2024-11-06 
# 
_pdbx_audit_revision_details.ordinal             1 
_pdbx_audit_revision_details.revision_ordinal    1 
_pdbx_audit_revision_details.data_content_type   'Structure model' 
_pdbx_audit_revision_details.provider            repository 
_pdbx_audit_revision_details.type                'Initial release' 
_pdbx_audit_revision_details.description         ? 
_pdbx_audit_revision_details.details             ? 
# 
loop_
_pdbx_audit_revision_group.ordinal 
_pdbx_audit_revision_group.revision_ordinal 
_pdbx_audit_revision_group.data_content_type 
_pdbx_audit_revision_group.group 
1 2 'Structure model' 'Version format compliance' 
2 3 'Structure model' 'Atomic model'              
3 3 'Structure model' 'Version format compliance' 
4 4 'Structure model' 'Derived calculations'      
5 4 'Structure model' Other                       
6 5 'Structure model' 'Data collection'           
7 5 'Structure model' 'Database references'       
8 5 'Structure model' 'Derived calculations'      
9 5 'Structure model' 'Structure summary'         
# 
loop_
_pdbx_audit_revision_category.ordinal 
_pdbx_audit_revision_category.revision_ordinal 
_pdbx_audit_revision_category.data_content_type 
_pdbx_audit_revision_category.category 
1  4 'Structure model' pdbx_database_status      
2  4 'Structure model' struct_conf               
3  4 'Structure model' struct_conf_type          
4  5 'Structure model' chem_comp_atom            
5  5 'Structure model' chem_comp_bond            
6  5 'Structure model' database_2                
7  5 'Structure model' pdbx_entry_details        
8  5 'Structure model' pdbx_modification_feature 
9  5 'Structure model' struct_conn               
10 5 'Structure model' struct_ref_seq_dif        
11 5 'Structure model' struct_site               
# 
loop_
_pdbx_audit_revision_item.ordinal 
_pdbx_audit_revision_item.revision_ordinal 
_pdbx_audit_revision_item.data_content_type 
_pdbx_audit_revision_item.item 
1 4 'Structure model' '_pdbx_database_status.process_site'  
2 5 'Structure model' '_database_2.pdbx_DOI'                
3 5 'Structure model' '_database_2.pdbx_database_accession' 
4 5 'Structure model' '_struct_conn.pdbx_leaving_atom_flag' 
5 5 'Structure model' '_struct_ref_seq_dif.details'         
6 5 'Structure model' '_struct_site.pdbx_auth_asym_id'      
7 5 'Structure model' '_struct_site.pdbx_auth_comp_id'      
8 5 'Structure model' '_struct_site.pdbx_auth_seq_id'       
# 
_pdbx_database_status.status_code                     REL 
_pdbx_database_status.entry_id                        1MDC 
_pdbx_database_status.recvd_initial_deposition_date   1992-07-20 
_pdbx_database_status.deposit_site                    ? 
_pdbx_database_status.process_site                    BNL 
_pdbx_database_status.SG_entry                        . 
_pdbx_database_status.pdb_format_compatible           Y 
_pdbx_database_status.status_code_mr                  ? 
_pdbx_database_status.status_code_sf                  ? 
_pdbx_database_status.status_code_cs                  ? 
_pdbx_database_status.methods_development_category    ? 
_pdbx_database_status.status_code_nmr_data            ? 
# 
loop_
_audit_author.name 
_audit_author.pdbx_ordinal 
'Benning, M.'  1 
'Holden, H.M.' 2 
# 
_citation.id                        primary 
_citation.title                     
;Crystallization, structure determination and least-squares refinement to 1.75 A resolution of the fatty-acid-binding protein isolated from Manduca sexta L.
;
_citation.journal_abbrev            J.Mol.Biol. 
_citation.journal_volume            228 
_citation.page_first                208 
_citation.page_last                 219 
_citation.year                      1992 
_citation.journal_id_ASTM           JMOBAK 
_citation.country                   UK 
_citation.journal_id_ISSN           0022-2836 
_citation.journal_id_CSD            0070 
_citation.book_publisher            ? 
_citation.pdbx_database_id_PubMed   1447782 
_citation.pdbx_database_id_DOI      '10.1016/0022-2836(92)90501-A' 
# 
loop_
_citation_author.citation_id 
_citation_author.name 
_citation_author.ordinal 
_citation_author.identifier_ORCID 
primary 'Benning, M.M.' 1 ? 
primary 'Smith, A.F.'   2 ? 
primary 'Wells, M.A.'   3 ? 
primary 'Holden, H.M.'  4 ? 
# 
loop_
_entity.id 
_entity.type 
_entity.src_method 
_entity.pdbx_description 
_entity.formula_weight 
_entity.pdbx_number_of_molecules 
_entity.pdbx_ec 
_entity.pdbx_mutation 
_entity.pdbx_fragment 
_entity.details 
1 polymer     man 'INSECT FATTY ACID BINDING PROTEIN' 13967.396 1  ? ? ? ? 
2 non-polymer syn 'SULFATE ION'                       96.063    1  ? ? ? ? 
3 non-polymer syn 'PALMITIC ACID'                     256.424   1  ? ? ? ? 
4 water       nat water                               18.015    70 ? ? ? ? 
# 
_entity_poly.entity_id                      1 
_entity_poly.type                           'polypeptide(L)' 
_entity_poly.nstd_linkage                   no 
_entity_poly.nstd_monomer                   yes 
_entity_poly.pdbx_seq_one_letter_code       
;(ACE)SYLGKVYSLVKQENFDGFLKSAGLSDDKIQALVSDKPTQKMEANGDSYSNTSTGGGGAKTVSFKSGVEFDDVIGA
GDSVKSMYTVDGNVVTHVVKGDAGVATFKKEYNGDDLVVTITSSNWDGVARRYYKA
;
_entity_poly.pdbx_seq_one_letter_code_can   
;XSYLGKVYSLVKQENFDGFLKSAGLSDDKIQALVSDKPTQKMEANGDSYSNTSTGGGGAKTVSFKSGVEFDDVIGAGDSV
KSMYTVDGNVVTHVVKGDAGVATFKKEYNGDDLVVTITSSNWDGVARRYYKA
;
_entity_poly.pdbx_strand_id                 A 
_entity_poly.pdbx_target_identifier         ? 
# 
loop_
_pdbx_entity_nonpoly.entity_id 
_pdbx_entity_nonpoly.name 
_pdbx_entity_nonpoly.comp_id 
2 'SULFATE ION'   SO4 
3 'PALMITIC ACID' PLM 
4 water           HOH 
# 
loop_
_entity_poly_seq.entity_id 
_entity_poly_seq.num 
_entity_poly_seq.mon_id 
_entity_poly_seq.hetero 
1 1   ACE n 
1 2   SER n 
1 3   TYR n 
1 4   LEU n 
1 5   GLY n 
1 6   LYS n 
1 7   VAL n 
1 8   TYR n 
1 9   SER n 
1 10  LEU n 
1 11  VAL n 
1 12  LYS n 
1 13  GLN n 
1 14  GLU n 
1 15  ASN n 
1 16  PHE n 
1 17  ASP n 
1 18  GLY n 
1 19  PHE n 
1 20  LEU n 
1 21  LYS n 
1 22  SER n 
1 23  ALA n 
1 24  GLY n 
1 25  LEU n 
1 26  SER n 
1 27  ASP n 
1 28  ASP n 
1 29  LYS n 
1 30  ILE n 
1 31  GLN n 
1 32  ALA n 
1 33  LEU n 
1 34  VAL n 
1 35  SER n 
1 36  ASP n 
1 37  LYS n 
1 38  PRO n 
1 39  THR n 
1 40  GLN n 
1 41  LYS n 
1 42  MET n 
1 43  GLU n 
1 44  ALA n 
1 45  ASN n 
1 46  GLY n 
1 47  ASP n 
1 48  SER n 
1 49  TYR n 
1 50  SER n 
1 51  ASN n 
1 52  THR n 
1 53  SER n 
1 54  THR n 
1 55  GLY n 
1 56  GLY n 
1 57  GLY n 
1 58  GLY n 
1 59  ALA n 
1 60  LYS n 
1 61  THR n 
1 62  VAL n 
1 63  SER n 
1 64  PHE n 
1 65  LYS n 
1 66  SER n 
1 67  GLY n 
1 68  VAL n 
1 69  GLU n 
1 70  PHE n 
1 71  ASP n 
1 72  ASP n 
1 73  VAL n 
1 74  ILE n 
1 75  GLY n 
1 76  ALA n 
1 77  GLY n 
1 78  ASP n 
1 79  SER n 
1 80  VAL n 
1 81  LYS n 
1 82  SER n 
1 83  MET n 
1 84  TYR n 
1 85  THR n 
1 86  VAL n 
1 87  ASP n 
1 88  GLY n 
1 89  ASN n 
1 90  VAL n 
1 91  VAL n 
1 92  THR n 
1 93  HIS n 
1 94  VAL n 
1 95  VAL n 
1 96  LYS n 
1 97  GLY n 
1 98  ASP n 
1 99  ALA n 
1 100 GLY n 
1 101 VAL n 
1 102 ALA n 
1 103 THR n 
1 104 PHE n 
1 105 LYS n 
1 106 LYS n 
1 107 GLU n 
1 108 TYR n 
1 109 ASN n 
1 110 GLY n 
1 111 ASP n 
1 112 ASP n 
1 113 LEU n 
1 114 VAL n 
1 115 VAL n 
1 116 THR n 
1 117 ILE n 
1 118 THR n 
1 119 SER n 
1 120 SER n 
1 121 ASN n 
1 122 TRP n 
1 123 ASP n 
1 124 GLY n 
1 125 VAL n 
1 126 ALA n 
1 127 ARG n 
1 128 ARG n 
1 129 TYR n 
1 130 TYR n 
1 131 LYS n 
1 132 ALA n 
# 
_entity_src_gen.entity_id                          1 
_entity_src_gen.pdbx_src_id                        1 
_entity_src_gen.pdbx_alt_source_flag               sample 
_entity_src_gen.pdbx_seq_type                      ? 
_entity_src_gen.pdbx_beg_seq_num                   ? 
_entity_src_gen.pdbx_end_seq_num                   ? 
_entity_src_gen.gene_src_common_name               'tobacco hornworm' 
_entity_src_gen.gene_src_genus                     Manduca 
_entity_src_gen.pdbx_gene_src_gene                 ? 
_entity_src_gen.gene_src_species                   ? 
_entity_src_gen.gene_src_strain                    ? 
_entity_src_gen.gene_src_tissue                    ? 
_entity_src_gen.gene_src_tissue_fraction           ? 
_entity_src_gen.gene_src_details                   ? 
_entity_src_gen.pdbx_gene_src_fragment             ? 
_entity_src_gen.pdbx_gene_src_scientific_name      'Manduca sexta' 
_entity_src_gen.pdbx_gene_src_ncbi_taxonomy_id     7130 
_entity_src_gen.pdbx_gene_src_variant              ? 
_entity_src_gen.pdbx_gene_src_cell_line            ? 
_entity_src_gen.pdbx_gene_src_atcc                 ? 
_entity_src_gen.pdbx_gene_src_organ                ? 
_entity_src_gen.pdbx_gene_src_organelle            ? 
_entity_src_gen.pdbx_gene_src_cell                 ? 
_entity_src_gen.pdbx_gene_src_cellular_location    ? 
_entity_src_gen.host_org_common_name               ? 
_entity_src_gen.pdbx_host_org_scientific_name      ? 
_entity_src_gen.pdbx_host_org_ncbi_taxonomy_id     ? 
_entity_src_gen.host_org_genus                     ? 
_entity_src_gen.pdbx_host_org_gene                 ? 
_entity_src_gen.pdbx_host_org_organ                ? 
_entity_src_gen.host_org_species                   ? 
_entity_src_gen.pdbx_host_org_tissue               ? 
_entity_src_gen.pdbx_host_org_tissue_fraction      ? 
_entity_src_gen.pdbx_host_org_strain               ? 
_entity_src_gen.pdbx_host_org_variant              ? 
_entity_src_gen.pdbx_host_org_cell_line            ? 
_entity_src_gen.pdbx_host_org_atcc                 ? 
_entity_src_gen.pdbx_host_org_culture_collection   ? 
_entity_src_gen.pdbx_host_org_cell                 ? 
_entity_src_gen.pdbx_host_org_organelle            ? 
_entity_src_gen.pdbx_host_org_cellular_location    ? 
_entity_src_gen.pdbx_host_org_vector_type          ? 
_entity_src_gen.pdbx_host_org_vector               ? 
_entity_src_gen.host_org_details                   ? 
_entity_src_gen.expression_system_id               ? 
_entity_src_gen.plasmid_name                       ? 
_entity_src_gen.plasmid_details                    ? 
_entity_src_gen.pdbx_description                   ? 
# 
loop_
_chem_comp.id 
_chem_comp.type 
_chem_comp.mon_nstd_flag 
_chem_comp.name 
_chem_comp.pdbx_synonyms 
_chem_comp.formula 
_chem_comp.formula_weight 
ACE non-polymer         . 'ACETYL GROUP'  ? 'C2 H4 O'        44.053  
ALA 'L-peptide linking' y ALANINE         ? 'C3 H7 N O2'     89.093  
ARG 'L-peptide linking' y ARGININE        ? 'C6 H15 N4 O2 1' 175.209 
ASN 'L-peptide linking' y ASPARAGINE      ? 'C4 H8 N2 O3'    132.118 
ASP 'L-peptide linking' y 'ASPARTIC ACID' ? 'C4 H7 N O4'     133.103 
GLN 'L-peptide linking' y GLUTAMINE       ? 'C5 H10 N2 O3'   146.144 
GLU 'L-peptide linking' y 'GLUTAMIC ACID' ? 'C5 H9 N O4'     147.129 
GLY 'peptide linking'   y GLYCINE         ? 'C2 H5 N O2'     75.067  
HIS 'L-peptide linking' y HISTIDINE       ? 'C6 H10 N3 O2 1' 156.162 
HOH non-polymer         . WATER           ? 'H2 O'           18.015  
ILE 'L-peptide linking' y ISOLEUCINE      ? 'C6 H13 N O2'    131.173 
LEU 'L-peptide linking' y LEUCINE         ? 'C6 H13 N O2'    131.173 
LYS 'L-peptide linking' y LYSINE          ? 'C6 H15 N2 O2 1' 147.195 
MET 'L-peptide linking' y METHIONINE      ? 'C5 H11 N O2 S'  149.211 
PHE 'L-peptide linking' y PHENYLALANINE   ? 'C9 H11 N O2'    165.189 
PLM non-polymer         . 'PALMITIC ACID' ? 'C16 H32 O2'     256.424 
PRO 'L-peptide linking' y PROLINE         ? 'C5 H9 N O2'     115.130 
SER 'L-peptide linking' y SERINE          ? 'C3 H7 N O3'     105.093 
SO4 non-polymer         . 'SULFATE ION'   ? 'O4 S -2'        96.063  
THR 'L-peptide linking' y THREONINE       ? 'C4 H9 N O3'     119.119 
TRP 'L-peptide linking' y TRYPTOPHAN      ? 'C11 H12 N2 O2'  204.225 
TYR 'L-peptide linking' y TYROSINE        ? 'C9 H11 N O3'    181.189 
VAL 'L-peptide linking' y VALINE          ? 'C5 H11 N O2'    117.146 
# 
loop_
_pdbx_poly_seq_scheme.asym_id 
_pdbx_poly_seq_scheme.entity_id 
_pdbx_poly_seq_scheme.seq_id 
_pdbx_poly_seq_scheme.mon_id 
_pdbx_poly_seq_scheme.ndb_seq_num 
_pdbx_poly_seq_scheme.pdb_seq_num 
_pdbx_poly_seq_scheme.auth_seq_num 
_pdbx_poly_seq_scheme.pdb_mon_id 
_pdbx_poly_seq_scheme.auth_mon_id 
_pdbx_poly_seq_scheme.pdb_strand_id 
_pdbx_poly_seq_scheme.pdb_ins_code 
_pdbx_poly_seq_scheme.hetero 
A 1 1   ACE 1   0   0   ACE ACE A . n 
A 1 2   SER 2   1   1   SER SER A . n 
A 1 3   TYR 3   2   2   TYR TYR A . n 
A 1 4   LEU 4   3   3   LEU LEU A . n 
A 1 5   GLY 5   4   4   GLY GLY A . n 
A 1 6   LYS 6   5   5   LYS LYS A . n 
A 1 7   VAL 7   6   6   VAL VAL A . n 
A 1 8   TYR 8   7   7   TYR TYR A . n 
A 1 9   SER 9   8   8   SER SER A . n 
A 1 10  LEU 10  9   9   LEU LEU A . n 
A 1 11  VAL 11  10  10  VAL VAL A . n 
A 1 12  LYS 12  11  11  LYS LYS A . n 
A 1 13  GLN 13  12  12  GLN GLN A . n 
A 1 14  GLU 14  13  13  GLU GLU A . n 
A 1 15  ASN 15  14  14  ASN ASN A . n 
A 1 16  PHE 16  15  15  PHE PHE A . n 
A 1 17  ASP 17  16  16  ASP ASP A . n 
A 1 18  GLY 18  17  17  GLY GLY A . n 
A 1 19  PHE 19  18  18  PHE PHE A . n 
A 1 20  LEU 20  19  19  LEU LEU A . n 
A 1 21  LYS 21  20  20  LYS LYS A . n 
A 1 22  SER 22  21  21  SER SER A . n 
A 1 23  ALA 23  22  22  ALA ALA A . n 
A 1 24  GLY 24  23  23  GLY GLY A . n 
A 1 25  LEU 25  24  24  LEU LEU A . n 
A 1 26  SER 26  25  25  SER SER A . n 
A 1 27  ASP 27  26  26  ASP ASP A . n 
A 1 28  ASP 28  27  27  ASP ASP A . n 
A 1 29  LYS 29  28  28  LYS LYS A . n 
A 1 30  ILE 30  29  29  ILE ILE A . n 
A 1 31  GLN 31  30  30  GLN GLN A . n 
A 1 32  ALA 32  31  31  ALA ALA A . n 
A 1 33  LEU 33  32  32  LEU LEU A . n 
A 1 34  VAL 34  33  33  VAL VAL A . n 
A 1 35  SER 35  34  34  SER SER A . n 
A 1 36  ASP 36  35  35  ASP ASP A . n 
A 1 37  LYS 37  36  36  LYS LYS A . n 
A 1 38  PRO 38  37  37  PRO PRO A . n 
A 1 39  THR 39  38  38  THR THR A . n 
A 1 40  GLN 40  39  39  GLN GLN A . n 
A 1 41  LYS 41  40  40  LYS LYS A . n 
A 1 42  MET 42  41  41  MET MET A . n 
A 1 43  GLU 43  42  42  GLU GLU A . n 
A 1 44  ALA 44  43  43  ALA ALA A . n 
A 1 45  ASN 45  44  44  ASN ASN A . n 
A 1 46  GLY 46  45  45  GLY GLY A . n 
A 1 47  ASP 47  46  46  ASP ASP A . n 
A 1 48  SER 48  47  47  SER SER A . n 
A 1 49  TYR 49  48  48  TYR TYR A . n 
A 1 50  SER 50  49  49  SER SER A . n 
A 1 51  ASN 51  50  50  ASN ASN A . n 
A 1 52  THR 52  51  51  THR THR A . n 
A 1 53  SER 53  52  52  SER SER A . n 
A 1 54  THR 54  53  53  THR THR A . n 
A 1 55  GLY 55  54  54  GLY GLY A . n 
A 1 56  GLY 56  55  55  GLY GLY A . n 
A 1 57  GLY 57  56  56  GLY GLY A . n 
A 1 58  GLY 58  57  57  GLY GLY A . n 
A 1 59  ALA 59  58  58  ALA ALA A . n 
A 1 60  LYS 60  59  59  LYS LYS A . n 
A 1 61  THR 61  60  60  THR THR A . n 
A 1 62  VAL 62  61  61  VAL VAL A . n 
A 1 63  SER 63  62  62  SER SER A . n 
A 1 64  PHE 64  63  63  PHE PHE A . n 
A 1 65  LYS 65  64  64  LYS LYS A . n 
A 1 66  SER 66  65  65  SER SER A . n 
A 1 67  GLY 67  66  66  GLY GLY A . n 
A 1 68  VAL 68  67  67  VAL VAL A . n 
A 1 69  GLU 69  68  68  GLU GLU A . n 
A 1 70  PHE 70  69  69  PHE PHE A . n 
A 1 71  ASP 71  70  70  ASP ASP A . n 
A 1 72  ASP 72  71  71  ASP ASP A . n 
A 1 73  VAL 73  72  72  VAL VAL A . n 
A 1 74  ILE 74  73  73  ILE ILE A . n 
A 1 75  GLY 75  74  74  GLY GLY A . n 
A 1 76  ALA 76  75  75  ALA ALA A . n 
A 1 77  GLY 77  76  76  GLY GLY A . n 
A 1 78  ASP 78  77  77  ASP ASP A . n 
A 1 79  SER 79  78  78  SER SER A . n 
A 1 80  VAL 80  79  79  VAL VAL A . n 
A 1 81  LYS 81  80  80  LYS LYS A . n 
A 1 82  SER 82  81  81  SER SER A . n 
A 1 83  MET 83  82  82  MET MET A . n 
A 1 84  TYR 84  83  83  TYR TYR A . n 
A 1 85  THR 85  84  84  THR THR A . n 
A 1 86  VAL 86  85  85  VAL VAL A . n 
A 1 87  ASP 87  86  86  ASP ASP A . n 
A 1 88  GLY 88  87  87  GLY GLY A . n 
A 1 89  ASN 89  88  88  ASN ASN A . n 
A 1 90  VAL 90  89  89  VAL VAL A . n 
A 1 91  VAL 91  90  90  VAL VAL A . n 
A 1 92  THR 92  91  91  THR THR A . n 
A 1 93  HIS 93  92  92  HIS HIS A . n 
A 1 94  VAL 94  93  93  VAL VAL A . n 
A 1 95  VAL 95  94  94  VAL VAL A . n 
A 1 96  LYS 96  95  95  LYS LYS A . n 
A 1 97  GLY 97  96  96  GLY GLY A . n 
A 1 98  ASP 98  97  97  ASP ASP A . n 
A 1 99  ALA 99  98  98  ALA ALA A . n 
A 1 100 GLY 100 99  99  GLY GLY A . n 
A 1 101 VAL 101 100 100 VAL VAL A . n 
A 1 102 ALA 102 101 101 ALA ALA A . n 
A 1 103 THR 103 102 102 THR THR A . n 
A 1 104 PHE 104 103 103 PHE PHE A . n 
A 1 105 LYS 105 104 104 LYS LYS A . n 
A 1 106 LYS 106 105 105 LYS LYS A . n 
A 1 107 GLU 107 106 106 GLU GLU A . n 
A 1 108 TYR 108 107 107 TYR TYR A . n 
A 1 109 ASN 109 108 108 ASN ASN A . n 
A 1 110 GLY 110 109 109 GLY GLY A . n 
A 1 111 ASP 111 110 110 ASP ASP A . n 
A 1 112 ASP 112 111 111 ASP ASP A . n 
A 1 113 LEU 113 112 112 LEU LEU A . n 
A 1 114 VAL 114 113 113 VAL VAL A . n 
A 1 115 VAL 115 114 114 VAL VAL A . n 
A 1 116 THR 116 115 115 THR THR A . n 
A 1 117 ILE 117 116 116 ILE ILE A . n 
A 1 118 THR 118 117 117 THR THR A . n 
A 1 119 SER 119 118 118 SER SER A . n 
A 1 120 SER 120 119 119 SER SER A . n 
A 1 121 ASN 121 120 120 ASN ASN A . n 
A 1 122 TRP 122 121 121 TRP TRP A . n 
A 1 123 ASP 123 122 122 ASP ASP A . n 
A 1 124 GLY 124 123 123 GLY GLY A . n 
A 1 125 VAL 125 124 124 VAL VAL A . n 
A 1 126 ALA 126 125 125 ALA ALA A . n 
A 1 127 ARG 127 126 126 ARG ARG A . n 
A 1 128 ARG 128 127 127 ARG ARG A . n 
A 1 129 TYR 129 128 128 TYR TYR A . n 
A 1 130 TYR 130 129 129 TYR TYR A . n 
A 1 131 LYS 131 130 130 LYS LYS A . n 
A 1 132 ALA 132 131 131 ALA ALA A . n 
# 
loop_
_pdbx_nonpoly_scheme.asym_id 
_pdbx_nonpoly_scheme.entity_id 
_pdbx_nonpoly_scheme.mon_id 
_pdbx_nonpoly_scheme.ndb_seq_num 
_pdbx_nonpoly_scheme.pdb_seq_num 
_pdbx_nonpoly_scheme.auth_seq_num 
_pdbx_nonpoly_scheme.pdb_mon_id 
_pdbx_nonpoly_scheme.auth_mon_id 
_pdbx_nonpoly_scheme.pdb_strand_id 
_pdbx_nonpoly_scheme.pdb_ins_code 
B 2 SO4 1  200 200 SO4 SO4 A . 
C 3 PLM 1  133 133 PLM PLM A . 
D 4 HOH 1  201 1   HOH HOH A . 
D 4 HOH 2  202 2   HOH HOH A . 
D 4 HOH 3  203 3   HOH HOH A . 
D 4 HOH 4  204 4   HOH HOH A . 
D 4 HOH 5  205 5   HOH HOH A . 
D 4 HOH 6  206 6   HOH HOH A . 
D 4 HOH 7  207 7   HOH HOH A . 
D 4 HOH 8  208 8   HOH HOH A . 
D 4 HOH 9  209 9   HOH HOH A . 
D 4 HOH 10 210 10  HOH HOH A . 
D 4 HOH 11 211 11  HOH HOH A . 
D 4 HOH 12 212 12  HOH HOH A . 
D 4 HOH 13 213 13  HOH HOH A . 
D 4 HOH 14 214 14  HOH HOH A . 
D 4 HOH 15 215 15  HOH HOH A . 
D 4 HOH 16 216 16  HOH HOH A . 
D 4 HOH 17 217 17  HOH HOH A . 
D 4 HOH 18 218 18  HOH HOH A . 
D 4 HOH 19 219 19  HOH HOH A . 
D 4 HOH 20 220 20  HOH HOH A . 
D 4 HOH 21 221 21  HOH HOH A . 
D 4 HOH 22 222 22  HOH HOH A . 
D 4 HOH 23 223 23  HOH HOH A . 
D 4 HOH 24 224 24  HOH HOH A . 
D 4 HOH 25 225 25  HOH HOH A . 
D 4 HOH 26 226 26  HOH HOH A . 
D 4 HOH 27 227 27  HOH HOH A . 
D 4 HOH 28 228 28  HOH HOH A . 
D 4 HOH 29 229 29  HOH HOH A . 
D 4 HOH 30 230 30  HOH HOH A . 
D 4 HOH 31 231 31  HOH HOH A . 
D 4 HOH 32 232 32  HOH HOH A . 
D 4 HOH 33 233 33  HOH HOH A . 
D 4 HOH 34 234 34  HOH HOH A . 
D 4 HOH 35 235 35  HOH HOH A . 
D 4 HOH 36 236 36  HOH HOH A . 
D 4 HOH 37 237 37  HOH HOH A . 
D 4 HOH 38 238 38  HOH HOH A . 
D 4 HOH 39 239 39  HOH HOH A . 
D 4 HOH 40 240 40  HOH HOH A . 
D 4 HOH 41 241 41  HOH HOH A . 
D 4 HOH 42 242 42  HOH HOH A . 
D 4 HOH 43 243 43  HOH HOH A . 
D 4 HOH 44 244 44  HOH HOH A . 
D 4 HOH 45 245 45  HOH HOH A . 
D 4 HOH 46 246 46  HOH HOH A . 
D 4 HOH 47 247 47  HOH HOH A . 
D 4 HOH 48 248 48  HOH HOH A . 
D 4 HOH 49 249 49  HOH HOH A . 
D 4 HOH 50 250 50  HOH HOH A . 
D 4 HOH 51 251 51  HOH HOH A . 
D 4 HOH 52 252 52  HOH HOH A . 
D 4 HOH 53 253 53  HOH HOH A . 
D 4 HOH 54 254 54  HOH HOH A . 
D 4 HOH 55 255 55  HOH HOH A . 
D 4 HOH 56 256 56  HOH HOH A . 
D 4 HOH 57 257 57  HOH HOH A . 
D 4 HOH 58 258 58  HOH HOH A . 
D 4 HOH 59 259 59  HOH HOH A . 
D 4 HOH 60 260 60  HOH HOH A . 
D 4 HOH 61 261 61  HOH HOH A . 
D 4 HOH 62 262 62  HOH HOH A . 
D 4 HOH 63 263 63  HOH HOH A . 
D 4 HOH 64 264 64  HOH HOH A . 
D 4 HOH 65 265 65  HOH HOH A . 
D 4 HOH 66 266 66  HOH HOH A . 
D 4 HOH 67 267 67  HOH HOH A . 
D 4 HOH 68 268 68  HOH HOH A . 
D 4 HOH 69 269 69  HOH HOH A . 
D 4 HOH 70 270 70  HOH HOH A . 
# 
_software.name             TNT 
_software.classification   refinement 
_software.version          . 
_software.citation_id      ? 
_software.pdbx_ordinal     1 
# 
_cell.entry_id           1MDC 
_cell.length_a           27.500 
_cell.length_b           70.800 
_cell.length_c           28.500 
_cell.angle_alpha        90.00 
_cell.angle_beta         90.50 
_cell.angle_gamma        90.00 
_cell.Z_PDB              2 
_cell.pdbx_unique_axis   ? 
# 
_symmetry.entry_id                         1MDC 
_symmetry.space_group_name_H-M             'P 1 21 1' 
_symmetry.pdbx_full_space_group_name_H-M   ? 
_symmetry.cell_setting                     ? 
_symmetry.Int_Tables_number                4 
# 
_exptl.entry_id          1MDC 
_exptl.method            'X-RAY DIFFRACTION' 
_exptl.crystals_number   ? 
# 
_exptl_crystal.id                    1 
_exptl_crystal.density_meas          ? 
_exptl_crystal.density_Matthews      1.99 
_exptl_crystal.density_percent_sol   38.08 
_exptl_crystal.description           ? 
# 
_diffrn.id                     1 
_diffrn.ambient_temp           ? 
_diffrn.ambient_temp_details   ? 
_diffrn.crystal_id             1 
# 
_diffrn_radiation.diffrn_id                        1 
_diffrn_radiation.wavelength_id                    1 
_diffrn_radiation.pdbx_monochromatic_or_laue_m_l   ? 
_diffrn_radiation.monochromator                    ? 
_diffrn_radiation.pdbx_diffrn_protocol             ? 
_diffrn_radiation.pdbx_scattering_type             x-ray 
# 
_diffrn_radiation_wavelength.id           1 
_diffrn_radiation_wavelength.wavelength   . 
_diffrn_radiation_wavelength.wt           1.0 
# 
_refine.entry_id                                 1MDC 
_refine.ls_number_reflns_obs                     10674 
_refine.ls_number_reflns_all                     ? 
_refine.pdbx_ls_sigma_I                          ? 
_refine.pdbx_ls_sigma_F                          0.0 
_refine.pdbx_data_cutoff_high_absF               ? 
_refine.pdbx_data_cutoff_low_absF                ? 
_refine.pdbx_data_cutoff_high_rms_absF           ? 
_refine.ls_d_res_low                             30.0 
_refine.ls_d_res_high                            1.75 
_refine.ls_percent_reflns_obs                    ? 
_refine.ls_R_factor_obs                          0.1730000 
_refine.ls_R_factor_all                          ? 
_refine.ls_R_factor_R_work                       ? 
_refine.ls_R_factor_R_free                       ? 
_refine.ls_R_factor_R_free_error                 ? 
_refine.ls_R_factor_R_free_error_details         ? 
_refine.ls_percent_reflns_R_free                 ? 
_refine.ls_number_reflns_R_free                  ? 
_refine.ls_number_parameters                     ? 
_refine.ls_number_restraints                     ? 
_refine.occupancy_min                            ? 
_refine.occupancy_max                            ? 
_refine.B_iso_mean                               ? 
_refine.aniso_B[1][1]                            ? 
_refine.aniso_B[2][2]                            ? 
_refine.aniso_B[3][3]                            ? 
_refine.aniso_B[1][2]                            ? 
_refine.aniso_B[1][3]                            ? 
_refine.aniso_B[2][3]                            ? 
_refine.solvent_model_details                    ? 
_refine.solvent_model_param_ksol                 ? 
_refine.solvent_model_param_bsol                 ? 
_refine.pdbx_ls_cross_valid_method               ? 
_refine.details                                  ? 
_refine.pdbx_starting_model                      ? 
_refine.pdbx_method_to_determine_struct          ? 
_refine.pdbx_isotropic_thermal_model             ? 
_refine.pdbx_stereochemistry_target_values       ? 
_refine.pdbx_stereochem_target_val_spec_case     ? 
_refine.pdbx_R_Free_selection_details            ? 
_refine.pdbx_overall_ESU_R                       ? 
_refine.pdbx_overall_ESU_R_Free                  ? 
_refine.overall_SU_ML                            ? 
_refine.overall_SU_B                             ? 
_refine.pdbx_refine_id                           'X-RAY DIFFRACTION' 
_refine.pdbx_diffrn_id                           1 
_refine.pdbx_TLS_residual_ADP_flag               ? 
_refine.correlation_coeff_Fo_to_Fc               ? 
_refine.correlation_coeff_Fo_to_Fc_free          ? 
_refine.pdbx_solvent_vdw_probe_radii             ? 
_refine.pdbx_solvent_ion_probe_radii             ? 
_refine.pdbx_solvent_shrinkage_radii             ? 
_refine.pdbx_overall_phase_error                 ? 
_refine.overall_SU_R_Cruickshank_DPI             ? 
_refine.pdbx_overall_SU_R_free_Cruickshank_DPI   ? 
_refine.pdbx_overall_SU_R_Blow_DPI               ? 
_refine.pdbx_overall_SU_R_free_Blow_DPI          ? 
# 
_refine_hist.pdbx_refine_id                   'X-RAY DIFFRACTION' 
_refine_hist.cycle_id                         LAST 
_refine_hist.pdbx_number_atoms_protein        984 
_refine_hist.pdbx_number_atoms_nucleic_acid   0 
_refine_hist.pdbx_number_atoms_ligand         23 
_refine_hist.number_atoms_solvent             70 
_refine_hist.number_atoms_total               1077 
_refine_hist.d_res_high                       1.75 
_refine_hist.d_res_low                        30.0 
# 
loop_
_refine_ls_restr.type 
_refine_ls_restr.dev_ideal 
_refine_ls_restr.dev_ideal_target 
_refine_ls_restr.weight 
_refine_ls_restr.number 
_refine_ls_restr.pdbx_refine_id 
_refine_ls_restr.pdbx_restraint_function 
t_bond_d           0.016 ? ? ? 'X-RAY DIFFRACTION' ? 
t_angle_deg        2.68  ? ? ? 'X-RAY DIFFRACTION' ? 
t_dihedral_angle_d ?     ? ? ? 'X-RAY DIFFRACTION' ? 
t_incorr_chiral_ct ?     ? ? ? 'X-RAY DIFFRACTION' ? 
t_pseud_angle      ?     ? ? ? 'X-RAY DIFFRACTION' ? 
t_trig_c_planes    ?     ? ? ? 'X-RAY DIFFRACTION' ? 
t_gen_planes       ?     ? ? ? 'X-RAY DIFFRACTION' ? 
t_it               ?     ? ? ? 'X-RAY DIFFRACTION' ? 
t_nbd              ?     ? ? ? 'X-RAY DIFFRACTION' ? 
# 
_struct.entry_id                  1MDC 
_struct.title                     
;CRYSTALLIZATION, STRUCTURE DETERMINATION AND LEAST-SQUARES REFINEMENT TO 1.75 ANGSTROMS RESOLUTION OF THE FATTY-ACID-BINDING PROTEIN ISOLATED FROM MANDUCA SEXTA L
;
_struct.pdbx_model_details        ? 
_struct.pdbx_CASP_flag            ? 
_struct.pdbx_model_type_details   ? 
# 
_struct_keywords.entry_id        1MDC 
_struct_keywords.pdbx_keywords   'BINDING PROTEIN' 
_struct_keywords.text            'BINDING PROTEIN' 
# 
loop_
_struct_asym.id 
_struct_asym.pdbx_blank_PDB_chainid_flag 
_struct_asym.pdbx_modified 
_struct_asym.entity_id 
_struct_asym.details 
A N N 1 ? 
B N N 2 ? 
C N N 3 ? 
D N N 4 ? 
# 
_struct_ref.id                         1 
_struct_ref.db_name                    UNP 
_struct_ref.db_code                    FABP2_MANSE 
_struct_ref.entity_id                  1 
_struct_ref.pdbx_db_accession          P31417 
_struct_ref.pdbx_align_begin           1 
_struct_ref.pdbx_seq_one_letter_code   
;SYLGKVYSLVKQENFDGFLKSAGLSDDKIQALVSDKPTQKMEANGDSYSITSTGIGGERTVSFKSGVEFDDVIGAGESVK
SMYTVDGNVVTHVVKGDAGVATFKKEYNGDDLVVTITSSNWDGVARRYYKA
;
_struct_ref.pdbx_db_isoform            ? 
# 
_struct_ref_seq.align_id                      1 
_struct_ref_seq.ref_id                        1 
_struct_ref_seq.pdbx_PDB_id_code              1MDC 
_struct_ref_seq.pdbx_strand_id                A 
_struct_ref_seq.seq_align_beg                 2 
_struct_ref_seq.pdbx_seq_align_beg_ins_code   ? 
_struct_ref_seq.seq_align_end                 132 
_struct_ref_seq.pdbx_seq_align_end_ins_code   ? 
_struct_ref_seq.pdbx_db_accession             P31417 
_struct_ref_seq.db_align_beg                  1 
_struct_ref_seq.pdbx_db_align_beg_ins_code    ? 
_struct_ref_seq.db_align_end                  131 
_struct_ref_seq.pdbx_db_align_end_ins_code    ? 
_struct_ref_seq.pdbx_auth_seq_align_beg       1 
_struct_ref_seq.pdbx_auth_seq_align_end       131 
# 
loop_
_struct_ref_seq_dif.align_id 
_struct_ref_seq_dif.pdbx_pdb_id_code 
_struct_ref_seq_dif.mon_id 
_struct_ref_seq_dif.pdbx_pdb_strand_id 
_struct_ref_seq_dif.seq_num 
_struct_ref_seq_dif.pdbx_pdb_ins_code 
_struct_ref_seq_dif.pdbx_seq_db_name 
_struct_ref_seq_dif.pdbx_seq_db_accession_code 
_struct_ref_seq_dif.db_mon_id 
_struct_ref_seq_dif.pdbx_seq_db_seq_num 
_struct_ref_seq_dif.details 
_struct_ref_seq_dif.pdbx_auth_seq_num 
_struct_ref_seq_dif.pdbx_ordinal 
1 1MDC ASN A 51 ? UNP P31417 ILE 50 conflict 50 1 
1 1MDC GLY A 56 ? UNP P31417 ILE 55 conflict 55 2 
1 1MDC ALA A 59 ? UNP P31417 GLU 58 conflict 58 3 
1 1MDC LYS A 60 ? UNP P31417 ARG 59 conflict 59 4 
1 1MDC ASP A 78 ? UNP P31417 GLU 77 conflict 77 5 
# 
_pdbx_struct_assembly.id                   1 
_pdbx_struct_assembly.details              author_defined_assembly 
_pdbx_struct_assembly.method_details       ? 
_pdbx_struct_assembly.oligomeric_details   monomeric 
_pdbx_struct_assembly.oligomeric_count     1 
# 
_pdbx_struct_assembly_gen.assembly_id       1 
_pdbx_struct_assembly_gen.oper_expression   1 
_pdbx_struct_assembly_gen.asym_id_list      A,B,C,D 
# 
_pdbx_struct_oper_list.id                   1 
_pdbx_struct_oper_list.type                 'identity operation' 
_pdbx_struct_oper_list.name                 1_555 
_pdbx_struct_oper_list.symmetry_operation   x,y,z 
_pdbx_struct_oper_list.matrix[1][1]         1.0000000000 
_pdbx_struct_oper_list.matrix[1][2]         0.0000000000 
_pdbx_struct_oper_list.matrix[1][3]         0.0000000000 
_pdbx_struct_oper_list.vector[1]            0.0000000000 
_pdbx_struct_oper_list.matrix[2][1]         0.0000000000 
_pdbx_struct_oper_list.matrix[2][2]         1.0000000000 
_pdbx_struct_oper_list.matrix[2][3]         0.0000000000 
_pdbx_struct_oper_list.vector[2]            0.0000000000 
_pdbx_struct_oper_list.matrix[3][1]         0.0000000000 
_pdbx_struct_oper_list.matrix[3][2]         0.0000000000 
_pdbx_struct_oper_list.matrix[3][3]         1.0000000000 
_pdbx_struct_oper_list.vector[3]            0.0000000000 
# 
_struct_biol.id   1 
# 
loop_
_struct_conf.conf_type_id 
_struct_conf.id 
_struct_conf.pdbx_PDB_helix_id 
_struct_conf.beg_label_comp_id 
_struct_conf.beg_label_asym_id 
_struct_conf.beg_label_seq_id 
_struct_conf.pdbx_beg_PDB_ins_code 
_struct_conf.end_label_comp_id 
_struct_conf.end_label_asym_id 
_struct_conf.end_label_seq_id 
_struct_conf.pdbx_end_PDB_ins_code 
_struct_conf.beg_auth_comp_id 
_struct_conf.beg_auth_asym_id 
_struct_conf.beg_auth_seq_id 
_struct_conf.end_auth_comp_id 
_struct_conf.end_auth_asym_id 
_struct_conf.end_auth_seq_id 
_struct_conf.pdbx_PDB_helix_class 
_struct_conf.details 
_struct_conf.pdbx_PDB_helix_length 
HELX_P HELX_P1 ? PHE A 16 ? ALA A 23 ? PHE A 15 ALA A 22 1 ? 8 
HELX_P HELX_P2 ? ASP A 27 ? SER A 35 ? ASP A 26 SER A 34 1 ? 9 
# 
_struct_conf_type.id          HELX_P 
_struct_conf_type.criteria    ? 
_struct_conf_type.reference   ? 
# 
_struct_conn.id                            covale1 
_struct_conn.conn_type_id                  covale 
_struct_conn.pdbx_leaving_atom_flag        both 
_struct_conn.pdbx_PDB_id                   ? 
_struct_conn.ptnr1_label_asym_id           A 
_struct_conn.ptnr1_label_comp_id           ACE 
_struct_conn.ptnr1_label_seq_id            1 
_struct_conn.ptnr1_label_atom_id           C 
_struct_conn.pdbx_ptnr1_label_alt_id       ? 
_struct_conn.pdbx_ptnr1_PDB_ins_code       ? 
_struct_conn.pdbx_ptnr1_standard_comp_id   ? 
_struct_conn.ptnr1_symmetry                1_555 
_struct_conn.ptnr2_label_asym_id           A 
_struct_conn.ptnr2_label_comp_id           SER 
_struct_conn.ptnr2_label_seq_id            2 
_struct_conn.ptnr2_label_atom_id           N 
_struct_conn.pdbx_ptnr2_label_alt_id       ? 
_struct_conn.pdbx_ptnr2_PDB_ins_code       ? 
_struct_conn.ptnr1_auth_asym_id            A 
_struct_conn.ptnr1_auth_comp_id            ACE 
_struct_conn.ptnr1_auth_seq_id             0 
_struct_conn.ptnr2_auth_asym_id            A 
_struct_conn.ptnr2_auth_comp_id            SER 
_struct_conn.ptnr2_auth_seq_id             1 
_struct_conn.ptnr2_symmetry                1_555 
_struct_conn.pdbx_ptnr3_label_atom_id      ? 
_struct_conn.pdbx_ptnr3_label_seq_id       ? 
_struct_conn.pdbx_ptnr3_label_comp_id      ? 
_struct_conn.pdbx_ptnr3_label_asym_id      ? 
_struct_conn.pdbx_ptnr3_label_alt_id       ? 
_struct_conn.pdbx_ptnr3_PDB_ins_code       ? 
_struct_conn.details                       ? 
_struct_conn.pdbx_dist_value               1.348 
_struct_conn.pdbx_value_order              ? 
_struct_conn.pdbx_role                     ? 
# 
_struct_conn_type.id          covale 
_struct_conn_type.criteria    ? 
_struct_conn_type.reference   ? 
# 
_pdbx_modification_feature.ordinal                            1 
_pdbx_modification_feature.label_comp_id                      ACE 
_pdbx_modification_feature.label_asym_id                      A 
_pdbx_modification_feature.label_seq_id                       1 
_pdbx_modification_feature.label_alt_id                       ? 
_pdbx_modification_feature.modified_residue_label_comp_id     SER 
_pdbx_modification_feature.modified_residue_label_asym_id     A 
_pdbx_modification_feature.modified_residue_label_seq_id      2 
_pdbx_modification_feature.modified_residue_label_alt_id      ? 
_pdbx_modification_feature.auth_comp_id                       ACE 
_pdbx_modification_feature.auth_asym_id                       A 
_pdbx_modification_feature.auth_seq_id                        0 
_pdbx_modification_feature.PDB_ins_code                       ? 
_pdbx_modification_feature.symmetry                           1_555 
_pdbx_modification_feature.modified_residue_auth_comp_id      SER 
_pdbx_modification_feature.modified_residue_auth_asym_id      A 
_pdbx_modification_feature.modified_residue_auth_seq_id       1 
_pdbx_modification_feature.modified_residue_PDB_ins_code      ? 
_pdbx_modification_feature.modified_residue_symmetry          1_555 
_pdbx_modification_feature.comp_id_linking_atom               . 
_pdbx_modification_feature.modified_residue_id_linking_atom   . 
_pdbx_modification_feature.modified_residue_id                SER 
_pdbx_modification_feature.ref_pcm_id                         6 
_pdbx_modification_feature.ref_comp_id                        ACE 
_pdbx_modification_feature.type                               None 
_pdbx_modification_feature.category                           'Terminal acetylation' 
# 
_struct_sheet.id               S1 
_struct_sheet.type             ? 
_struct_sheet.number_strands   11 
_struct_sheet.details          ? 
# 
loop_
_struct_sheet_order.sheet_id 
_struct_sheet_order.range_id_1 
_struct_sheet_order.range_id_2 
_struct_sheet_order.offset 
_struct_sheet_order.sense 
S1 1  2  ? anti-parallel 
S1 2  3  ? anti-parallel 
S1 3  4  ? anti-parallel 
S1 4  5  ? anti-parallel 
S1 5  6  ? anti-parallel 
S1 6  7  ? anti-parallel 
S1 7  8  ? anti-parallel 
S1 8  9  ? anti-parallel 
S1 9  10 ? anti-parallel 
S1 10 11 ? anti-parallel 
# 
loop_
_struct_sheet_range.sheet_id 
_struct_sheet_range.id 
_struct_sheet_range.beg_label_comp_id 
_struct_sheet_range.beg_label_asym_id 
_struct_sheet_range.beg_label_seq_id 
_struct_sheet_range.pdbx_beg_PDB_ins_code 
_struct_sheet_range.end_label_comp_id 
_struct_sheet_range.end_label_asym_id 
_struct_sheet_range.end_label_seq_id 
_struct_sheet_range.pdbx_end_PDB_ins_code 
_struct_sheet_range.beg_auth_comp_id 
_struct_sheet_range.beg_auth_asym_id 
_struct_sheet_range.beg_auth_seq_id 
_struct_sheet_range.end_auth_comp_id 
_struct_sheet_range.end_auth_asym_id 
_struct_sheet_range.end_auth_seq_id 
S1 1  TYR A 8   ? GLU A 14  ? TYR A 7   GLU A 13  
S1 2  PRO A 38  ? ALA A 44  ? PRO A 37  ALA A 43  
S1 3  TYR A 49  ? THR A 54  ? TYR A 48  THR A 53  
S1 4  ALA A 59  ? PHE A 64  ? ALA A 58  PHE A 63  
S1 5  GLU A 69  ? VAL A 73  ? GLU A 68  VAL A 72  
S1 6  ASP A 78  ? VAL A 86  ? ASP A 77  VAL A 85  
S1 7  VAL A 91  ? LYS A 96  ? VAL A 90  LYS A 95  
S1 8  VAL A 101 ? TYR A 108 ? VAL A 100 TYR A 107 
S1 9  LEU A 113 ? THR A 118 ? LEU A 112 THR A 117 
S1 10 VAL A 125 ? ALA A 132 ? VAL A 124 ALA A 131 
S1 11 TYR A 8   ? GLU A 14  ? TYR A 7   GLU A 13  
# 
loop_
_struct_site.id 
_struct_site.pdbx_evidence_code 
_struct_site.pdbx_auth_asym_id 
_struct_site.pdbx_auth_comp_id 
_struct_site.pdbx_auth_seq_id 
_struct_site.pdbx_auth_ins_code 
_struct_site.pdbx_num_residues 
_struct_site.details 
AC1 Software A SO4 200 ? 6 'BINDING SITE FOR RESIDUE SO4 A 200' 
AC2 Software A PLM 133 ? 6 'BINDING SITE FOR RESIDUE PLM A 133' 
# 
loop_
_struct_site_gen.id 
_struct_site_gen.site_id 
_struct_site_gen.pdbx_num_res 
_struct_site_gen.label_comp_id 
_struct_site_gen.label_asym_id 
_struct_site_gen.label_seq_id 
_struct_site_gen.pdbx_auth_ins_code 
_struct_site_gen.auth_comp_id 
_struct_site_gen.auth_asym_id 
_struct_site_gen.auth_seq_id 
_struct_site_gen.label_atom_id 
_struct_site_gen.label_alt_id 
_struct_site_gen.symmetry 
_struct_site_gen.details 
1  AC1 6 GLN A 40  ? GLN A 39  . ? 1_555 ? 
2  AC1 6 ASN A 51  ? ASN A 50  . ? 1_555 ? 
3  AC1 6 TYR A 84  ? TYR A 83  . ? 1_555 ? 
4  AC1 6 HIS A 93  ? HIS A 92  . ? 1_555 ? 
5  AC1 6 LYS A 106 ? LYS A 105 . ? 1_555 ? 
6  AC1 6 PLM C .   ? PLM A 133 . ? 1_555 ? 
7  AC2 6 GLN A 40  ? GLN A 39  . ? 1_555 ? 
8  AC2 6 GLY A 100 ? GLY A 99  . ? 1_555 ? 
9  AC2 6 VAL A 115 ? VAL A 114 . ? 1_555 ? 
10 AC2 6 ARG A 128 ? ARG A 127 . ? 1_555 ? 
11 AC2 6 TYR A 130 ? TYR A 129 . ? 1_555 ? 
12 AC2 6 SO4 B .   ? SO4 A 200 . ? 1_555 ? 
# 
_pdbx_entry_details.entry_id                   1MDC 
_pdbx_entry_details.compound_details           ? 
_pdbx_entry_details.source_details             ? 
_pdbx_entry_details.nonpolymer_details         ? 
_pdbx_entry_details.sequence_details           ? 
_pdbx_entry_details.has_ligand_of_interest     ? 
_pdbx_entry_details.has_protein_modification   Y 
# 
loop_
_pdbx_validate_rmsd_bond.id 
_pdbx_validate_rmsd_bond.PDB_model_num 
_pdbx_validate_rmsd_bond.auth_atom_id_1 
_pdbx_validate_rmsd_bond.auth_asym_id_1 
_pdbx_validate_rmsd_bond.auth_comp_id_1 
_pdbx_validate_rmsd_bond.auth_seq_id_1 
_pdbx_validate_rmsd_bond.PDB_ins_code_1 
_pdbx_validate_rmsd_bond.label_alt_id_1 
_pdbx_validate_rmsd_bond.auth_atom_id_2 
_pdbx_validate_rmsd_bond.auth_asym_id_2 
_pdbx_validate_rmsd_bond.auth_comp_id_2 
_pdbx_validate_rmsd_bond.auth_seq_id_2 
_pdbx_validate_rmsd_bond.PDB_ins_code_2 
_pdbx_validate_rmsd_bond.label_alt_id_2 
_pdbx_validate_rmsd_bond.bond_value 
_pdbx_validate_rmsd_bond.bond_target_value 
_pdbx_validate_rmsd_bond.bond_deviation 
_pdbx_validate_rmsd_bond.bond_standard_deviation 
_pdbx_validate_rmsd_bond.linker_flag 
1 1 CD A GLU 13 ? ? OE2 A GLU 13 ? ? 1.180 1.252 -0.072 0.011 N 
2 1 CD A GLU 68 ? ? OE2 A GLU 68 ? ? 1.186 1.252 -0.066 0.011 N 
# 
loop_
_pdbx_validate_rmsd_angle.id 
_pdbx_validate_rmsd_angle.PDB_model_num 
_pdbx_validate_rmsd_angle.auth_atom_id_1 
_pdbx_validate_rmsd_angle.auth_asym_id_1 
_pdbx_validate_rmsd_angle.auth_comp_id_1 
_pdbx_validate_rmsd_angle.auth_seq_id_1 
_pdbx_validate_rmsd_angle.PDB_ins_code_1 
_pdbx_validate_rmsd_angle.label_alt_id_1 
_pdbx_validate_rmsd_angle.auth_atom_id_2 
_pdbx_validate_rmsd_angle.auth_asym_id_2 
_pdbx_validate_rmsd_angle.auth_comp_id_2 
_pdbx_validate_rmsd_angle.auth_seq_id_2 
_pdbx_validate_rmsd_angle.PDB_ins_code_2 
_pdbx_validate_rmsd_angle.label_alt_id_2 
_pdbx_validate_rmsd_angle.auth_atom_id_3 
_pdbx_validate_rmsd_angle.auth_asym_id_3 
_pdbx_validate_rmsd_angle.auth_comp_id_3 
_pdbx_validate_rmsd_angle.auth_seq_id_3 
_pdbx_validate_rmsd_angle.PDB_ins_code_3 
_pdbx_validate_rmsd_angle.label_alt_id_3 
_pdbx_validate_rmsd_angle.angle_value 
_pdbx_validate_rmsd_angle.angle_target_value 
_pdbx_validate_rmsd_angle.angle_deviation 
_pdbx_validate_rmsd_angle.angle_standard_deviation 
_pdbx_validate_rmsd_angle.linker_flag 
1 1 CB A ASP 16  ? ? CG A ASP 16  ? ? OD2 A ASP 16  ? ? 125.21 118.30 6.91   0.90 N 
2 1 CB A ASP 26  ? ? CG A ASP 26  ? ? OD1 A ASP 26  ? ? 111.01 118.30 -7.29  0.90 N 
3 1 CB A ASP 26  ? ? CG A ASP 26  ? ? OD2 A ASP 26  ? ? 125.16 118.30 6.86   0.90 N 
4 1 CB A ASP 77  ? ? CG A ASP 77  ? ? OD1 A ASP 77  ? ? 111.14 118.30 -7.16  0.90 N 
5 1 CB A ASP 77  ? ? CG A ASP 77  ? ? OD2 A ASP 77  ? ? 127.32 118.30 9.02   0.90 N 
6 1 CB A ASP 86  ? ? CG A ASP 86  ? ? OD2 A ASP 86  ? ? 124.07 118.30 5.77   0.90 N 
7 1 CB A ASP 97  ? ? CG A ASP 97  ? ? OD1 A ASP 97  ? ? 112.55 118.30 -5.75  0.90 N 
8 1 N  A SER 118 ? ? CA A SER 118 ? ? CB  A SER 118 ? ? 100.37 110.50 -10.13 1.50 N 
# 
loop_
_pdbx_validate_torsion.id 
_pdbx_validate_torsion.PDB_model_num 
_pdbx_validate_torsion.auth_comp_id 
_pdbx_validate_torsion.auth_asym_id 
_pdbx_validate_torsion.auth_seq_id 
_pdbx_validate_torsion.PDB_ins_code 
_pdbx_validate_torsion.label_alt_id 
_pdbx_validate_torsion.phi 
_pdbx_validate_torsion.psi 
1 1 ASN A 14 ? ? 58.83   19.42 
2 1 ALA A 75 ? ? -105.95 57.16 
# 
_pdbx_database_remark.id     700 
_pdbx_database_remark.text   
;SHEET
THE SHEET PRESENTED AS *S1* ON SHEET RECORDS BELOW IS
ACTUALLY A TEN-STRANDED BETA-BARREL.  THIS IS REPRESENTED
BY AN ELEVEN-STRANDED SHEET IN WHICH THE FIRST AND LAST
STRANDS ARE IDENTICAL.
;
# 
loop_
_chem_comp_atom.comp_id 
_chem_comp_atom.atom_id 
_chem_comp_atom.type_symbol 
_chem_comp_atom.pdbx_aromatic_flag 
_chem_comp_atom.pdbx_stereo_config 
_chem_comp_atom.pdbx_ordinal 
ACE C    C N N 1   
ACE O    O N N 2   
ACE CH3  C N N 3   
ACE H    H N N 4   
ACE H1   H N N 5   
ACE H2   H N N 6   
ACE H3   H N N 7   
ALA N    N N N 8   
ALA CA   C N S 9   
ALA C    C N N 10  
ALA O    O N N 11  
ALA CB   C N N 12  
ALA OXT  O N N 13  
ALA H    H N N 14  
ALA H2   H N N 15  
ALA HA   H N N 16  
ALA HB1  H N N 17  
ALA HB2  H N N 18  
ALA HB3  H N N 19  
ALA HXT  H N N 20  
ARG N    N N N 21  
ARG CA   C N S 22  
ARG C    C N N 23  
ARG O    O N N 24  
ARG CB   C N N 25  
ARG CG   C N N 26  
ARG CD   C N N 27  
ARG NE   N N N 28  
ARG CZ   C N N 29  
ARG NH1  N N N 30  
ARG NH2  N N N 31  
ARG OXT  O N N 32  
ARG H    H N N 33  
ARG H2   H N N 34  
ARG HA   H N N 35  
ARG HB2  H N N 36  
ARG HB3  H N N 37  
ARG HG2  H N N 38  
ARG HG3  H N N 39  
ARG HD2  H N N 40  
ARG HD3  H N N 41  
ARG HE   H N N 42  
ARG HH11 H N N 43  
ARG HH12 H N N 44  
ARG HH21 H N N 45  
ARG HH22 H N N 46  
ARG HXT  H N N 47  
ASN N    N N N 48  
ASN CA   C N S 49  
ASN C    C N N 50  
ASN O    O N N 51  
ASN CB   C N N 52  
ASN CG   C N N 53  
ASN OD1  O N N 54  
ASN ND2  N N N 55  
ASN OXT  O N N 56  
ASN H    H N N 57  
ASN H2   H N N 58  
ASN HA   H N N 59  
ASN HB2  H N N 60  
ASN HB3  H N N 61  
ASN HD21 H N N 62  
ASN HD22 H N N 63  
ASN HXT  H N N 64  
ASP N    N N N 65  
ASP CA   C N S 66  
ASP C    C N N 67  
ASP O    O N N 68  
ASP CB   C N N 69  
ASP CG   C N N 70  
ASP OD1  O N N 71  
ASP OD2  O N N 72  
ASP OXT  O N N 73  
ASP H    H N N 74  
ASP H2   H N N 75  
ASP HA   H N N 76  
ASP HB2  H N N 77  
ASP HB3  H N N 78  
ASP HD2  H N N 79  
ASP HXT  H N N 80  
GLN N    N N N 81  
GLN CA   C N S 82  
GLN C    C N N 83  
GLN O    O N N 84  
GLN CB   C N N 85  
GLN CG   C N N 86  
GLN CD   C N N 87  
GLN OE1  O N N 88  
GLN NE2  N N N 89  
GLN OXT  O N N 90  
GLN H    H N N 91  
GLN H2   H N N 92  
GLN HA   H N N 93  
GLN HB2  H N N 94  
GLN HB3  H N N 95  
GLN HG2  H N N 96  
GLN HG3  H N N 97  
GLN HE21 H N N 98  
GLN HE22 H N N 99  
GLN HXT  H N N 100 
GLU N    N N N 101 
GLU CA   C N S 102 
GLU C    C N N 103 
GLU O    O N N 104 
GLU CB   C N N 105 
GLU CG   C N N 106 
GLU CD   C N N 107 
GLU OE1  O N N 108 
GLU OE2  O N N 109 
GLU OXT  O N N 110 
GLU H    H N N 111 
GLU H2   H N N 112 
GLU HA   H N N 113 
GLU HB2  H N N 114 
GLU HB3  H N N 115 
GLU HG2  H N N 116 
GLU HG3  H N N 117 
GLU HE2  H N N 118 
GLU HXT  H N N 119 
GLY N    N N N 120 
GLY CA   C N N 121 
GLY C    C N N 122 
GLY O    O N N 123 
GLY OXT  O N N 124 
GLY H    H N N 125 
GLY H2   H N N 126 
GLY HA2  H N N 127 
GLY HA3  H N N 128 
GLY HXT  H N N 129 
HIS N    N N N 130 
HIS CA   C N S 131 
HIS C    C N N 132 
HIS O    O N N 133 
HIS CB   C N N 134 
HIS CG   C Y N 135 
HIS ND1  N Y N 136 
HIS CD2  C Y N 137 
HIS CE1  C Y N 138 
HIS NE2  N Y N 139 
HIS OXT  O N N 140 
HIS H    H N N 141 
HIS H2   H N N 142 
HIS HA   H N N 143 
HIS HB2  H N N 144 
HIS HB3  H N N 145 
HIS HD1  H N N 146 
HIS HD2  H N N 147 
HIS HE1  H N N 148 
HIS HE2  H N N 149 
HIS HXT  H N N 150 
HOH O    O N N 151 
HOH H1   H N N 152 
HOH H2   H N N 153 
ILE N    N N N 154 
ILE CA   C N S 155 
ILE C    C N N 156 
ILE O    O N N 157 
ILE CB   C N S 158 
ILE CG1  C N N 159 
ILE CG2  C N N 160 
ILE CD1  C N N 161 
ILE OXT  O N N 162 
ILE H    H N N 163 
ILE H2   H N N 164 
ILE HA   H N N 165 
ILE HB   H N N 166 
ILE HG12 H N N 167 
ILE HG13 H N N 168 
ILE HG21 H N N 169 
ILE HG22 H N N 170 
ILE HG23 H N N 171 
ILE HD11 H N N 172 
ILE HD12 H N N 173 
ILE HD13 H N N 174 
ILE HXT  H N N 175 
LEU N    N N N 176 
LEU CA   C N S 177 
LEU C    C N N 178 
LEU O    O N N 179 
LEU CB   C N N 180 
LEU CG   C N N 181 
LEU CD1  C N N 182 
LEU CD2  C N N 183 
LEU OXT  O N N 184 
LEU H    H N N 185 
LEU H2   H N N 186 
LEU HA   H N N 187 
LEU HB2  H N N 188 
LEU HB3  H N N 189 
LEU HG   H N N 190 
LEU HD11 H N N 191 
LEU HD12 H N N 192 
LEU HD13 H N N 193 
LEU HD21 H N N 194 
LEU HD22 H N N 195 
LEU HD23 H N N 196 
LEU HXT  H N N 197 
LYS N    N N N 198 
LYS CA   C N S 199 
LYS C    C N N 200 
LYS O    O N N 201 
LYS CB   C N N 202 
LYS CG   C N N 203 
LYS CD   C N N 204 
LYS CE   C N N 205 
LYS NZ   N N N 206 
LYS OXT  O N N 207 
LYS H    H N N 208 
LYS H2   H N N 209 
LYS HA   H N N 210 
LYS HB2  H N N 211 
LYS HB3  H N N 212 
LYS HG2  H N N 213 
LYS HG3  H N N 214 
LYS HD2  H N N 215 
LYS HD3  H N N 216 
LYS HE2  H N N 217 
LYS HE3  H N N 218 
LYS HZ1  H N N 219 
LYS HZ2  H N N 220 
LYS HZ3  H N N 221 
LYS HXT  H N N 222 
MET N    N N N 223 
MET CA   C N S 224 
MET C    C N N 225 
MET O    O N N 226 
MET CB   C N N 227 
MET CG   C N N 228 
MET SD   S N N 229 
MET CE   C N N 230 
MET OXT  O N N 231 
MET H    H N N 232 
MET H2   H N N 233 
MET HA   H N N 234 
MET HB2  H N N 235 
MET HB3  H N N 236 
MET HG2  H N N 237 
MET HG3  H N N 238 
MET HE1  H N N 239 
MET HE2  H N N 240 
MET HE3  H N N 241 
MET HXT  H N N 242 
PHE N    N N N 243 
PHE CA   C N S 244 
PHE C    C N N 245 
PHE O    O N N 246 
PHE CB   C N N 247 
PHE CG   C Y N 248 
PHE CD1  C Y N 249 
PHE CD2  C Y N 250 
PHE CE1  C Y N 251 
PHE CE2  C Y N 252 
PHE CZ   C Y N 253 
PHE OXT  O N N 254 
PHE H    H N N 255 
PHE H2   H N N 256 
PHE HA   H N N 257 
PHE HB2  H N N 258 
PHE HB3  H N N 259 
PHE HD1  H N N 260 
PHE HD2  H N N 261 
PHE HE1  H N N 262 
PHE HE2  H N N 263 
PHE HZ   H N N 264 
PHE HXT  H N N 265 
PLM C1   C N N 266 
PLM O1   O N N 267 
PLM O2   O N N 268 
PLM C2   C N N 269 
PLM C3   C N N 270 
PLM C4   C N N 271 
PLM C5   C N N 272 
PLM C6   C N N 273 
PLM C7   C N N 274 
PLM C8   C N N 275 
PLM C9   C N N 276 
PLM CA   C N N 277 
PLM CB   C N N 278 
PLM CC   C N N 279 
PLM CD   C N N 280 
PLM CE   C N N 281 
PLM CF   C N N 282 
PLM CG   C N N 283 
PLM H    H N N 284 
PLM H21  H N N 285 
PLM H22  H N N 286 
PLM H31  H N N 287 
PLM H32  H N N 288 
PLM H41  H N N 289 
PLM H42  H N N 290 
PLM H51  H N N 291 
PLM H52  H N N 292 
PLM H61  H N N 293 
PLM H62  H N N 294 
PLM H71  H N N 295 
PLM H72  H N N 296 
PLM H81  H N N 297 
PLM H82  H N N 298 
PLM H91  H N N 299 
PLM H92  H N N 300 
PLM HA1  H N N 301 
PLM HA2  H N N 302 
PLM HB1  H N N 303 
PLM HB2  H N N 304 
PLM HC1  H N N 305 
PLM HC2  H N N 306 
PLM HD1  H N N 307 
PLM HD2  H N N 308 
PLM HE1  H N N 309 
PLM HE2  H N N 310 
PLM HF1  H N N 311 
PLM HF2  H N N 312 
PLM HG1  H N N 313 
PLM HG2  H N N 314 
PLM HG3  H N N 315 
PRO N    N N N 316 
PRO CA   C N S 317 
PRO C    C N N 318 
PRO O    O N N 319 
PRO CB   C N N 320 
PRO CG   C N N 321 
PRO CD   C N N 322 
PRO OXT  O N N 323 
PRO H    H N N 324 
PRO HA   H N N 325 
PRO HB2  H N N 326 
PRO HB3  H N N 327 
PRO HG2  H N N 328 
PRO HG3  H N N 329 
PRO HD2  H N N 330 
PRO HD3  H N N 331 
PRO HXT  H N N 332 
SER N    N N N 333 
SER CA   C N S 334 
SER C    C N N 335 
SER O    O N N 336 
SER CB   C N N 337 
SER OG   O N N 338 
SER OXT  O N N 339 
SER H    H N N 340 
SER H2   H N N 341 
SER HA   H N N 342 
SER HB2  H N N 343 
SER HB3  H N N 344 
SER HG   H N N 345 
SER HXT  H N N 346 
SO4 S    S N N 347 
SO4 O1   O N N 348 
SO4 O2   O N N 349 
SO4 O3   O N N 350 
SO4 O4   O N N 351 
THR N    N N N 352 
THR CA   C N S 353 
THR C    C N N 354 
THR O    O N N 355 
THR CB   C N R 356 
THR OG1  O N N 357 
THR CG2  C N N 358 
THR OXT  O N N 359 
THR H    H N N 360 
THR H2   H N N 361 
THR HA   H N N 362 
THR HB   H N N 363 
THR HG1  H N N 364 
THR HG21 H N N 365 
THR HG22 H N N 366 
THR HG23 H N N 367 
THR HXT  H N N 368 
TRP N    N N N 369 
TRP CA   C N S 370 
TRP C    C N N 371 
TRP O    O N N 372 
TRP CB   C N N 373 
TRP CG   C Y N 374 
TRP CD1  C Y N 375 
TRP CD2  C Y N 376 
TRP NE1  N Y N 377 
TRP CE2  C Y N 378 
TRP CE3  C Y N 379 
TRP CZ2  C Y N 380 
TRP CZ3  C Y N 381 
TRP CH2  C Y N 382 
TRP OXT  O N N 383 
TRP H    H N N 384 
TRP H2   H N N 385 
TRP HA   H N N 386 
TRP HB2  H N N 387 
TRP HB3  H N N 388 
TRP HD1  H N N 389 
TRP HE1  H N N 390 
TRP HE3  H N N 391 
TRP HZ2  H N N 392 
TRP HZ3  H N N 393 
TRP HH2  H N N 394 
TRP HXT  H N N 395 
TYR N    N N N 396 
TYR CA   C N S 397 
TYR C    C N N 398 
TYR O    O N N 399 
TYR CB   C N N 400 
TYR CG   C Y N 401 
TYR CD1  C Y N 402 
TYR CD2  C Y N 403 
TYR CE1  C Y N 404 
TYR CE2  C Y N 405 
TYR CZ   C Y N 406 
TYR OH   O N N 407 
TYR OXT  O N N 408 
TYR H    H N N 409 
TYR H2   H N N 410 
TYR HA   H N N 411 
TYR HB2  H N N 412 
TYR HB3  H N N 413 
TYR HD1  H N N 414 
TYR HD2  H N N 415 
TYR HE1  H N N 416 
TYR HE2  H N N 417 
TYR HH   H N N 418 
TYR HXT  H N N 419 
VAL N    N N N 420 
VAL CA   C N S 421 
VAL C    C N N 422 
VAL O    O N N 423 
VAL CB   C N N 424 
VAL CG1  C N N 425 
VAL CG2  C N N 426 
VAL OXT  O N N 427 
VAL H    H N N 428 
VAL H2   H N N 429 
VAL HA   H N N 430 
VAL HB   H N N 431 
VAL HG11 H N N 432 
VAL HG12 H N N 433 
VAL HG13 H N N 434 
VAL HG21 H N N 435 
VAL HG22 H N N 436 
VAL HG23 H N N 437 
VAL HXT  H N N 438 
# 
loop_
_chem_comp_bond.comp_id 
_chem_comp_bond.atom_id_1 
_chem_comp_bond.atom_id_2 
_chem_comp_bond.value_order 
_chem_comp_bond.pdbx_aromatic_flag 
_chem_comp_bond.pdbx_stereo_config 
_chem_comp_bond.pdbx_ordinal 
ACE C   O    doub N N 1   
ACE C   CH3  sing N N 2   
ACE C   H    sing N N 3   
ACE CH3 H1   sing N N 4   
ACE CH3 H2   sing N N 5   
ACE CH3 H3   sing N N 6   
ALA N   CA   sing N N 7   
ALA N   H    sing N N 8   
ALA N   H2   sing N N 9   
ALA CA  C    sing N N 10  
ALA CA  CB   sing N N 11  
ALA CA  HA   sing N N 12  
ALA C   O    doub N N 13  
ALA C   OXT  sing N N 14  
ALA CB  HB1  sing N N 15  
ALA CB  HB2  sing N N 16  
ALA CB  HB3  sing N N 17  
ALA OXT HXT  sing N N 18  
ARG N   CA   sing N N 19  
ARG N   H    sing N N 20  
ARG N   H2   sing N N 21  
ARG CA  C    sing N N 22  
ARG CA  CB   sing N N 23  
ARG CA  HA   sing N N 24  
ARG C   O    doub N N 25  
ARG C   OXT  sing N N 26  
ARG CB  CG   sing N N 27  
ARG CB  HB2  sing N N 28  
ARG CB  HB3  sing N N 29  
ARG CG  CD   sing N N 30  
ARG CG  HG2  sing N N 31  
ARG CG  HG3  sing N N 32  
ARG CD  NE   sing N N 33  
ARG CD  HD2  sing N N 34  
ARG CD  HD3  sing N N 35  
ARG NE  CZ   sing N N 36  
ARG NE  HE   sing N N 37  
ARG CZ  NH1  sing N N 38  
ARG CZ  NH2  doub N N 39  
ARG NH1 HH11 sing N N 40  
ARG NH1 HH12 sing N N 41  
ARG NH2 HH21 sing N N 42  
ARG NH2 HH22 sing N N 43  
ARG OXT HXT  sing N N 44  
ASN N   CA   sing N N 45  
ASN N   H    sing N N 46  
ASN N   H2   sing N N 47  
ASN CA  C    sing N N 48  
ASN CA  CB   sing N N 49  
ASN CA  HA   sing N N 50  
ASN C   O    doub N N 51  
ASN C   OXT  sing N N 52  
ASN CB  CG   sing N N 53  
ASN CB  HB2  sing N N 54  
ASN CB  HB3  sing N N 55  
ASN CG  OD1  doub N N 56  
ASN CG  ND2  sing N N 57  
ASN ND2 HD21 sing N N 58  
ASN ND2 HD22 sing N N 59  
ASN OXT HXT  sing N N 60  
ASP N   CA   sing N N 61  
ASP N   H    sing N N 62  
ASP N   H2   sing N N 63  
ASP CA  C    sing N N 64  
ASP CA  CB   sing N N 65  
ASP CA  HA   sing N N 66  
ASP C   O    doub N N 67  
ASP C   OXT  sing N N 68  
ASP CB  CG   sing N N 69  
ASP CB  HB2  sing N N 70  
ASP CB  HB3  sing N N 71  
ASP CG  OD1  doub N N 72  
ASP CG  OD2  sing N N 73  
ASP OD2 HD2  sing N N 74  
ASP OXT HXT  sing N N 75  
GLN N   CA   sing N N 76  
GLN N   H    sing N N 77  
GLN N   H2   sing N N 78  
GLN CA  C    sing N N 79  
GLN CA  CB   sing N N 80  
GLN CA  HA   sing N N 81  
GLN C   O    doub N N 82  
GLN C   OXT  sing N N 83  
GLN CB  CG   sing N N 84  
GLN CB  HB2  sing N N 85  
GLN CB  HB3  sing N N 86  
GLN CG  CD   sing N N 87  
GLN CG  HG2  sing N N 88  
GLN CG  HG3  sing N N 89  
GLN CD  OE1  doub N N 90  
GLN CD  NE2  sing N N 91  
GLN NE2 HE21 sing N N 92  
GLN NE2 HE22 sing N N 93  
GLN OXT HXT  sing N N 94  
GLU N   CA   sing N N 95  
GLU N   H    sing N N 96  
GLU N   H2   sing N N 97  
GLU CA  C    sing N N 98  
GLU CA  CB   sing N N 99  
GLU CA  HA   sing N N 100 
GLU C   O    doub N N 101 
GLU C   OXT  sing N N 102 
GLU CB  CG   sing N N 103 
GLU CB  HB2  sing N N 104 
GLU CB  HB3  sing N N 105 
GLU CG  CD   sing N N 106 
GLU CG  HG2  sing N N 107 
GLU CG  HG3  sing N N 108 
GLU CD  OE1  doub N N 109 
GLU CD  OE2  sing N N 110 
GLU OE2 HE2  sing N N 111 
GLU OXT HXT  sing N N 112 
GLY N   CA   sing N N 113 
GLY N   H    sing N N 114 
GLY N   H2   sing N N 115 
GLY CA  C    sing N N 116 
GLY CA  HA2  sing N N 117 
GLY CA  HA3  sing N N 118 
GLY C   O    doub N N 119 
GLY C   OXT  sing N N 120 
GLY OXT HXT  sing N N 121 
HIS N   CA   sing N N 122 
HIS N   H    sing N N 123 
HIS N   H2   sing N N 124 
HIS CA  C    sing N N 125 
HIS CA  CB   sing N N 126 
HIS CA  HA   sing N N 127 
HIS C   O    doub N N 128 
HIS C   OXT  sing N N 129 
HIS CB  CG   sing N N 130 
HIS CB  HB2  sing N N 131 
HIS CB  HB3  sing N N 132 
HIS CG  ND1  sing Y N 133 
HIS CG  CD2  doub Y N 134 
HIS ND1 CE1  doub Y N 135 
HIS ND1 HD1  sing N N 136 
HIS CD2 NE2  sing Y N 137 
HIS CD2 HD2  sing N N 138 
HIS CE1 NE2  sing Y N 139 
HIS CE1 HE1  sing N N 140 
HIS NE2 HE2  sing N N 141 
HIS OXT HXT  sing N N 142 
HOH O   H1   sing N N 143 
HOH O   H2   sing N N 144 
ILE N   CA   sing N N 145 
ILE N   H    sing N N 146 
ILE N   H2   sing N N 147 
ILE CA  C    sing N N 148 
ILE CA  CB   sing N N 149 
ILE CA  HA   sing N N 150 
ILE C   O    doub N N 151 
ILE C   OXT  sing N N 152 
ILE CB  CG1  sing N N 153 
ILE CB  CG2  sing N N 154 
ILE CB  HB   sing N N 155 
ILE CG1 CD1  sing N N 156 
ILE CG1 HG12 sing N N 157 
ILE CG1 HG13 sing N N 158 
ILE CG2 HG21 sing N N 159 
ILE CG2 HG22 sing N N 160 
ILE CG2 HG23 sing N N 161 
ILE CD1 HD11 sing N N 162 
ILE CD1 HD12 sing N N 163 
ILE CD1 HD13 sing N N 164 
ILE OXT HXT  sing N N 165 
LEU N   CA   sing N N 166 
LEU N   H    sing N N 167 
LEU N   H2   sing N N 168 
LEU CA  C    sing N N 169 
LEU CA  CB   sing N N 170 
LEU CA  HA   sing N N 171 
LEU C   O    doub N N 172 
LEU C   OXT  sing N N 173 
LEU CB  CG   sing N N 174 
LEU CB  HB2  sing N N 175 
LEU CB  HB3  sing N N 176 
LEU CG  CD1  sing N N 177 
LEU CG  CD2  sing N N 178 
LEU CG  HG   sing N N 179 
LEU CD1 HD11 sing N N 180 
LEU CD1 HD12 sing N N 181 
LEU CD1 HD13 sing N N 182 
LEU CD2 HD21 sing N N 183 
LEU CD2 HD22 sing N N 184 
LEU CD2 HD23 sing N N 185 
LEU OXT HXT  sing N N 186 
LYS N   CA   sing N N 187 
LYS N   H    sing N N 188 
LYS N   H2   sing N N 189 
LYS CA  C    sing N N 190 
LYS CA  CB   sing N N 191 
LYS CA  HA   sing N N 192 
LYS C   O    doub N N 193 
LYS C   OXT  sing N N 194 
LYS CB  CG   sing N N 195 
LYS CB  HB2  sing N N 196 
LYS CB  HB3  sing N N 197 
LYS CG  CD   sing N N 198 
LYS CG  HG2  sing N N 199 
LYS CG  HG3  sing N N 200 
LYS CD  CE   sing N N 201 
LYS CD  HD2  sing N N 202 
LYS CD  HD3  sing N N 203 
LYS CE  NZ   sing N N 204 
LYS CE  HE2  sing N N 205 
LYS CE  HE3  sing N N 206 
LYS NZ  HZ1  sing N N 207 
LYS NZ  HZ2  sing N N 208 
LYS NZ  HZ3  sing N N 209 
LYS OXT HXT  sing N N 210 
MET N   CA   sing N N 211 
MET N   H    sing N N 212 
MET N   H2   sing N N 213 
MET CA  C    sing N N 214 
MET CA  CB   sing N N 215 
MET CA  HA   sing N N 216 
MET C   O    doub N N 217 
MET C   OXT  sing N N 218 
MET CB  CG   sing N N 219 
MET CB  HB2  sing N N 220 
MET CB  HB3  sing N N 221 
MET CG  SD   sing N N 222 
MET CG  HG2  sing N N 223 
MET CG  HG3  sing N N 224 
MET SD  CE   sing N N 225 
MET CE  HE1  sing N N 226 
MET CE  HE2  sing N N 227 
MET CE  HE3  sing N N 228 
MET OXT HXT  sing N N 229 
PHE N   CA   sing N N 230 
PHE N   H    sing N N 231 
PHE N   H2   sing N N 232 
PHE CA  C    sing N N 233 
PHE CA  CB   sing N N 234 
PHE CA  HA   sing N N 235 
PHE C   O    doub N N 236 
PHE C   OXT  sing N N 237 
PHE CB  CG   sing N N 238 
PHE CB  HB2  sing N N 239 
PHE CB  HB3  sing N N 240 
PHE CG  CD1  doub Y N 241 
PHE CG  CD2  sing Y N 242 
PHE CD1 CE1  sing Y N 243 
PHE CD1 HD1  sing N N 244 
PHE CD2 CE2  doub Y N 245 
PHE CD2 HD2  sing N N 246 
PHE CE1 CZ   doub Y N 247 
PHE CE1 HE1  sing N N 248 
PHE CE2 CZ   sing Y N 249 
PHE CE2 HE2  sing N N 250 
PHE CZ  HZ   sing N N 251 
PHE OXT HXT  sing N N 252 
PLM C1  O1   sing N N 253 
PLM C1  O2   doub N N 254 
PLM C1  C2   sing N N 255 
PLM O1  H    sing N N 256 
PLM C2  C3   sing N N 257 
PLM C2  H21  sing N N 258 
PLM C2  H22  sing N N 259 
PLM C3  C4   sing N N 260 
PLM C3  H31  sing N N 261 
PLM C3  H32  sing N N 262 
PLM C4  C5   sing N N 263 
PLM C4  H41  sing N N 264 
PLM C4  H42  sing N N 265 
PLM C5  C6   sing N N 266 
PLM C5  H51  sing N N 267 
PLM C5  H52  sing N N 268 
PLM C6  C7   sing N N 269 
PLM C6  H61  sing N N 270 
PLM C6  H62  sing N N 271 
PLM C7  C8   sing N N 272 
PLM C7  H71  sing N N 273 
PLM C7  H72  sing N N 274 
PLM C8  C9   sing N N 275 
PLM C8  H81  sing N N 276 
PLM C8  H82  sing N N 277 
PLM C9  CA   sing N N 278 
PLM C9  H91  sing N N 279 
PLM C9  H92  sing N N 280 
PLM CA  CB   sing N N 281 
PLM CA  HA1  sing N N 282 
PLM CA  HA2  sing N N 283 
PLM CB  CC   sing N N 284 
PLM CB  HB1  sing N N 285 
PLM CB  HB2  sing N N 286 
PLM CC  CD   sing N N 287 
PLM CC  HC1  sing N N 288 
PLM CC  HC2  sing N N 289 
PLM CD  CE   sing N N 290 
PLM CD  HD1  sing N N 291 
PLM CD  HD2  sing N N 292 
PLM CE  CF   sing N N 293 
PLM CE  HE1  sing N N 294 
PLM CE  HE2  sing N N 295 
PLM CF  CG   sing N N 296 
PLM CF  HF1  sing N N 297 
PLM CF  HF2  sing N N 298 
PLM CG  HG1  sing N N 299 
PLM CG  HG2  sing N N 300 
PLM CG  HG3  sing N N 301 
PRO N   CA   sing N N 302 
PRO N   CD   sing N N 303 
PRO N   H    sing N N 304 
PRO CA  C    sing N N 305 
PRO CA  CB   sing N N 306 
PRO CA  HA   sing N N 307 
PRO C   O    doub N N 308 
PRO C   OXT  sing N N 309 
PRO CB  CG   sing N N 310 
PRO CB  HB2  sing N N 311 
PRO CB  HB3  sing N N 312 
PRO CG  CD   sing N N 313 
PRO CG  HG2  sing N N 314 
PRO CG  HG3  sing N N 315 
PRO CD  HD2  sing N N 316 
PRO CD  HD3  sing N N 317 
PRO OXT HXT  sing N N 318 
SER N   CA   sing N N 319 
SER N   H    sing N N 320 
SER N   H2   sing N N 321 
SER CA  C    sing N N 322 
SER CA  CB   sing N N 323 
SER CA  HA   sing N N 324 
SER C   O    doub N N 325 
SER C   OXT  sing N N 326 
SER CB  OG   sing N N 327 
SER CB  HB2  sing N N 328 
SER CB  HB3  sing N N 329 
SER OG  HG   sing N N 330 
SER OXT HXT  sing N N 331 
SO4 S   O1   doub N N 332 
SO4 S   O2   doub N N 333 
SO4 S   O3   sing N N 334 
SO4 S   O4   sing N N 335 
THR N   CA   sing N N 336 
THR N   H    sing N N 337 
THR N   H2   sing N N 338 
THR CA  C    sing N N 339 
THR CA  CB   sing N N 340 
THR CA  HA   sing N N 341 
THR C   O    doub N N 342 
THR C   OXT  sing N N 343 
THR CB  OG1  sing N N 344 
THR CB  CG2  sing N N 345 
THR CB  HB   sing N N 346 
THR OG1 HG1  sing N N 347 
THR CG2 HG21 sing N N 348 
THR CG2 HG22 sing N N 349 
THR CG2 HG23 sing N N 350 
THR OXT HXT  sing N N 351 
TRP N   CA   sing N N 352 
TRP N   H    sing N N 353 
TRP N   H2   sing N N 354 
TRP CA  C    sing N N 355 
TRP CA  CB   sing N N 356 
TRP CA  HA   sing N N 357 
TRP C   O    doub N N 358 
TRP C   OXT  sing N N 359 
TRP CB  CG   sing N N 360 
TRP CB  HB2  sing N N 361 
TRP CB  HB3  sing N N 362 
TRP CG  CD1  doub Y N 363 
TRP CG  CD2  sing Y N 364 
TRP CD1 NE1  sing Y N 365 
TRP CD1 HD1  sing N N 366 
TRP CD2 CE2  doub Y N 367 
TRP CD2 CE3  sing Y N 368 
TRP NE1 CE2  sing Y N 369 
TRP NE1 HE1  sing N N 370 
TRP CE2 CZ2  sing Y N 371 
TRP CE3 CZ3  doub Y N 372 
TRP CE3 HE3  sing N N 373 
TRP CZ2 CH2  doub Y N 374 
TRP CZ2 HZ2  sing N N 375 
TRP CZ3 CH2  sing Y N 376 
TRP CZ3 HZ3  sing N N 377 
TRP CH2 HH2  sing N N 378 
TRP OXT HXT  sing N N 379 
TYR N   CA   sing N N 380 
TYR N   H    sing N N 381 
TYR N   H2   sing N N 382 
TYR CA  C    sing N N 383 
TYR CA  CB   sing N N 384 
TYR CA  HA   sing N N 385 
TYR C   O    doub N N 386 
TYR C   OXT  sing N N 387 
TYR CB  CG   sing N N 388 
TYR CB  HB2  sing N N 389 
TYR CB  HB3  sing N N 390 
TYR CG  CD1  doub Y N 391 
TYR CG  CD2  sing Y N 392 
TYR CD1 CE1  sing Y N 393 
TYR CD1 HD1  sing N N 394 
TYR CD2 CE2  doub Y N 395 
TYR CD2 HD2  sing N N 396 
TYR CE1 CZ   doub Y N 397 
TYR CE1 HE1  sing N N 398 
TYR CE2 CZ   sing Y N 399 
TYR CE2 HE2  sing N N 400 
TYR CZ  OH   sing N N 401 
TYR OH  HH   sing N N 402 
TYR OXT HXT  sing N N 403 
VAL N   CA   sing N N 404 
VAL N   H    sing N N 405 
VAL N   H2   sing N N 406 
VAL CA  C    sing N N 407 
VAL CA  CB   sing N N 408 
VAL CA  HA   sing N N 409 
VAL C   O    doub N N 410 
VAL C   OXT  sing N N 411 
VAL CB  CG1  sing N N 412 
VAL CB  CG2  sing N N 413 
VAL CB  HB   sing N N 414 
VAL CG1 HG11 sing N N 415 
VAL CG1 HG12 sing N N 416 
VAL CG1 HG13 sing N N 417 
VAL CG2 HG21 sing N N 418 
VAL CG2 HG22 sing N N 419 
VAL CG2 HG23 sing N N 420 
VAL OXT HXT  sing N N 421 
# 
_atom_sites.entry_id                    1MDC 
_atom_sites.fract_transf_matrix[1][1]   0.00992268 
_atom_sites.fract_transf_matrix[1][2]   0.02686656 
_atom_sites.fract_transf_matrix[1][3]   -0.02240913 
_atom_sites.fract_transf_matrix[2][1]   -0.01031229 
_atom_sites.fract_transf_matrix[2][2]   0.00813715 
_atom_sites.fract_transf_matrix[2][3]   0.00518948 
_atom_sites.fract_transf_matrix[3][1]   0.02206480 
_atom_sites.fract_transf_matrix[3][2]   0.01249487 
_atom_sites.fract_transf_matrix[3][3]   0.02425408 
_atom_sites.fract_transf_vector[1]      0.534042 
_atom_sites.fract_transf_vector[2]      0.281450 
_atom_sites.fract_transf_vector[3]      0.127711 
# 
loop_
_atom_type.symbol 
C 
N 
O 
S 
# 
loop_
_atom_site.group_PDB 
_atom_site.id 
_atom_site.type_symbol 
_atom_site.label_atom_id 
_atom_site.label_alt_id 
_atom_site.label_comp_id 
_atom_site.label_asym_id 
_atom_site.label_entity_id 
_atom_site.label_seq_id 
_atom_site.pdbx_PDB_ins_code 
_atom_site.Cartn_x 
_atom_site.Cartn_y 
_atom_site.Cartn_z 
_atom_site.occupancy 
_atom_site.B_iso_or_equiv 
_atom_site.pdbx_formal_charge 
_atom_site.auth_seq_id 
_atom_site.auth_comp_id 
_atom_site.auth_asym_id 
_atom_site.auth_atom_id 
_atom_site.pdbx_PDB_model_num 
HETATM 1    C C   . ACE A 1 1   ? -13.632 8.253   9.575   1.00 8.15   ? 0   ACE A C   1 
HETATM 2    O O   . ACE A 1 1   ? -12.883 9.329   9.556   1.00 12.83  ? 0   ACE A O   1 
HETATM 3    C CH3 . ACE A 1 1   ? -14.560 7.924   8.405   1.00 12.60  ? 0   ACE A CH3 1 
ATOM   4    N N   . SER A 1 2   ? -13.713 7.480   10.676  1.00 8.29   ? 1   SER A N   1 
ATOM   5    C CA  . SER A 1 2   ? -12.859 7.767   11.846  1.00 10.33  ? 1   SER A CA  1 
ATOM   6    C C   . SER A 1 2   ? -11.357 7.779   11.514  1.00 9.16   ? 1   SER A C   1 
ATOM   7    O O   . SER A 1 2   ? -10.527 8.421   12.150  1.00 14.09  ? 1   SER A O   1 
ATOM   8    C CB  . SER A 1 2   ? -13.040 6.714   12.986  1.00 17.59  ? 1   SER A CB  1 
ATOM   9    O OG  . SER A 1 2   ? -12.985 5.476   12.362  1.00 29.69  ? 1   SER A OG  1 
ATOM   10   N N   . TYR A 1 3   ? -10.998 7.031   10.493  1.00 10.66  ? 2   TYR A N   1 
ATOM   11   C CA  . TYR A 1 3   ? -9.612  6.927   10.075  1.00 8.89   ? 2   TYR A CA  1 
ATOM   12   C C   . TYR A 1 3   ? -9.078  8.134   9.318   1.00 11.82  ? 2   TYR A C   1 
ATOM   13   O O   . TYR A 1 3   ? -7.866  8.348   9.268   1.00 11.94  ? 2   TYR A O   1 
ATOM   14   C CB  . TYR A 1 3   ? -9.426  5.625   9.185   1.00 10.45  ? 2   TYR A CB  1 
ATOM   15   C CG  . TYR A 1 3   ? -10.228 5.605   7.875   1.00 8.21   ? 2   TYR A CG  1 
ATOM   16   C CD1 . TYR A 1 3   ? -11.509 5.086   7.823   1.00 9.42   ? 2   TYR A CD1 1 
ATOM   17   C CD2 . TYR A 1 3   ? -9.660  6.131   6.695   1.00 14.98  ? 2   TYR A CD2 1 
ATOM   18   C CE1 . TYR A 1 3   ? -12.235 5.091   6.624   1.00 14.50  ? 2   TYR A CE1 1 
ATOM   19   C CE2 . TYR A 1 3   ? -10.359 6.143   5.499   1.00 17.92  ? 2   TYR A CE2 1 
ATOM   20   C CZ  . TYR A 1 3   ? -11.655 5.610   5.474   1.00 27.61  ? 2   TYR A CZ  1 
ATOM   21   O OH  . TYR A 1 3   ? -12.375 5.591   4.295   1.00 57.20  ? 2   TYR A OH  1 
ATOM   22   N N   . LEU A 1 4   ? -9.971  8.912   8.712   1.00 9.76   ? 3   LEU A N   1 
ATOM   23   C CA  . LEU A 1 4   ? -9.540  10.071  7.966   1.00 8.89   ? 3   LEU A CA  1 
ATOM   24   C C   . LEU A 1 4   ? -8.727  11.019  8.824   1.00 14.14  ? 3   LEU A C   1 
ATOM   25   O O   . LEU A 1 4   ? -9.120  11.318  9.942   1.00 12.33  ? 3   LEU A O   1 
ATOM   26   C CB  . LEU A 1 4   ? -10.769 10.770  7.367   1.00 14.17  ? 3   LEU A CB  1 
ATOM   27   C CG  . LEU A 1 4   ? -11.469 9.858   6.380   1.00 14.76  ? 3   LEU A CG  1 
ATOM   28   C CD1 . LEU A 1 4   ? -12.706 10.567  5.944   1.00 30.81  ? 3   LEU A CD1 1 
ATOM   29   C CD2 . LEU A 1 4   ? -10.596 9.633   5.117   1.00 12.21  ? 3   LEU A CD2 1 
ATOM   30   N N   . GLY A 1 5   ? -7.580  11.491  8.317   1.00 8.75   ? 4   GLY A N   1 
ATOM   31   C CA  . GLY A 1 5   ? -6.701  12.423  9.038   1.00 8.39   ? 4   GLY A CA  1 
ATOM   32   C C   . GLY A 1 5   ? -5.781  11.839  10.114  1.00 11.43  ? 4   GLY A C   1 
ATOM   33   O O   . GLY A 1 5   ? -4.985  12.583  10.675  1.00 16.90  ? 4   GLY A O   1 
ATOM   34   N N   . LYS A 1 6   ? -5.867  10.531  10.411  1.00 10.72  ? 5   LYS A N   1 
ATOM   35   C CA  . LYS A 1 6   ? -5.006  9.935   11.417  1.00 7.09   ? 5   LYS A CA  1 
ATOM   36   C C   . LYS A 1 6   ? -3.747  9.402   10.737  1.00 12.28  ? 5   LYS A C   1 
ATOM   37   O O   . LYS A 1 6   ? -3.802  8.972   9.583   1.00 13.39  ? 5   LYS A O   1 
ATOM   38   C CB  . LYS A 1 6   ? -5.624  8.652   12.037  1.00 8.15   ? 5   LYS A CB  1 
ATOM   39   C CG  . LYS A 1 6   ? -6.745  8.850   13.028  1.00 19.78  ? 5   LYS A CG  1 
ATOM   40   C CD  . LYS A 1 6   ? -7.367  7.576   13.607  1.00 20.95  ? 5   LYS A CD  1 
ATOM   41   C CE  . LYS A 1 6   ? -8.309  7.963   14.703  1.00 34.08  ? 5   LYS A CE  1 
ATOM   42   N NZ  . LYS A 1 6   ? -8.952  9.215   14.338  1.00 98.35  ? 5   LYS A NZ  1 
ATOM   43   N N   . VAL A 1 7   ? -2.624  9.409   11.446  1.00 11.32  ? 6   VAL A N   1 
ATOM   44   C CA  . VAL A 1 7   ? -1.411  8.882   10.848  1.00 11.21  ? 6   VAL A CA  1 
ATOM   45   C C   . VAL A 1 7   ? -1.250  7.448   11.377  1.00 13.63  ? 6   VAL A C   1 
ATOM   46   O O   . VAL A 1 7   ? -1.233  7.239   12.583  1.00 13.70  ? 6   VAL A O   1 
ATOM   47   C CB  . VAL A 1 7   ? -0.160  9.763   11.203  1.00 20.68  ? 6   VAL A CB  1 
ATOM   48   C CG1 . VAL A 1 7   ? 1.147   9.065   10.766  1.00 14.54  ? 6   VAL A CG1 1 
ATOM   49   C CG2 . VAL A 1 7   ? -0.287  11.077  10.499  1.00 12.13  ? 6   VAL A CG2 1 
ATOM   50   N N   . TYR A 1 8   ? -1.150  6.461   10.489  1.00 9.38   ? 7   TYR A N   1 
ATOM   51   C CA  . TYR A 1 8   ? -0.974  5.078   10.892  1.00 7.87   ? 7   TYR A CA  1 
ATOM   52   C C   . TYR A 1 8   ? 0.481   4.702   10.621  1.00 7.33   ? 7   TYR A C   1 
ATOM   53   O O   . TYR A 1 8   ? 1.009   4.991   9.556   1.00 11.46  ? 7   TYR A O   1 
ATOM   54   C CB  . TYR A 1 8   ? -1.871  4.163   10.078  1.00 8.84   ? 7   TYR A CB  1 
ATOM   55   C CG  . TYR A 1 8   ? -3.352  4.282   10.493  1.00 11.88  ? 7   TYR A CG  1 
ATOM   56   C CD1 . TYR A 1 8   ? -4.162  5.290   9.938   1.00 14.08  ? 7   TYR A CD1 1 
ATOM   57   C CD2 . TYR A 1 8   ? -3.914  3.394   11.396  1.00 8.45   ? 7   TYR A CD2 1 
ATOM   58   C CE1 . TYR A 1 8   ? -5.507  5.410   10.293  1.00 12.92  ? 7   TYR A CE1 1 
ATOM   59   C CE2 . TYR A 1 8   ? -5.270  3.497   11.770  1.00 10.77  ? 7   TYR A CE2 1 
ATOM   60   C CZ  . TYR A 1 8   ? -6.049  4.499   11.211  1.00 10.44  ? 7   TYR A CZ  1 
ATOM   61   O OH  . TYR A 1 8   ? -7.367  4.600   11.580  1.00 11.32  ? 7   TYR A OH  1 
ATOM   62   N N   . SER A 1 9   ? 1.112   4.078   11.601  1.00 8.97   ? 8   SER A N   1 
ATOM   63   C CA  . SER A 1 9   ? 2.504   3.664   11.512  1.00 7.59   ? 8   SER A CA  1 
ATOM   64   C C   . SER A 1 9   ? 2.603   2.147   11.562  1.00 20.97  ? 8   SER A C   1 
ATOM   65   O O   . SER A 1 9   ? 1.912   1.482   12.334  1.00 11.00  ? 8   SER A O   1 
ATOM   66   C CB  . SER A 1 9   ? 3.304   4.099   12.750  1.00 14.21  ? 8   SER A CB  1 
ATOM   67   O OG  . SER A 1 9   ? 3.218   5.474   12.856  1.00 37.41  ? 8   SER A OG  1 
ATOM   68   N N   . LEU A 1 10  ? 3.496   1.589   10.758  1.00 10.61  ? 9   LEU A N   1 
ATOM   69   C CA  . LEU A 1 10  ? 3.669   0.146   10.749  1.00 8.82   ? 9   LEU A CA  1 
ATOM   70   C C   . LEU A 1 10  ? 4.155   -0.433  12.068  1.00 11.51  ? 9   LEU A C   1 
ATOM   71   O O   . LEU A 1 10  ? 5.152   0.031   12.631  1.00 17.79  ? 9   LEU A O   1 
ATOM   72   C CB  . LEU A 1 10  ? 4.715   -0.223  9.664   1.00 9.55   ? 9   LEU A CB  1 
ATOM   73   C CG  . LEU A 1 10  ? 4.902   -1.740  9.558   1.00 20.91  ? 9   LEU A CG  1 
ATOM   74   C CD1 . LEU A 1 10  ? 3.773   -2.317  8.644   1.00 18.17  ? 9   LEU A CD1 1 
ATOM   75   C CD2 . LEU A 1 10  ? 6.206   -1.928  8.850   1.00 13.94  ? 9   LEU A CD2 1 
ATOM   76   N N   . VAL A 1 11  ? 3.456   -1.460  12.549  1.00 11.63  ? 10  VAL A N   1 
ATOM   77   C CA  . VAL A 1 11  ? 3.841   -2.098  13.788  1.00 11.13  ? 10  VAL A CA  1 
ATOM   78   C C   . VAL A 1 11  ? 4.364   -3.513  13.588  1.00 11.28  ? 10  VAL A C   1 
ATOM   79   O O   . VAL A 1 11  ? 5.163   -3.975  14.367  1.00 16.66  ? 10  VAL A O   1 
ATOM   80   C CB  . VAL A 1 11  ? 2.876   -1.968  14.944  1.00 21.26  ? 10  VAL A CB  1 
ATOM   81   C CG1 . VAL A 1 11  ? 2.676   -0.495  15.171  1.00 30.38  ? 10  VAL A CG1 1 
ATOM   82   C CG2 . VAL A 1 11  ? 1.574   -2.566  14.618  1.00 17.43  ? 10  VAL A CG2 1 
ATOM   83   N N   . LYS A 1 12  ? 3.930   -4.209  12.550  1.00 8.86   ? 11  LYS A N   1 
ATOM   84   C CA  . LYS A 1 12  ? 4.387   -5.583  12.314  1.00 17.13  ? 11  LYS A CA  1 
ATOM   85   C C   . LYS A 1 12  ? 3.944   -6.037  10.935  1.00 18.66  ? 11  LYS A C   1 
ATOM   86   O O   . LYS A 1 12  ? 3.026   -5.456  10.356  1.00 12.26  ? 11  LYS A O   1 
ATOM   87   C CB  . LYS A 1 12  ? 3.660   -6.431  13.367  1.00 20.22  ? 11  LYS A CB  1 
ATOM   88   C CG  . LYS A 1 12  ? 3.537   -7.922  13.177  1.00 29.16  ? 11  LYS A CG  1 
ATOM   89   C CD  . LYS A 1 12  ? 2.661   -8.553  14.256  1.00 32.41  ? 11  LYS A CD  1 
ATOM   90   C CE  . LYS A 1 12  ? 1.723   -9.578  13.649  1.00 100.00 ? 11  LYS A CE  1 
ATOM   91   N NZ  . LYS A 1 12  ? 0.990   -10.386 14.638  1.00 100.00 ? 11  LYS A NZ  1 
ATOM   92   N N   . GLN A 1 13  ? 4.576   -7.064  10.389  1.00 10.14  ? 12  GLN A N   1 
ATOM   93   C CA  . GLN A 1 13  ? 4.169   -7.540  9.075   1.00 7.25   ? 12  GLN A CA  1 
ATOM   94   C C   . GLN A 1 13  ? 4.538   -9.020  8.991   1.00 13.16  ? 12  GLN A C   1 
ATOM   95   O O   . GLN A 1 13  ? 5.463   -9.432  9.713   1.00 11.99  ? 12  GLN A O   1 
ATOM   96   C CB  . GLN A 1 13  ? 4.822   -6.739  7.918   1.00 8.14   ? 12  GLN A CB  1 
ATOM   97   C CG  . GLN A 1 13  ? 6.321   -6.684  8.026   1.00 12.13  ? 12  GLN A CG  1 
ATOM   98   C CD  . GLN A 1 13  ? 6.849   -5.631  7.102   1.00 14.82  ? 12  GLN A CD  1 
ATOM   99   O OE1 . GLN A 1 13  ? 6.085   -4.915  6.487   1.00 18.31  ? 12  GLN A OE1 1 
ATOM   100  N NE2 . GLN A 1 13  ? 8.164   -5.537  6.983   1.00 20.78  ? 12  GLN A NE2 1 
ATOM   101  N N   . GLU A 1 14  ? 3.826   -9.788  8.143   1.00 9.71   ? 13  GLU A N   1 
ATOM   102  C CA  . GLU A 1 14  ? 4.065   -11.205 7.980   1.00 13.24  ? 13  GLU A CA  1 
ATOM   103  C C   . GLU A 1 14  ? 4.075   -11.565 6.515   1.00 13.68  ? 13  GLU A C   1 
ATOM   104  O O   . GLU A 1 14  ? 3.244   -11.050 5.783   1.00 8.93   ? 13  GLU A O   1 
ATOM   105  C CB  . GLU A 1 14  ? 2.859   -11.971 8.614   1.00 11.24  ? 13  GLU A CB  1 
ATOM   106  C CG  . GLU A 1 14  ? 2.705   -11.602 10.054  1.00 20.43  ? 13  GLU A CG  1 
ATOM   107  C CD  . GLU A 1 14  ? 1.511   -12.210 10.695  1.00 25.49  ? 13  GLU A CD  1 
ATOM   108  O OE1 . GLU A 1 14  ? 0.374   -11.825 10.191  1.00 17.17  ? 13  GLU A OE1 1 
ATOM   109  O OE2 . GLU A 1 14  ? 1.611   -12.976 11.587  1.00 47.72  ? 13  GLU A OE2 1 
ATOM   110  N N   . ASN A 1 15  ? 5.002   -12.448 6.104   1.00 11.32  ? 14  ASN A N   1 
ATOM   111  C CA  . ASN A 1 15  ? 5.108   -12.906 4.718   1.00 6.33   ? 14  ASN A CA  1 
ATOM   112  C C   . ASN A 1 15  ? 5.341   -11.812 3.700   1.00 4.67   ? 14  ASN A C   1 
ATOM   113  O O   . ASN A 1 15  ? 5.097   -12.017 2.512   1.00 9.56   ? 14  ASN A O   1 
ATOM   114  C CB  . ASN A 1 15  ? 3.867   -13.771 4.309   1.00 9.33   ? 14  ASN A CB  1 
ATOM   115  C CG  . ASN A 1 15  ? 3.745   -15.022 5.166   1.00 23.28  ? 14  ASN A CG  1 
ATOM   116  O OD1 . ASN A 1 15  ? 4.732   -15.497 5.754   1.00 18.44  ? 14  ASN A OD1 1 
ATOM   117  N ND2 . ASN A 1 15  ? 2.542   -15.559 5.263   1.00 13.30  ? 14  ASN A ND2 1 
ATOM   118  N N   . PHE A 1 16  ? 5.814   -10.653 4.152   1.00 10.12  ? 15  PHE A N   1 
ATOM   119  C CA  . PHE A 1 16  ? 6.053   -9.568  3.222   1.00 9.17   ? 15  PHE A CA  1 
ATOM   120  C C   . PHE A 1 16  ? 7.231   -9.874  2.298   1.00 7.84   ? 15  PHE A C   1 
ATOM   121  O O   . PHE A 1 16  ? 7.232   -9.559  1.128   1.00 10.69  ? 15  PHE A O   1 
ATOM   122  C CB  . PHE A 1 16  ? 6.131   -8.214  3.943   1.00 10.82  ? 15  PHE A CB  1 
ATOM   123  C CG  . PHE A 1 16  ? 6.130   -6.951  3.080   1.00 12.63  ? 15  PHE A CG  1 
ATOM   124  C CD1 . PHE A 1 16  ? 5.160   -6.746  2.112   1.00 11.04  ? 15  PHE A CD1 1 
ATOM   125  C CD2 . PHE A 1 16  ? 7.108   -5.965  3.294   1.00 11.50  ? 15  PHE A CD2 1 
ATOM   126  C CE1 . PHE A 1 16  ? 5.152   -5.563  1.352   1.00 12.36  ? 15  PHE A CE1 1 
ATOM   127  C CE2 . PHE A 1 16  ? 7.128   -4.793  2.531   1.00 10.90  ? 15  PHE A CE2 1 
ATOM   128  C CZ  . PHE A 1 16  ? 6.144   -4.608  1.564   1.00 9.52   ? 15  PHE A CZ  1 
ATOM   129  N N   . ASP A 1 17  ? 8.249   -10.509 2.816   1.00 8.59   ? 16  ASP A N   1 
ATOM   130  C CA  . ASP A 1 17  ? 9.378   -10.826 1.957   1.00 14.19  ? 16  ASP A CA  1 
ATOM   131  C C   . ASP A 1 17  ? 8.958   -11.760 0.817   1.00 6.12   ? 16  ASP A C   1 
ATOM   132  O O   . ASP A 1 17  ? 9.391   -11.664 -0.329  1.00 13.01  ? 16  ASP A O   1 
ATOM   133  C CB  . ASP A 1 17  ? 10.462  -11.474 2.841   1.00 17.35  ? 16  ASP A CB  1 
ATOM   134  C CG  . ASP A 1 17  ? 11.720  -11.850 2.055   1.00 41.67  ? 16  ASP A CG  1 
ATOM   135  O OD1 . ASP A 1 17  ? 12.599  -10.886 2.001   1.00 49.63  ? 16  ASP A OD1 1 
ATOM   136  O OD2 . ASP A 1 17  ? 11.928  -12.936 1.535   1.00 100.00 ? 16  ASP A OD2 1 
ATOM   137  N N   . GLY A 1 18  ? 8.075   -12.693 1.146   1.00 10.65  ? 17  GLY A N   1 
ATOM   138  C CA  . GLY A 1 18  ? 7.561   -13.662 0.195   1.00 9.04   ? 17  GLY A CA  1 
ATOM   139  C C   . GLY A 1 18  ? 6.812   -12.988 -0.895  1.00 9.37   ? 17  GLY A C   1 
ATOM   140  O O   . GLY A 1 18  ? 6.948   -13.314 -2.070  1.00 8.91   ? 17  GLY A O   1 
ATOM   141  N N   . PHE A 1 19  ? 6.009   -12.016 -0.497  1.00 8.37   ? 18  PHE A N   1 
ATOM   142  C CA  . PHE A 1 19  ? 5.266   -11.298 -1.499  1.00 8.06   ? 18  PHE A CA  1 
ATOM   143  C C   . PHE A 1 19  ? 6.220   -10.505 -2.413  1.00 6.66   ? 18  PHE A C   1 
ATOM   144  O O   . PHE A 1 19  ? 6.017   -10.457 -3.616  1.00 8.82   ? 18  PHE A O   1 
ATOM   145  C CB  . PHE A 1 19  ? 4.277   -10.227 -0.848  1.00 4.21   ? 18  PHE A CB  1 
ATOM   146  C CG  . PHE A 1 19  ? 3.825   -9.192  -1.838  1.00 10.12  ? 18  PHE A CG  1 
ATOM   147  C CD1 . PHE A 1 19  ? 2.908   -9.504  -2.835  1.00 10.85  ? 18  PHE A CD1 1 
ATOM   148  C CD2 . PHE A 1 19  ? 4.319   -7.903  -1.768  1.00 12.99  ? 18  PHE A CD2 1 
ATOM   149  C CE1 . PHE A 1 19  ? 2.487   -8.542  -3.747  1.00 21.21  ? 18  PHE A CE1 1 
ATOM   150  C CE2 . PHE A 1 19  ? 3.915   -6.923  -2.700  1.00 14.94  ? 18  PHE A CE2 1 
ATOM   151  C CZ  . PHE A 1 19  ? 3.005   -7.235  -3.676  1.00 13.03  ? 18  PHE A CZ  1 
ATOM   152  N N   . LEU A 1 20  ? 7.246   -9.855  -1.862  1.00 8.06   ? 19  LEU A N   1 
ATOM   153  C CA  . LEU A 1 20  ? 8.146   -9.071  -2.704  1.00 8.49   ? 19  LEU A CA  1 
ATOM   154  C C   . LEU A 1 20  ? 8.928   -9.937  -3.679  1.00 9.66   ? 19  LEU A C   1 
ATOM   155  O O   . LEU A 1 20  ? 9.254   -9.513  -4.793  1.00 13.95  ? 19  LEU A O   1 
ATOM   156  C CB  . LEU A 1 20  ? 9.077   -8.284  -1.847  1.00 9.59   ? 19  LEU A CB  1 
ATOM   157  C CG  . LEU A 1 20  ? 8.329   -7.225  -1.015  1.00 8.74   ? 19  LEU A CG  1 
ATOM   158  C CD1 . LEU A 1 20  ? 9.269   -6.646  -0.004  1.00 12.42  ? 19  LEU A CD1 1 
ATOM   159  C CD2 . LEU A 1 20  ? 7.824   -6.100  -1.880  1.00 8.81   ? 19  LEU A CD2 1 
ATOM   160  N N   . LYS A 1 21  ? 9.226   -11.167 -3.258  1.00 10.15  ? 20  LYS A N   1 
ATOM   161  C CA  . LYS A 1 21  ? 9.963   -12.085 -4.130  1.00 7.15   ? 20  LYS A CA  1 
ATOM   162  C C   . LYS A 1 21  ? 9.105   -12.417 -5.339  1.00 10.01  ? 20  LYS A C   1 
ATOM   163  O O   . LYS A 1 21  ? 9.536   -12.472 -6.476  1.00 16.37  ? 20  LYS A O   1 
ATOM   164  C CB  . LYS A 1 21  ? 10.447  -13.380 -3.453  1.00 13.50  ? 20  LYS A CB  1 
ATOM   165  C CG  . LYS A 1 21  ? 11.603  -13.117 -2.477  1.00 10.95  ? 20  LYS A CG  1 
ATOM   166  C CD  . LYS A 1 21  ? 11.797  -14.330 -1.574  1.00 20.33  ? 20  LYS A CD  1 
ATOM   167  C CE  . LYS A 1 21  ? 13.065  -14.348 -0.783  1.00 79.18  ? 20  LYS A CE  1 
ATOM   168  N NZ  . LYS A 1 21  ? 12.864  -15.110 0.457   1.00 82.63  ? 20  LYS A NZ  1 
ATOM   169  N N   . SER A 1 22  ? 7.840   -12.632 -5.088  1.00 11.95  ? 21  SER A N   1 
ATOM   170  C CA  . SER A 1 22  ? 6.910   -12.957 -6.144  1.00 6.66   ? 21  SER A CA  1 
ATOM   171  C C   . SER A 1 22  ? 6.735   -11.815 -7.113  1.00 9.73   ? 21  SER A C   1 
ATOM   172  O O   . SER A 1 22  ? 6.168   -11.986 -8.197  1.00 9.34   ? 21  SER A O   1 
ATOM   173  C CB  . SER A 1 22  ? 5.558   -13.355 -5.522  1.00 15.23  ? 21  SER A CB  1 
ATOM   174  O OG  . SER A 1 22  ? 4.724   -12.156 -5.329  1.00 14.59  ? 21  SER A OG  1 
ATOM   175  N N   . ALA A 1 23  ? 7.227   -10.647 -6.705  1.00 12.36  ? 22  ALA A N   1 
ATOM   176  C CA  . ALA A 1 23  ? 7.119   -9.479  -7.551  1.00 12.38  ? 22  ALA A CA  1 
ATOM   177  C C   . ALA A 1 23  ? 8.357   -9.283  -8.435  1.00 16.98  ? 22  ALA A C   1 
ATOM   178  O O   . ALA A 1 23  ? 8.421   -8.369  -9.278  1.00 15.77  ? 22  ALA A O   1 
ATOM   179  C CB  . ALA A 1 23  ? 6.662   -8.235  -6.803  1.00 9.79   ? 22  ALA A CB  1 
ATOM   180  N N   . GLY A 1 24  ? 9.351   -10.154 -8.239  1.00 13.40  ? 23  GLY A N   1 
ATOM   181  C CA  . GLY A 1 24  ? 10.578  -10.085 -9.022  1.00 8.97   ? 23  GLY A CA  1 
ATOM   182  C C   . GLY A 1 24  ? 11.434  -8.848  -8.742  1.00 15.69  ? 23  GLY A C   1 
ATOM   183  O O   . GLY A 1 24  ? 12.181  -8.385  -9.609  1.00 16.67  ? 23  GLY A O   1 
ATOM   184  N N   . LEU A 1 25  ? 11.349  -8.295  -7.538  1.00 11.40  ? 24  LEU A N   1 
ATOM   185  C CA  . LEU A 1 25  ? 12.170  -7.128  -7.270  1.00 9.31   ? 24  LEU A CA  1 
ATOM   186  C C   . LEU A 1 25  ? 13.600  -7.548  -6.975  1.00 18.99  ? 24  LEU A C   1 
ATOM   187  O O   . LEU A 1 25  ? 13.865  -8.677  -6.560  1.00 12.41  ? 24  LEU A O   1 
ATOM   188  C CB  . LEU A 1 25  ? 11.703  -6.402  -5.996  1.00 10.44  ? 24  LEU A CB  1 
ATOM   189  C CG  . LEU A 1 25  ? 10.243  -5.926  -5.984  1.00 22.54  ? 24  LEU A CG  1 
ATOM   190  C CD1 . LEU A 1 25  ? 10.029  -4.937  -4.868  1.00 22.52  ? 24  LEU A CD1 1 
ATOM   191  C CD2 . LEU A 1 25  ? 9.793   -5.257  -7.256  1.00 21.88  ? 24  LEU A CD2 1 
ATOM   192  N N   . SER A 1 26  ? 14.537  -6.631  -7.175  1.00 15.31  ? 25  SER A N   1 
ATOM   193  C CA  . SER A 1 26  ? 15.939  -6.931  -6.901  1.00 9.60   ? 25  SER A CA  1 
ATOM   194  C C   . SER A 1 26  ? 16.180  -7.097  -5.391  1.00 15.88  ? 25  SER A C   1 
ATOM   195  O O   . SER A 1 26  ? 15.446  -6.560  -4.590  1.00 10.74  ? 25  SER A O   1 
ATOM   196  C CB  . SER A 1 26  ? 16.837  -5.872  -7.467  1.00 13.30  ? 25  SER A CB  1 
ATOM   197  O OG  . SER A 1 26  ? 16.762  -4.754  -6.584  1.00 24.73  ? 25  SER A OG  1 
ATOM   198  N N   . ASP A 1 27  ? 17.202  -7.852  -4.994  1.00 11.38  ? 26  ASP A N   1 
ATOM   199  C CA  . ASP A 1 27  ? 17.508  -8.070  -3.591  1.00 19.46  ? 26  ASP A CA  1 
ATOM   200  C C   . ASP A 1 27  ? 17.699  -6.776  -2.799  1.00 18.37  ? 26  ASP A C   1 
ATOM   201  O O   . ASP A 1 27  ? 17.304  -6.676  -1.646  1.00 15.11  ? 26  ASP A O   1 
ATOM   202  C CB  . ASP A 1 27  ? 18.695  -9.071  -3.374  1.00 45.96  ? 26  ASP A CB  1 
ATOM   203  C CG  . ASP A 1 27  ? 18.415  -10.482 -3.877  1.00 52.08  ? 26  ASP A CG  1 
ATOM   204  O OD1 . ASP A 1 27  ? 17.116  -10.693 -3.999  1.00 100.00 ? 26  ASP A OD1 1 
ATOM   205  O OD2 . ASP A 1 27  ? 19.290  -11.337 -4.153  1.00 100.00 ? 26  ASP A OD2 1 
ATOM   206  N N   . ASP A 1 28  ? 18.311  -5.764  -3.385  1.00 12.44  ? 27  ASP A N   1 
ATOM   207  C CA  . ASP A 1 28  ? 18.483  -4.552  -2.617  1.00 9.35   ? 27  ASP A CA  1 
ATOM   208  C C   . ASP A 1 28  ? 17.166  -3.834  -2.348  1.00 12.77  ? 27  ASP A C   1 
ATOM   209  O O   . ASP A 1 28  ? 16.997  -3.189  -1.303  1.00 12.75  ? 27  ASP A O   1 
ATOM   210  C CB  . ASP A 1 28  ? 19.288  -3.531  -3.388  1.00 14.11  ? 27  ASP A CB  1 
ATOM   211  C CG  . ASP A 1 28  ? 20.738  -3.795  -3.347  1.00 74.50  ? 27  ASP A CG  1 
ATOM   212  O OD1 . ASP A 1 28  ? 21.108  -4.738  -2.525  1.00 30.06  ? 27  ASP A OD1 1 
ATOM   213  O OD2 . ASP A 1 28  ? 21.490  -3.194  -4.032  1.00 30.28  ? 27  ASP A OD2 1 
ATOM   214  N N   . LYS A 1 29  ? 16.243  -3.914  -3.312  1.00 11.48  ? 28  LYS A N   1 
ATOM   215  C CA  . LYS A 1 29  ? 14.955  -3.255  -3.138  1.00 9.87   ? 28  LYS A CA  1 
ATOM   216  C C   . LYS A 1 29  ? 14.159  -4.005  -2.101  1.00 12.71  ? 28  LYS A C   1 
ATOM   217  O O   . LYS A 1 29  ? 13.432  -3.430  -1.287  1.00 13.55  ? 28  LYS A O   1 
ATOM   218  C CB  . LYS A 1 29  ? 14.100  -3.174  -4.387  1.00 12.92  ? 28  LYS A CB  1 
ATOM   219  C CG  . LYS A 1 29  ? 14.420  -1.914  -5.151  1.00 37.36  ? 28  LYS A CG  1 
ATOM   220  C CD  . LYS A 1 29  ? 13.908  -2.073  -6.561  1.00 82.42  ? 28  LYS A CD  1 
ATOM   221  C CE  . LYS A 1 29  ? 13.809  -0.810  -7.406  1.00 100.00 ? 28  LYS A CE  1 
ATOM   222  N NZ  . LYS A 1 29  ? 12.673  -0.867  -8.360  1.00 60.41  ? 28  LYS A NZ  1 
ATOM   223  N N   . ILE A 1 30  ? 14.312  -5.319  -2.144  1.00 8.66   ? 29  ILE A N   1 
ATOM   224  C CA  . ILE A 1 30  ? 13.622  -6.149  -1.202  1.00 10.91  ? 29  ILE A CA  1 
ATOM   225  C C   . ILE A 1 30  ? 14.106  -5.832  0.208   1.00 18.06  ? 29  ILE A C   1 
ATOM   226  O O   . ILE A 1 30  ? 13.329  -5.673  1.129   1.00 11.34  ? 29  ILE A O   1 
ATOM   227  C CB  . ILE A 1 30  ? 13.757  -7.602  -1.559  1.00 9.57   ? 29  ILE A CB  1 
ATOM   228  C CG1 . ILE A 1 30  ? 12.865  -7.930  -2.731  1.00 10.87  ? 29  ILE A CG1 1 
ATOM   229  C CG2 . ILE A 1 30  ? 13.400  -8.437  -0.353  1.00 13.51  ? 29  ILE A CG2 1 
ATOM   230  C CD1 . ILE A 1 30  ? 12.969  -9.429  -3.157  1.00 17.36  ? 29  ILE A CD1 1 
ATOM   231  N N   . GLN A 1 31  ? 15.410  -5.719  0.395   1.00 10.09  ? 30  GLN A N   1 
ATOM   232  C CA  . GLN A 1 31  ? 15.957  -5.409  1.708   1.00 15.63  ? 30  GLN A CA  1 
ATOM   233  C C   . GLN A 1 31  ? 15.490  -4.036  2.219   1.00 24.92  ? 30  GLN A C   1 
ATOM   234  O O   . GLN A 1 31  ? 15.154  -3.849  3.390   1.00 15.65  ? 30  GLN A O   1 
ATOM   235  C CB  . GLN A 1 31  ? 17.529  -5.516  1.688   1.00 25.49  ? 30  GLN A CB  1 
ATOM   236  C CG  . GLN A 1 31  ? 18.281  -5.216  3.027   1.00 59.35  ? 30  GLN A CG  1 
ATOM   237  C CD  . GLN A 1 31  ? 19.818  -5.190  2.876   1.00 100.00 ? 30  GLN A CD  1 
ATOM   238  O OE1 . GLN A 1 31  ? 20.381  -4.556  1.967   1.00 42.57  ? 30  GLN A OE1 1 
ATOM   239  N NE2 . GLN A 1 31  ? 20.522  -5.887  3.766   1.00 34.65  ? 30  GLN A NE2 1 
ATOM   240  N N   . ALA A 1 32  ? 15.483  -3.052  1.338   1.00 13.68  ? 31  ALA A N   1 
ATOM   241  C CA  . ALA A 1 32  ? 15.063  -1.743  1.745   1.00 11.82  ? 31  ALA A CA  1 
ATOM   242  C C   . ALA A 1 32  ? 13.591  -1.759  2.132   1.00 13.21  ? 31  ALA A C   1 
ATOM   243  O O   . ALA A 1 32  ? 13.189  -1.210  3.149   1.00 15.23  ? 31  ALA A O   1 
ATOM   244  C CB  . ALA A 1 32  ? 15.345  -0.722  0.639   1.00 16.13  ? 31  ALA A CB  1 
ATOM   245  N N   . LEU A 1 33  ? 12.756  -2.398  1.327   1.00 9.71   ? 32  LEU A N   1 
ATOM   246  C CA  . LEU A 1 33  ? 11.336  -2.426  1.656   1.00 9.38   ? 32  LEU A CA  1 
ATOM   247  C C   . LEU A 1 33  ? 11.008  -3.135  2.943   1.00 10.70  ? 32  LEU A C   1 
ATOM   248  O O   . LEU A 1 33  ? 10.147  -2.703  3.720   1.00 16.24  ? 32  LEU A O   1 
ATOM   249  C CB  . LEU A 1 33  ? 10.450  -2.945  0.516   1.00 8.94   ? 32  LEU A CB  1 
ATOM   250  C CG  . LEU A 1 33  ? 10.411  -1.932  -0.630  1.00 13.51  ? 32  LEU A CG  1 
ATOM   251  C CD1 . LEU A 1 33  ? 9.806   -2.645  -1.844  1.00 13.80  ? 32  LEU A CD1 1 
ATOM   252  C CD2 . LEU A 1 33  ? 9.505   -0.742  -0.245  1.00 13.08  ? 32  LEU A CD2 1 
ATOM   253  N N   . VAL A 1 34  ? 11.687  -4.246  3.184   1.00 9.94   ? 33  VAL A N   1 
ATOM   254  C CA  . VAL A 1 34  ? 11.398  -4.979  4.400   1.00 11.78  ? 33  VAL A CA  1 
ATOM   255  C C   . VAL A 1 34  ? 11.901  -4.260  5.629   1.00 8.34   ? 33  VAL A C   1 
ATOM   256  O O   . VAL A 1 34  ? 11.428  -4.493  6.727   1.00 16.38  ? 33  VAL A O   1 
ATOM   257  C CB  . VAL A 1 34  ? 11.745  -6.494  4.465   1.00 19.24  ? 33  VAL A CB  1 
ATOM   258  C CG1 . VAL A 1 34  ? 11.375  -7.230  3.209   1.00 15.97  ? 33  VAL A CG1 1 
ATOM   259  C CG2 . VAL A 1 34  ? 13.138  -6.778  4.904   1.00 31.79  ? 33  VAL A CG2 1 
ATOM   260  N N   1 SER A 1 35  ? 12.866  -3.394  5.462   0.50 24.42  ? 34  SER A N   1 
ATOM   261  N N   2 SER A 1 35  ? 12.860  -3.401  5.429   0.50 24.39  ? 34  SER A N   1 
ATOM   262  C CA  1 SER A 1 35  ? 13.384  -2.718  6.645   0.50 32.26  ? 34  SER A CA  1 
ATOM   263  C CA  2 SER A 1 35  ? 13.384  -2.743  6.679   0.50 32.12  ? 34  SER A CA  1 
ATOM   264  C C   1 SER A 1 35  ? 12.614  -1.401  6.916   0.50 45.93  ? 34  SER A C   1 
ATOM   265  C C   2 SER A 1 35  ? 12.560  -1.395  6.935   0.50 45.99  ? 34  SER A C   1 
ATOM   266  O O   1 SER A 1 35  ? 12.803  -0.784  7.970   0.50 40.15  ? 34  SER A O   1 
ATOM   267  O O   2 SER A 1 35  ? 12.711  -0.786  8.040   0.50 41.49  ? 34  SER A O   1 
ATOM   268  C CB  1 SER A 1 35  ? 14.869  -2.370  6.527   0.75 19.43  ? 34  SER A CB  1 
ATOM   269  C CB  2 SER A 1 35  ? 14.898  -2.362  6.518   0.25 21.64  ? 34  SER A CB  1 
ATOM   270  O OG  1 SER A 1 35  ? 15.037  -1.302  5.598   0.75 19.09  ? 34  SER A OG  1 
ATOM   271  O OG  2 SER A 1 35  ? 15.597  -3.468  5.947   0.25 27.38  ? 34  SER A OG  1 
ATOM   272  N N   . ASP A 1 36  ? 11.795  -0.969  5.963   1.00 11.98  ? 35  ASP A N   1 
ATOM   273  C CA  . ASP A 1 36  ? 11.076  0.297   6.132   1.00 11.04  ? 35  ASP A CA  1 
ATOM   274  C C   . ASP A 1 36  ? 10.130  0.341   7.316   1.00 11.68  ? 35  ASP A C   1 
ATOM   275  O O   . ASP A 1 36  ? 9.651   -0.693  7.752   1.00 9.89   ? 35  ASP A O   1 
ATOM   276  C CB  . ASP A 1 36  ? 10.191  0.379   4.855   1.00 18.41  ? 35  ASP A CB  1 
ATOM   277  C CG  . ASP A 1 36  ? 9.535   1.688   4.469   1.00 22.71  ? 35  ASP A CG  1 
ATOM   278  O OD1 . ASP A 1 36  ? 10.088  2.712   5.017   1.00 22.02  ? 35  ASP A OD1 1 
ATOM   279  O OD2 . ASP A 1 36  ? 8.609   1.755   3.679   1.00 20.55  ? 35  ASP A OD2 1 
ATOM   280  N N   . LYS A 1 37  ? 9.854   1.549   7.816   1.00 12.00  ? 36  LYS A N   1 
ATOM   281  C CA  . LYS A 1 37  ? 8.922   1.749   8.926   1.00 9.84   ? 36  LYS A CA  1 
ATOM   282  C C   . LYS A 1 37  ? 8.017   2.874   8.402   1.00 8.21   ? 36  LYS A C   1 
ATOM   283  O O   . LYS A 1 37  ? 8.070   4.009   8.882   1.00 11.73  ? 36  LYS A O   1 
ATOM   284  C CB  . LYS A 1 37  ? 9.601   2.177   10.230  1.00 12.06  ? 36  LYS A CB  1 
ATOM   285  C CG  . LYS A 1 37  ? 10.370  1.043   10.930  1.00 18.84  ? 36  LYS A CG  1 
ATOM   286  C CD  . LYS A 1 37  ? 9.459   -0.047  11.538  1.00 25.60  ? 36  LYS A CD  1 
ATOM   287  C CE  . LYS A 1 37  ? 10.138  -1.227  12.259  1.00 47.94  ? 36  LYS A CE  1 
ATOM   288  N NZ  . LYS A 1 37  ? 9.213   -2.317  12.691  1.00 100.00 ? 36  LYS A NZ  1 
ATOM   289  N N   . PRO A 1 38  ? 7.210   2.572   7.386   1.00 12.48  ? 37  PRO A N   1 
ATOM   290  C CA  . PRO A 1 38  ? 6.337   3.573   6.787   1.00 10.80  ? 37  PRO A CA  1 
ATOM   291  C C   . PRO A 1 38  ? 5.146   4.005   7.622   1.00 10.75  ? 37  PRO A C   1 
ATOM   292  O O   . PRO A 1 38  ? 4.730   3.318   8.553   1.00 9.63   ? 37  PRO A O   1 
ATOM   293  C CB  . PRO A 1 38  ? 5.726   2.895   5.543   1.00 12.27  ? 37  PRO A CB  1 
ATOM   294  C CG  . PRO A 1 38  ? 5.695   1.407   5.862   1.00 10.71  ? 37  PRO A CG  1 
ATOM   295  C CD  . PRO A 1 38  ? 6.830   1.216   6.903   1.00 9.48   ? 37  PRO A CD  1 
ATOM   296  N N   . THR A 1 39  ? 4.606   5.170   7.261   1.00 11.03  ? 38  THR A N   1 
ATOM   297  C CA  . THR A 1 39  ? 3.432   5.755   7.898   1.00 11.16  ? 38  THR A CA  1 
ATOM   298  C C   . THR A 1 39  ? 2.520   6.170   6.767   1.00 8.28   ? 38  THR A C   1 
ATOM   299  O O   . THR A 1 39  ? 2.984   6.439   5.651   1.00 10.29  ? 38  THR A O   1 
ATOM   300  C CB  . THR A 1 39  ? 3.596   6.954   8.829   1.00 13.35  ? 38  THR A CB  1 
ATOM   301  O OG1 . THR A 1 39  ? 3.855   8.123   8.041   1.00 15.13  ? 38  THR A OG1 1 
ATOM   302  C CG2 . THR A 1 39  ? 4.685   6.687   9.867   1.00 9.63   ? 38  THR A CG2 1 
ATOM   303  N N   . GLN A 1 40  ? 1.225   6.220   7.029   1.00 8.10   ? 39  GLN A N   1 
ATOM   304  C CA  . GLN A 1 40  ? 0.315   6.637   5.983   1.00 4.69   ? 39  GLN A CA  1 
ATOM   305  C C   . GLN A 1 40  ? -0.911  7.366   6.554   1.00 13.31  ? 39  GLN A C   1 
ATOM   306  O O   . GLN A 1 40  ? -1.436  6.991   7.603   1.00 11.08  ? 39  GLN A O   1 
ATOM   307  C CB  . GLN A 1 40  ? 0.007   5.555   4.982   1.00 19.60  ? 39  GLN A CB  1 
ATOM   308  C CG  . GLN A 1 40  ? -0.682  4.405   5.600   1.00 18.32  ? 39  GLN A CG  1 
ATOM   309  C CD  . GLN A 1 40  ? -1.058  3.492   4.494   1.00 37.71  ? 39  GLN A CD  1 
ATOM   310  O OE1 . GLN A 1 40  ? -2.081  3.666   3.841   1.00 29.89  ? 39  GLN A OE1 1 
ATOM   311  N NE2 . GLN A 1 40  ? -0.204  2.533   4.285   1.00 35.12  ? 39  GLN A NE2 1 
ATOM   312  N N   . LYS A 1 41  ? -1.350  8.426   5.875   1.00 12.95  ? 40  LYS A N   1 
ATOM   313  C CA  . LYS A 1 41  ? -2.484  9.234   6.309   1.00 9.78   ? 40  LYS A CA  1 
ATOM   314  C C   . LYS A 1 41  ? -3.352  9.502   5.114   1.00 5.96   ? 40  LYS A C   1 
ATOM   315  O O   . LYS A 1 41  ? -2.827  9.900   4.087   1.00 8.83   ? 40  LYS A O   1 
ATOM   316  C CB  . LYS A 1 41  ? -1.919  10.572  6.698   1.00 9.97   ? 40  LYS A CB  1 
ATOM   317  C CG  . LYS A 1 41  ? -2.972  11.556  7.243   1.00 20.04  ? 40  LYS A CG  1 
ATOM   318  C CD  . LYS A 1 41  ? -2.425  12.870  7.822   1.00 20.97  ? 40  LYS A CD  1 
ATOM   319  C CE  . LYS A 1 41  ? -2.040  13.975  6.856   1.00 49.71  ? 40  LYS A CE  1 
ATOM   320  N NZ  . LYS A 1 41  ? -1.208  15.001  7.514   1.00 48.02  ? 40  LYS A NZ  1 
ATOM   321  N N   . MET A 1 42  ? -4.662  9.271   5.250   1.00 9.01   ? 41  MET A N   1 
ATOM   322  C CA  . MET A 1 42  ? -5.630  9.483   4.168   1.00 6.54   ? 41  MET A CA  1 
ATOM   323  C C   . MET A 1 42  ? -6.573  10.627  4.518   1.00 14.65  ? 41  MET A C   1 
ATOM   324  O O   . MET A 1 42  ? -6.946  10.718  5.679   1.00 9.13   ? 41  MET A O   1 
ATOM   325  C CB  . MET A 1 42  ? -6.512  8.195   3.976   1.00 10.83  ? 41  MET A CB  1 
ATOM   326  C CG  . MET A 1 42  ? -7.124  8.278   2.628   1.00 24.55  ? 41  MET A CG  1 
ATOM   327  S SD  . MET A 1 42  ? -7.827  6.685   2.210   1.00 29.17  ? 41  MET A SD  1 
ATOM   328  C CE  . MET A 1 42  ? -9.266  7.091   1.220   1.00 32.57  ? 41  MET A CE  1 
ATOM   329  N N   . GLU A 1 43  ? -6.930  11.471  3.528   1.00 12.83  ? 42  GLU A N   1 
ATOM   330  C CA  . GLU A 1 43  ? -7.827  12.623  3.678   1.00 17.36  ? 42  GLU A CA  1 
ATOM   331  C C   . GLU A 1 43  ? -8.851  12.622  2.558   1.00 25.96  ? 42  GLU A C   1 
ATOM   332  O O   . GLU A 1 43  ? -8.563  12.142  1.473   1.00 14.36  ? 42  GLU A O   1 
ATOM   333  C CB  . GLU A 1 43  ? -7.145  13.970  3.752   1.00 9.82   ? 42  GLU A CB  1 
ATOM   334  C CG  . GLU A 1 43  ? -6.180  13.841  4.893   1.00 25.35  ? 42  GLU A CG  1 
ATOM   335  C CD  . GLU A 1 43  ? -5.885  15.028  5.693   1.00 79.79  ? 42  GLU A CD  1 
ATOM   336  O OE1 . GLU A 1 43  ? -5.040  15.824  5.116   1.00 56.21  ? 42  GLU A OE1 1 
ATOM   337  O OE2 . GLU A 1 43  ? -6.345  15.177  6.785   1.00 59.93  ? 42  GLU A OE2 1 
ATOM   338  N N   . ALA A 1 44  ? -10.049 13.142  2.845   1.00 14.43  ? 43  ALA A N   1 
ATOM   339  C CA  . ALA A 1 44  ? -11.145 13.237  1.874   1.00 12.95  ? 43  ALA A CA  1 
ATOM   340  C C   . ALA A 1 44  ? -11.203 14.691  1.442   1.00 27.71  ? 43  ALA A C   1 
ATOM   341  O O   . ALA A 1 44  ? -11.035 15.604  2.251   1.00 19.88  ? 43  ALA A O   1 
ATOM   342  C CB  . ALA A 1 44  ? -12.476 12.680  2.397   1.00 17.74  ? 43  ALA A CB  1 
ATOM   343  N N   . ASN A 1 45  ? -11.403 14.908  0.158   1.00 21.92  ? 44  ASN A N   1 
ATOM   344  C CA  . ASN A 1 45  ? -11.452 16.231  -0.404  1.00 28.37  ? 44  ASN A CA  1 
ATOM   345  C C   . ASN A 1 45  ? -12.658 16.405  -1.294  1.00 39.80  ? 44  ASN A C   1 
ATOM   346  O O   . ASN A 1 45  ? -12.618 17.035  -2.346  1.00 44.35  ? 44  ASN A O   1 
ATOM   347  C CB  . ASN A 1 45  ? -10.230 16.291  -1.272  1.00 40.95  ? 44  ASN A CB  1 
ATOM   348  C CG  . ASN A 1 45  ? -9.156  17.106  -0.650  1.00 100.00 ? 44  ASN A CG  1 
ATOM   349  O OD1 . ASN A 1 45  ? -8.735  18.088  -1.276  1.00 100.00 ? 44  ASN A OD1 1 
ATOM   350  N ND2 . ASN A 1 45  ? -8.710  16.711  0.551   1.00 58.07  ? 44  ASN A ND2 1 
ATOM   351  N N   . GLY A 1 46  ? -13.752 15.821  -0.861  1.00 23.83  ? 45  GLY A N   1 
ATOM   352  C CA  . GLY A 1 46  ? -14.962 15.927  -1.626  1.00 23.66  ? 45  GLY A CA  1 
ATOM   353  C C   . GLY A 1 46  ? -14.975 14.925  -2.750  1.00 100.00 ? 45  GLY A C   1 
ATOM   354  O O   . GLY A 1 46  ? -15.337 13.766  -2.577  1.00 37.91  ? 45  GLY A O   1 
ATOM   355  N N   . ASP A 1 47  ? -14.555 15.416  -3.897  1.00 28.10  ? 46  ASP A N   1 
ATOM   356  C CA  . ASP A 1 47  ? -14.474 14.657  -5.116  1.00 44.86  ? 46  ASP A CA  1 
ATOM   357  C C   . ASP A 1 47  ? -13.300 13.649  -5.142  1.00 26.31  ? 46  ASP A C   1 
ATOM   358  O O   . ASP A 1 47  ? -13.378 12.610  -5.794  1.00 33.86  ? 46  ASP A O   1 
ATOM   359  C CB  . ASP A 1 47  ? -14.397 15.751  -6.236  1.00 34.27  ? 46  ASP A CB  1 
ATOM   360  C CG  . ASP A 1 47  ? -15.721 16.520  -6.551  1.00 100.00 ? 46  ASP A CG  1 
ATOM   361  O OD1 . ASP A 1 47  ? -16.615 16.608  -5.555  1.00 100.00 ? 46  ASP A OD1 1 
ATOM   362  O OD2 . ASP A 1 47  ? -15.936 17.029  -7.654  1.00 100.00 ? 46  ASP A OD2 1 
ATOM   363  N N   . SER A 1 48  ? -12.199 13.934  -4.436  1.00 28.95  ? 47  SER A N   1 
ATOM   364  C CA  . SER A 1 48  ? -11.053 13.035  -4.430  1.00 22.61  ? 47  SER A CA  1 
ATOM   365  C C   . SER A 1 48  ? -10.508 12.757  -3.031  1.00 36.18  ? 47  SER A C   1 
ATOM   366  O O   . SER A 1 48  ? -10.908 13.341  -2.037  1.00 16.59  ? 47  SER A O   1 
ATOM   367  C CB  . SER A 1 48  ? -9.986  13.755  -5.308  1.00 21.62  ? 47  SER A CB  1 
ATOM   368  O OG  . SER A 1 48  ? -9.317  14.742  -4.542  1.00 29.62  ? 47  SER A OG  1 
ATOM   369  N N   . TYR A 1 49  ? -9.578  11.842  -2.941  1.00 10.04  ? 48  TYR A N   1 
ATOM   370  C CA  . TYR A 1 49  ? -8.977  11.513  -1.672  1.00 8.12   ? 48  TYR A CA  1 
ATOM   371  C C   . TYR A 1 49  ? -7.484  11.772  -1.872  1.00 11.61  ? 48  TYR A C   1 
ATOM   372  O O   . TYR A 1 49  ? -7.028  11.821  -3.021  1.00 15.33  ? 48  TYR A O   1 
ATOM   373  C CB  . TYR A 1 49  ? -9.148  10.008  -1.380  1.00 13.02  ? 48  TYR A CB  1 
ATOM   374  C CG  . TYR A 1 49  ? -10.595 9.579   -1.151  1.00 8.02   ? 48  TYR A CG  1 
ATOM   375  C CD1 . TYR A 1 49  ? -11.140 9.652   0.111   1.00 9.33   ? 48  TYR A CD1 1 
ATOM   376  C CD2 . TYR A 1 49  ? -11.370 9.151   -2.250  1.00 8.09   ? 48  TYR A CD2 1 
ATOM   377  C CE1 . TYR A 1 49  ? -12.480 9.237   0.308   1.00 10.59  ? 48  TYR A CE1 1 
ATOM   378  C CE2 . TYR A 1 49  ? -12.688 8.758   -2.064  1.00 13.44  ? 48  TYR A CE2 1 
ATOM   379  C CZ  . TYR A 1 49  ? -13.231 8.813   -0.766  1.00 11.55  ? 48  TYR A CZ  1 
ATOM   380  O OH  . TYR A 1 49  ? -14.540 8.403   -0.589  1.00 13.46  ? 48  TYR A OH  1 
ATOM   381  N N   . SER A 1 50  ? -6.760  11.927  -0.764  1.00 9.26   ? 49  SER A N   1 
ATOM   382  C CA  . SER A 1 50  ? -5.320  12.171  -0.774  1.00 10.32  ? 49  SER A CA  1 
ATOM   383  C C   . SER A 1 50  ? -4.673  11.195  0.189   1.00 21.40  ? 49  SER A C   1 
ATOM   384  O O   . SER A 1 50  ? -5.201  10.973  1.271   1.00 15.71  ? 49  SER A O   1 
ATOM   385  C CB  . SER A 1 50  ? -4.911  13.527  -0.141  1.00 18.87  ? 49  SER A CB  1 
ATOM   386  O OG  . SER A 1 50  ? -5.269  14.576  -0.988  1.00 44.21  ? 49  SER A OG  1 
ATOM   387  N N   . ASN A 1 51  ? -3.532  10.631  -0.192  1.00 13.38  ? 50  ASN A N   1 
ATOM   388  C CA  . ASN A 1 51  ? -2.809  9.703   0.655   1.00 7.28   ? 50  ASN A CA  1 
ATOM   389  C C   . ASN A 1 51  ? -1.404  10.233  0.818   1.00 8.39   ? 50  ASN A C   1 
ATOM   390  O O   . ASN A 1 51  ? -0.714  10.474  -0.170  1.00 10.50  ? 50  ASN A O   1 
ATOM   391  C CB  . ASN A 1 51  ? -2.801  8.340   -0.096  1.00 9.84   ? 50  ASN A CB  1 
ATOM   392  C CG  . ASN A 1 51  ? -2.197  7.158   0.567   1.00 35.94  ? 50  ASN A CG  1 
ATOM   393  O OD1 . ASN A 1 51  ? -1.764  6.191   -0.104  1.00 53.13  ? 50  ASN A OD1 1 
ATOM   394  N ND2 . ASN A 1 51  ? -2.193  7.208   1.875   1.00 35.59  ? 50  ASN A ND2 1 
ATOM   395  N N   . THR A 1 52  ? -0.991  10.439  2.056   1.00 6.80   ? 51  THR A N   1 
ATOM   396  C CA  . THR A 1 52  ? 0.339   10.935  2.338   1.00 9.39   ? 51  THR A CA  1 
ATOM   397  C C   . THR A 1 52  ? 1.105   9.785   2.976   1.00 20.84  ? 51  THR A C   1 
ATOM   398  O O   . THR A 1 52  ? 0.649   9.223   3.965   1.00 11.96  ? 51  THR A O   1 
ATOM   399  C CB  . THR A 1 52  ? 0.379   12.081  3.354   1.00 13.87  ? 51  THR A CB  1 
ATOM   400  O OG1 . THR A 1 52  ? -0.231  13.205  2.792   1.00 14.89  ? 51  THR A OG1 1 
ATOM   401  C CG2 . THR A 1 52  ? 1.862   12.370  3.667   1.00 11.86  ? 51  THR A CG2 1 
ATOM   402  N N   1 SER A 1 53  ? 2.258   9.429   2.399   0.50 32.16  ? 52  SER A N   1 
ATOM   403  N N   2 SER A 1 53  ? 2.249   9.433   2.361   0.50 32.58  ? 52  SER A N   1 
ATOM   404  C CA  1 SER A 1 53  ? 3.090   8.324   2.892   0.50 29.50  ? 52  SER A CA  1 
ATOM   405  C CA  2 SER A 1 53  ? 3.099   8.248   2.893   0.50 28.58  ? 52  SER A CA  1 
ATOM   406  C C   1 SER A 1 53  ? 4.534   8.809   3.138   0.50 38.07  ? 52  SER A C   1 
ATOM   407  C C   2 SER A 1 53  ? 4.569   8.778   3.115   0.50 37.13  ? 52  SER A C   1 
ATOM   408  O O   1 SER A 1 53  ? 5.002   9.711   2.447   0.50 39.44  ? 52  SER A O   1 
ATOM   409  O O   2 SER A 1 53  ? 5.005   9.711   2.385   0.50 39.42  ? 52  SER A O   1 
ATOM   410  C CB  1 SER A 1 53  ? 3.130   7.166   1.897   0.50 11.52  ? 52  SER A CB  1 
ATOM   411  C CB  2 SER A 1 53  ? 3.164   7.115   1.787   0.50 11.32  ? 52  SER A CB  1 
ATOM   412  O OG  1 SER A 1 53  ? 3.707   7.637   0.698   0.50 5.77   ? 52  SER A OG  1 
ATOM   413  O OG  2 SER A 1 53  ? 1.916   6.883   1.283   0.50 12.24  ? 52  SER A OG  1 
ATOM   414  N N   . THR A 1 54  ? 5.210   8.185   4.132   1.00 10.05  ? 53  THR A N   1 
ATOM   415  C CA  . THR A 1 54  ? 6.604   8.498   4.468   1.00 12.25  ? 53  THR A CA  1 
ATOM   416  C C   . THR A 1 54  ? 7.317   7.145   4.485   1.00 32.67  ? 53  THR A C   1 
ATOM   417  O O   . THR A 1 54  ? 6.671   6.085   4.519   1.00 14.48  ? 53  THR A O   1 
ATOM   418  C CB  . THR A 1 54  ? 6.802   9.040   5.923   1.00 10.34  ? 53  THR A CB  1 
ATOM   419  O OG1 . THR A 1 54  ? 6.316   8.100   6.926   1.00 11.07  ? 53  THR A OG1 1 
ATOM   420  C CG2 . THR A 1 54  ? 6.023   10.329  6.123   1.00 11.21  ? 53  THR A CG2 1 
ATOM   421  N N   . GLY A 1 55  ? 8.644   7.161   4.471   1.00 11.76  ? 54  GLY A N   1 
ATOM   422  C CA  . GLY A 1 55  ? 9.426   5.928   4.514   1.00 22.96  ? 54  GLY A CA  1 
ATOM   423  C C   . GLY A 1 55  ? 10.315  5.746   3.303   1.00 26.31  ? 54  GLY A C   1 
ATOM   424  O O   . GLY A 1 55  ? 10.745  6.715   2.707   1.00 17.52  ? 54  GLY A O   1 
ATOM   425  N N   . GLY A 1 56  ? 10.578  4.490   2.962   1.00 24.07  ? 55  GLY A N   1 
ATOM   426  C CA  . GLY A 1 56  ? 11.384  4.097   1.814   1.00 100.00 ? 55  GLY A CA  1 
ATOM   427  C C   . GLY A 1 56  ? 10.638  4.687   0.615   1.00 35.91  ? 55  GLY A C   1 
ATOM   428  O O   . GLY A 1 56  ? 9.411   4.561   0.486   1.00 56.47  ? 55  GLY A O   1 
ATOM   429  N N   . GLY A 1 57  ? 11.427  5.316   -0.239  1.00 100.00 ? 56  GLY A N   1 
ATOM   430  C CA  . GLY A 1 57  ? 10.894  5.954   -1.422  1.00 100.00 ? 56  GLY A CA  1 
ATOM   431  C C   . GLY A 1 57  ? 10.511  7.384   -1.042  1.00 100.00 ? 56  GLY A C   1 
ATOM   432  O O   . GLY A 1 57  ? 9.960   8.106   -1.873  1.00 100.00 ? 56  GLY A O   1 
ATOM   433  N N   . GLY A 1 58  ? 10.837  7.799   0.204   1.00 100.00 ? 57  GLY A N   1 
ATOM   434  C CA  . GLY A 1 58  ? 10.532  9.139   0.627   1.00 30.30  ? 57  GLY A CA  1 
ATOM   435  C C   . GLY A 1 58  ? 9.072   9.487   0.912   1.00 100.00 ? 57  GLY A C   1 
ATOM   436  O O   . GLY A 1 58  ? 8.165   8.654   0.862   1.00 36.40  ? 57  GLY A O   1 
ATOM   437  N N   . ALA A 1 59  ? 8.888   10.785  1.232   1.00 27.76  ? 58  ALA A N   1 
ATOM   438  C CA  . ALA A 1 59  ? 7.599   11.399  1.547   1.00 26.01  ? 58  ALA A CA  1 
ATOM   439  C C   . ALA A 1 59  ? 6.850   11.937  0.309   1.00 41.54  ? 58  ALA A C   1 
ATOM   440  O O   . ALA A 1 59  ? 7.404   12.661  -0.527  1.00 43.76  ? 58  ALA A O   1 
ATOM   441  C CB  . ALA A 1 59  ? 7.704   12.452  2.663   1.00 47.15  ? 58  ALA A CB  1 
ATOM   442  N N   . LYS A 1 60  ? 5.561   11.572  0.191   1.00 22.18  ? 59  LYS A N   1 
ATOM   443  C CA  . LYS A 1 60  ? 4.716   12.003  -0.926  1.00 24.13  ? 59  LYS A CA  1 
ATOM   444  C C   . LYS A 1 60  ? 3.230   12.036  -0.598  1.00 19.70  ? 59  LYS A C   1 
ATOM   445  O O   . LYS A 1 60  ? 2.764   11.279  0.258   1.00 13.40  ? 59  LYS A O   1 
ATOM   446  C CB  . LYS A 1 60  ? 4.891   11.226  -2.228  1.00 21.73  ? 59  LYS A CB  1 
ATOM   447  C CG  . LYS A 1 60  ? 4.620   9.748   -2.166  1.00 16.05  ? 59  LYS A CG  1 
ATOM   448  C CD  . LYS A 1 60  ? 5.676   9.043   -3.003  1.00 34.95  ? 59  LYS A CD  1 
ATOM   449  C CE  . LYS A 1 60  ? 5.241   7.751   -3.665  1.00 32.63  ? 59  LYS A CE  1 
ATOM   450  N NZ  . LYS A 1 60  ? 6.338   7.103   -4.436  1.00 28.84  ? 59  LYS A NZ  1 
ATOM   451  N N   . THR A 1 61  ? 2.524   12.925  -1.306  1.00 13.14  ? 60  THR A N   1 
ATOM   452  C CA  . THR A 1 61  ? 1.093   13.086  -1.168  1.00 9.98   ? 60  THR A CA  1 
ATOM   453  C C   . THR A 1 61  ? 0.459   12.963  -2.539  1.00 15.74  ? 60  THR A C   1 
ATOM   454  O O   . THR A 1 61  ? 0.683   13.825  -3.379  1.00 24.36  ? 60  THR A O   1 
ATOM   455  C CB  . THR A 1 61  ? 0.683   14.352  -0.488  1.00 16.60  ? 60  THR A CB  1 
ATOM   456  O OG1 . THR A 1 61  ? 1.233   14.375  0.819   1.00 17.23  ? 60  THR A OG1 1 
ATOM   457  C CG2 . THR A 1 61  ? -0.838  14.359  -0.380  1.00 13.29  ? 60  THR A CG2 1 
ATOM   458  N N   . VAL A 1 62  ? -0.310  11.889  -2.785  1.00 6.63   ? 61  VAL A N   1 
ATOM   459  C CA  . VAL A 1 62  ? -0.960  11.660  -4.077  1.00 5.16   ? 61  VAL A CA  1 
ATOM   460  C C   . VAL A 1 62  ? -2.492  11.692  -3.954  1.00 12.78  ? 61  VAL A C   1 
ATOM   461  O O   . VAL A 1 62  ? -3.052  11.234  -2.960  1.00 12.79  ? 61  VAL A O   1 
ATOM   462  C CB  . VAL A 1 62  ? -0.512  10.298  -4.544  1.00 15.21  ? 61  VAL A CB  1 
ATOM   463  C CG1 . VAL A 1 62  ? -1.093  10.052  -5.907  1.00 20.78  ? 61  VAL A CG1 1 
ATOM   464  C CG2 . VAL A 1 62  ? 1.017   10.357  -4.598  1.00 26.13  ? 61  VAL A CG2 1 
ATOM   465  N N   . SER A 1 63  ? -3.181  12.239  -4.957  1.00 11.30  ? 62  SER A N   1 
ATOM   466  C CA  . SER A 1 63  ? -4.647  12.331  -4.937  1.00 10.70  ? 62  SER A CA  1 
ATOM   467  C C   . SER A 1 63  ? -5.228  11.385  -5.956  1.00 19.00  ? 62  SER A C   1 
ATOM   468  O O   . SER A 1 63  ? -4.595  11.088  -6.992  1.00 14.13  ? 62  SER A O   1 
ATOM   469  C CB  . SER A 1 63  ? -5.223  13.733  -5.346  1.00 14.21  ? 62  SER A CB  1 
ATOM   470  O OG  . SER A 1 63  ? -4.664  14.672  -4.487  1.00 31.34  ? 62  SER A OG  1 
ATOM   471  N N   . PHE A 1 64  ? -6.445  10.931  -5.666  1.00 9.31   ? 63  PHE A N   1 
ATOM   472  C CA  . PHE A 1 64  ? -7.092  10.022  -6.588  1.00 14.89  ? 63  PHE A CA  1 
ATOM   473  C C   . PHE A 1 64  ? -8.574  10.034  -6.348  1.00 11.96  ? 63  PHE A C   1 
ATOM   474  O O   . PHE A 1 64  ? -9.011  10.557  -5.326  1.00 12.06  ? 63  PHE A O   1 
ATOM   475  C CB  . PHE A 1 64  ? -6.634  8.495   -6.384  1.00 7.60   ? 63  PHE A CB  1 
ATOM   476  C CG  . PHE A 1 64  ? -6.717  8.031   -4.963  1.00 10.79  ? 63  PHE A CG  1 
ATOM   477  C CD1 . PHE A 1 64  ? -7.875  7.458   -4.476  1.00 15.34  ? 63  PHE A CD1 1 
ATOM   478  C CD2 . PHE A 1 64  ? -5.608  8.161   -4.115  1.00 10.58  ? 63  PHE A CD2 1 
ATOM   479  C CE1 . PHE A 1 64  ? -7.962  7.030   -3.131  1.00 13.87  ? 63  PHE A CE1 1 
ATOM   480  C CE2 . PHE A 1 64  ? -5.680  7.764   -2.790  1.00 24.59  ? 63  PHE A CE2 1 
ATOM   481  C CZ  . PHE A 1 64  ? -6.877  7.198   -2.304  1.00 14.12  ? 63  PHE A CZ  1 
ATOM   482  N N   . LYS A 1 65  ? -9.290  9.450   -7.316  1.00 10.90  ? 64  LYS A N   1 
ATOM   483  C CA  . LYS A 1 65  ? -10.744 9.277   -7.327  1.00 20.15  ? 64  LYS A CA  1 
ATOM   484  C C   . LYS A 1 65  ? -11.014 7.786   -7.273  1.00 21.66  ? 64  LYS A C   1 
ATOM   485  O O   . LYS A 1 65  ? -10.331 7.024   -7.935  1.00 11.00  ? 64  LYS A O   1 
ATOM   486  C CB  . LYS A 1 65  ? -11.583 9.790   -8.503  1.00 15.60  ? 64  LYS A CB  1 
ATOM   487  C CG  . LYS A 1 65  ? -11.223 11.230  -8.772  1.00 28.06  ? 64  LYS A CG  1 
ATOM   488  C CD  . LYS A 1 65  ? -12.099 11.977  -9.768  1.00 47.27  ? 64  LYS A CD  1 
ATOM   489  C CE  . LYS A 1 65  ? -11.570 13.394  -9.995  1.00 38.60  ? 64  LYS A CE  1 
ATOM   490  N NZ  . LYS A 1 65  ? -12.302 14.441  -9.294  1.00 90.43  ? 64  LYS A NZ  1 
ATOM   491  N N   . SER A 1 66  ? -12.008 7.382   -6.493  1.00 11.30  ? 65  SER A N   1 
ATOM   492  C CA  . SER A 1 66  ? -12.365 5.978   -6.383  1.00 7.68   ? 65  SER A CA  1 
ATOM   493  C C   . SER A 1 66  ? -12.826 5.412   -7.725  1.00 22.08  ? 65  SER A C   1 
ATOM   494  O O   . SER A 1 66  ? -13.656 5.998   -8.393  1.00 11.95  ? 65  SER A O   1 
ATOM   495  C CB  . SER A 1 66  ? -13.415 5.794   -5.290  1.00 14.65  ? 65  SER A CB  1 
ATOM   496  O OG  . SER A 1 66  ? -13.760 4.438   -5.128  1.00 13.88  ? 65  SER A OG  1 
ATOM   497  N N   . GLY A 1 67  ? -12.294 4.274   -8.162  1.00 8.58   ? 66  GLY A N   1 
ATOM   498  C CA  . GLY A 1 67  ? -12.724 3.701   -9.427  1.00 6.18   ? 66  GLY A CA  1 
ATOM   499  C C   . GLY A 1 67  ? -11.985 4.155   -10.675 1.00 11.45  ? 66  GLY A C   1 
ATOM   500  O O   . GLY A 1 67  ? -12.287 3.704   -11.777 1.00 14.72  ? 66  GLY A O   1 
ATOM   501  N N   . VAL A 1 68  ? -11.015 5.039   -10.526 1.00 9.90   ? 67  VAL A N   1 
ATOM   502  C CA  . VAL A 1 68  ? -10.295 5.523   -11.693 1.00 11.57  ? 67  VAL A CA  1 
ATOM   503  C C   . VAL A 1 68  ? -8.847  5.075   -11.698 1.00 11.28  ? 67  VAL A C   1 
ATOM   504  O O   . VAL A 1 68  ? -8.091  5.319   -10.780 1.00 14.14  ? 67  VAL A O   1 
ATOM   505  C CB  . VAL A 1 68  ? -10.374 7.051   -11.734 1.00 15.63  ? 67  VAL A CB  1 
ATOM   506  C CG1 . VAL A 1 68  ? -9.563  7.634   -12.896 1.00 20.29  ? 67  VAL A CG1 1 
ATOM   507  C CG2 . VAL A 1 68  ? -11.855 7.468   -11.845 1.00 12.75  ? 67  VAL A CG2 1 
ATOM   508  N N   . GLU A 1 69  ? -8.454  4.420   -12.755 1.00 9.33   ? 68  GLU A N   1 
ATOM   509  C CA  . GLU A 1 69  ? -7.083  3.964   -12.834 1.00 7.45   ? 68  GLU A CA  1 
ATOM   510  C C   . GLU A 1 69  ? -6.143  5.085   -13.227 1.00 13.26  ? 68  GLU A C   1 
ATOM   511  O O   . GLU A 1 69  ? -6.520  5.968   -13.990 1.00 12.51  ? 68  GLU A O   1 
ATOM   512  C CB  . GLU A 1 69  ? -7.008  3.072   -14.072 1.00 15.21  ? 68  GLU A CB  1 
ATOM   513  C CG  . GLU A 1 69  ? -7.717  1.731   -13.986 1.00 27.45  ? 68  GLU A CG  1 
ATOM   514  C CD  . GLU A 1 69  ? -7.132  0.710   -14.965 1.00 43.70  ? 68  GLU A CD  1 
ATOM   515  O OE1 . GLU A 1 69  ? -6.209  1.150   -15.797 1.00 48.06  ? 68  GLU A OE1 1 
ATOM   516  O OE2 . GLU A 1 69  ? -7.507  -0.414  -14.990 1.00 22.95  ? 68  GLU A OE2 1 
ATOM   517  N N   . PHE A 1 70  ? -4.910  5.052   -12.731 1.00 10.13  ? 69  PHE A N   1 
ATOM   518  C CA  . PHE A 1 70  ? -3.949  6.084   -13.079 1.00 8.29   ? 69  PHE A CA  1 
ATOM   519  C C   . PHE A 1 70  ? -2.519  5.550   -13.035 1.00 10.27  ? 69  PHE A C   1 
ATOM   520  O O   . PHE A 1 70  ? -2.241  4.593   -12.314 1.00 10.92  ? 69  PHE A O   1 
ATOM   521  C CB  . PHE A 1 70  ? -4.077  7.251   -12.128 1.00 8.57   ? 69  PHE A CB  1 
ATOM   522  C CG  . PHE A 1 70  ? -3.880  6.981   -10.643 1.00 8.35   ? 69  PHE A CG  1 
ATOM   523  C CD1 . PHE A 1 70  ? -4.913  6.389   -9.882  1.00 7.58   ? 69  PHE A CD1 1 
ATOM   524  C CD2 . PHE A 1 70  ? -2.705  7.351   -9.984  1.00 8.90   ? 69  PHE A CD2 1 
ATOM   525  C CE1 . PHE A 1 70  ? -4.729  6.177   -8.523  1.00 8.90   ? 69  PHE A CE1 1 
ATOM   526  C CE2 . PHE A 1 70  ? -2.516  7.138   -8.620  1.00 8.84   ? 69  PHE A CE2 1 
ATOM   527  C CZ  . PHE A 1 70  ? -3.555  6.556   -7.870  1.00 7.10   ? 69  PHE A CZ  1 
ATOM   528  N N   . ASP A 1 71  ? -1.623  6.174   -13.810 1.00 8.60   ? 70  ASP A N   1 
ATOM   529  C CA  . ASP A 1 71  ? -0.228  5.798   -13.849 1.00 12.44  ? 70  ASP A CA  1 
ATOM   530  C C   . ASP A 1 71  ? 0.341   6.229   -12.513 1.00 12.18  ? 70  ASP A C   1 
ATOM   531  O O   . ASP A 1 71  ? 0.071   7.325   -12.013 1.00 8.24   ? 70  ASP A O   1 
ATOM   532  C CB  . ASP A 1 71  ? 0.496   6.513   -14.980 1.00 9.52   ? 70  ASP A CB  1 
ATOM   533  C CG  . ASP A 1 71  ? -0.022  6.148   -16.322 1.00 15.32  ? 70  ASP A CG  1 
ATOM   534  O OD1 . ASP A 1 71  ? -0.255  4.890   -16.522 1.00 15.47  ? 70  ASP A OD1 1 
ATOM   535  O OD2 . ASP A 1 71  ? -0.198  6.969   -17.146 1.00 23.86  ? 70  ASP A OD2 1 
ATOM   536  N N   . ASP A 1 72  ? 1.125   5.355   -11.905 1.00 6.45   ? 71  ASP A N   1 
ATOM   537  C CA  . ASP A 1 72  ? 1.692   5.646   -10.588 1.00 11.02  ? 71  ASP A CA  1 
ATOM   538  C C   . ASP A 1 72  ? 3.062   5.002   -10.323 1.00 8.64   ? 71  ASP A C   1 
ATOM   539  O O   . ASP A 1 72  ? 3.527   4.189   -11.101 1.00 11.18  ? 71  ASP A O   1 
ATOM   540  C CB  . ASP A 1 72  ? 0.625   5.018   -9.613  1.00 12.83  ? 71  ASP A CB  1 
ATOM   541  C CG  . ASP A 1 72  ? 0.599   5.367   -8.111  1.00 11.92  ? 71  ASP A CG  1 
ATOM   542  O OD1 . ASP A 1 72  ? 1.259   6.421   -7.760  1.00 8.03   ? 71  ASP A OD1 1 
ATOM   543  O OD2 . ASP A 1 72  ? -0.002  4.683   -7.320  1.00 11.53  ? 71  ASP A OD2 1 
ATOM   544  N N   . VAL A 1 73  ? 3.684   5.401   -9.213  1.00 10.23  ? 72  VAL A N   1 
ATOM   545  C CA  . VAL A 1 73  ? 4.977   4.894   -8.790  1.00 9.72   ? 72  VAL A CA  1 
ATOM   546  C C   . VAL A 1 73  ? 4.846   4.586   -7.309  1.00 8.17   ? 72  VAL A C   1 
ATOM   547  O O   . VAL A 1 73  ? 4.525   5.471   -6.524  1.00 10.30  ? 72  VAL A O   1 
ATOM   548  C CB  . VAL A 1 73  ? 6.081   5.894   -9.021  1.00 9.14   ? 72  VAL A CB  1 
ATOM   549  C CG1 . VAL A 1 73  ? 7.369   5.218   -8.565  1.00 11.07  ? 72  VAL A CG1 1 
ATOM   550  C CG2 . VAL A 1 73  ? 6.178   6.293   -10.486 1.00 10.93  ? 72  VAL A CG2 1 
ATOM   551  N N   . ILE A 1 74  ? 5.067   3.333   -6.929  1.00 11.30  ? 73  ILE A N   1 
ATOM   552  C CA  . ILE A 1 74  ? 4.960   2.931   -5.537  1.00 15.65  ? 73  ILE A CA  1 
ATOM   553  C C   . ILE A 1 74  ? 6.173   2.142   -5.057  1.00 22.66  ? 73  ILE A C   1 
ATOM   554  O O   . ILE A 1 74  ? 7.069   1.775   -5.834  1.00 14.58  ? 73  ILE A O   1 
ATOM   555  C CB  . ILE A 1 74  ? 3.708   2.047   -5.378  1.00 16.03  ? 73  ILE A CB  1 
ATOM   556  C CG1 . ILE A 1 74  ? 3.835   0.815   -6.221  1.00 15.18  ? 73  ILE A CG1 1 
ATOM   557  C CG2 . ILE A 1 74  ? 2.412   2.802   -5.779  1.00 20.92  ? 73  ILE A CG2 1 
ATOM   558  C CD1 . ILE A 1 74  ? 2.891   -0.294  -5.735  1.00 26.03  ? 73  ILE A CD1 1 
ATOM   559  N N   . GLY A 1 75  ? 6.213   1.860   -3.760  1.00 17.04  ? 74  GLY A N   1 
ATOM   560  C CA  . GLY A 1 75  ? 7.331   1.101   -3.258  1.00 20.37  ? 74  GLY A CA  1 
ATOM   561  C C   . GLY A 1 75  ? 8.625   1.842   -3.426  1.00 17.27  ? 74  GLY A C   1 
ATOM   562  O O   . GLY A 1 75  ? 8.740   3.005   -3.088  1.00 20.10  ? 74  GLY A O   1 
ATOM   563  N N   . ALA A 1 76  ? 9.604   1.158   -3.949  1.00 27.14  ? 75  ALA A N   1 
ATOM   564  C CA  . ALA A 1 76  ? 10.880  1.780   -4.132  1.00 29.81  ? 75  ALA A CA  1 
ATOM   565  C C   . ALA A 1 76  ? 11.113  2.087   -5.578  1.00 26.81  ? 75  ALA A C   1 
ATOM   566  O O   . ALA A 1 76  ? 12.076  1.634   -6.163  1.00 31.84  ? 75  ALA A O   1 
ATOM   567  C CB  . ALA A 1 76  ? 11.959  0.839   -3.605  1.00 27.49  ? 75  ALA A CB  1 
ATOM   568  N N   . GLY A 1 77  ? 10.199  2.852   -6.141  1.00 21.09  ? 76  GLY A N   1 
ATOM   569  C CA  . GLY A 1 77  ? 10.264  3.273   -7.526  1.00 10.68  ? 76  GLY A CA  1 
ATOM   570  C C   . GLY A 1 77  ? 9.634   2.391   -8.588  1.00 19.34  ? 76  GLY A C   1 
ATOM   571  O O   . GLY A 1 77  ? 10.009  2.534   -9.751  1.00 16.83  ? 76  GLY A O   1 
ATOM   572  N N   . ASP A 1 78  ? 8.694   1.510   -8.226  1.00 9.42   ? 77  ASP A N   1 
ATOM   573  C CA  . ASP A 1 78  ? 8.065   0.617   -9.186  1.00 9.82   ? 77  ASP A CA  1 
ATOM   574  C C   . ASP A 1 78  ? 6.949   1.287   -9.958  1.00 10.73  ? 77  ASP A C   1 
ATOM   575  O O   . ASP A 1 78  ? 6.078   1.875   -9.345  1.00 11.34  ? 77  ASP A O   1 
ATOM   576  C CB  . ASP A 1 78  ? 7.576   -0.629  -8.385  1.00 13.89  ? 77  ASP A CB  1 
ATOM   577  C CG  . ASP A 1 78  ? 8.733   -1.184  -7.515  1.00 29.31  ? 77  ASP A CG  1 
ATOM   578  O OD1 . ASP A 1 78  ? 9.590   -1.829  -8.237  1.00 41.96  ? 77  ASP A OD1 1 
ATOM   579  O OD2 . ASP A 1 78  ? 8.900   -1.029  -6.287  1.00 33.64  ? 77  ASP A OD2 1 
ATOM   580  N N   . SER A 1 79  ? 6.997   1.185   -11.286 1.00 10.53  ? 78  SER A N   1 
ATOM   581  C CA  . SER A 1 79  ? 5.977   1.796   -12.147 1.00 15.66  ? 78  SER A CA  1 
ATOM   582  C C   . SER A 1 79  ? 4.769   0.920   -12.260 1.00 22.52  ? 78  SER A C   1 
ATOM   583  O O   . SER A 1 79  ? 4.889   -0.223  -12.642 1.00 16.45  ? 78  SER A O   1 
ATOM   584  C CB  . SER A 1 79  ? 6.453   2.011   -13.602 1.00 11.86  ? 78  SER A CB  1 
ATOM   585  O OG  . SER A 1 79  ? 7.623   2.845   -13.536 1.00 11.59  ? 78  SER A OG  1 
ATOM   586  N N   . VAL A 1 80  ? 3.599   1.429   -11.945 1.00 7.18   ? 79  VAL A N   1 
ATOM   587  C CA  . VAL A 1 80  ? 2.420   0.585   -12.075 1.00 6.06   ? 79  VAL A CA  1 
ATOM   588  C C   . VAL A 1 80  ? 1.200   1.403   -12.507 1.00 10.61  ? 79  VAL A C   1 
ATOM   589  O O   . VAL A 1 80  ? 1.259   2.619   -12.665 1.00 10.55  ? 79  VAL A O   1 
ATOM   590  C CB  . VAL A 1 80  ? 2.069   -0.013  -10.669 1.00 20.66  ? 79  VAL A CB  1 
ATOM   591  C CG1 . VAL A 1 80  ? 3.275   -0.825  -10.139 1.00 17.78  ? 79  VAL A CG1 1 
ATOM   592  C CG2 . VAL A 1 80  ? 1.703   1.118   -9.647  1.00 9.38   ? 79  VAL A CG2 1 
ATOM   593  N N   . LYS A 1 81  ? 0.091   0.717   -12.699 1.00 7.83   ? 80  LYS A N   1 
ATOM   594  C CA  . LYS A 1 81  ? -1.165  1.334   -13.032 1.00 11.15  ? 80  LYS A CA  1 
ATOM   595  C C   . LYS A 1 81  ? -1.897  1.081   -11.687 1.00 17.81  ? 80  LYS A C   1 
ATOM   596  O O   . LYS A 1 81  ? -2.011  -0.078  -11.269 1.00 9.22   ? 80  LYS A O   1 
ATOM   597  C CB  . LYS A 1 81  ? -1.944  0.664   -14.115 1.00 12.99  ? 80  LYS A CB  1 
ATOM   598  C CG  . LYS A 1 81  ? -3.097  1.511   -14.506 1.00 20.39  ? 80  LYS A CG  1 
ATOM   599  C CD  . LYS A 1 81  ? -2.630  2.617   -15.421 1.00 30.26  ? 80  LYS A CD  1 
ATOM   600  C CE  . LYS A 1 81  ? -3.223  2.477   -16.798 1.00 42.64  ? 80  LYS A CE  1 
ATOM   601  N NZ  . LYS A 1 81  ? -2.483  3.249   -17.774 1.00 25.20  ? 80  LYS A NZ  1 
ATOM   602  N N   . SER A 1 82  ? -2.370  2.105   -10.959 1.00 10.86  ? 81  SER A N   1 
ATOM   603  C CA  . SER A 1 82  ? -3.049  1.826   -9.678  1.00 12.33  ? 81  SER A CA  1 
ATOM   604  C C   . SER A 1 82  ? -4.531  2.141   -9.797  1.00 8.50   ? 81  SER A C   1 
ATOM   605  O O   . SER A 1 82  ? -4.926  2.954   -10.625 1.00 10.52  ? 81  SER A O   1 
ATOM   606  C CB  . SER A 1 82  ? -2.523  2.802   -8.539  1.00 9.89   ? 81  SER A CB  1 
ATOM   607  O OG  . SER A 1 82  ? -1.271  2.537   -7.998  1.00 13.63  ? 81  SER A OG  1 
ATOM   608  N N   . MET A 1 83  ? -5.349  1.521   -8.972  1.00 7.56   ? 82  MET A N   1 
ATOM   609  C CA  . MET A 1 83  ? -6.768  1.795   -8.974  1.00 8.53   ? 82  MET A CA  1 
ATOM   610  C C   . MET A 1 83  ? -7.247  1.605   -7.548  1.00 12.13  ? 82  MET A C   1 
ATOM   611  O O   . MET A 1 83  ? -7.119  0.509   -7.006  1.00 14.09  ? 82  MET A O   1 
ATOM   612  C CB  . MET A 1 83  ? -7.635  0.977   -9.968  1.00 8.92   ? 82  MET A CB  1 
ATOM   613  C CG  . MET A 1 83  ? -9.011  1.573   -10.175 1.00 31.46  ? 82  MET A CG  1 
ATOM   614  S SD  . MET A 1 83  ? -10.142 0.611   -9.200  1.00 26.76  ? 82  MET A SD  1 
ATOM   615  C CE  . MET A 1 83  ? -10.711 -0.504  -10.427 1.00 36.09  ? 82  MET A CE  1 
ATOM   616  N N   . TYR A 1 84  ? -7.774  2.641   -6.906  1.00 8.89   ? 83  TYR A N   1 
ATOM   617  C CA  . TYR A 1 84  ? -8.234  2.420   -5.565  1.00 7.31   ? 83  TYR A CA  1 
ATOM   618  C C   . TYR A 1 84  ? -9.756  2.504   -5.582  1.00 14.98  ? 83  TYR A C   1 
ATOM   619  O O   . TYR A 1 84  ? -10.315 3.285   -6.333  1.00 12.12  ? 83  TYR A O   1 
ATOM   620  C CB  . TYR A 1 84  ? -7.837  3.547   -4.622  1.00 11.18  ? 83  TYR A CB  1 
ATOM   621  C CG  . TYR A 1 84  ? -6.399  3.716   -4.226  1.00 14.85  ? 83  TYR A CG  1 
ATOM   622  C CD1 . TYR A 1 84  ? -5.465  4.228   -5.147  1.00 11.34  ? 83  TYR A CD1 1 
ATOM   623  C CD2 . TYR A 1 84  ? -5.996  3.365   -2.936  1.00 11.92  ? 83  TYR A CD2 1 
ATOM   624  C CE1 . TYR A 1 84  ? -4.156  4.399   -4.751  1.00 5.33   ? 83  TYR A CE1 1 
ATOM   625  C CE2 . TYR A 1 84  ? -4.691  3.508   -2.545  1.00 9.27   ? 83  TYR A CE2 1 
ATOM   626  C CZ  . TYR A 1 84  ? -3.764  4.050   -3.471  1.00 6.23   ? 83  TYR A CZ  1 
ATOM   627  O OH  . TYR A 1 84  ? -2.455  4.233   -3.073  1.00 17.17  ? 83  TYR A OH  1 
ATOM   628  N N   . THR A 1 85  ? -10.402 1.688   -4.751  1.00 10.73  ? 84  THR A N   1 
ATOM   629  C CA  . THR A 1 85  ? -11.849 1.614   -4.546  1.00 9.21   ? 84  THR A CA  1 
ATOM   630  C C   . THR A 1 85  ? -11.988 1.951   -3.066  1.00 18.87  ? 84  THR A C   1 
ATOM   631  O O   . THR A 1 85  ? -11.374 1.249   -2.251  1.00 15.79  ? 84  THR A O   1 
ATOM   632  C CB  . THR A 1 85  ? -12.398 0.191   -4.716  1.00 18.36  ? 84  THR A CB  1 
ATOM   633  O OG1 . THR A 1 85  ? -12.307 -0.052  -6.108  1.00 24.46  ? 84  THR A OG1 1 
ATOM   634  C CG2 . THR A 1 85  ? -13.848 0.251   -4.336  1.00 33.75  ? 84  THR A CG2 1 
ATOM   635  N N   . VAL A 1 86  ? -12.743 3.023   -2.732  1.00 15.24  ? 85  VAL A N   1 
ATOM   636  C CA  . VAL A 1 86  ? -12.990 3.476   -1.354  1.00 11.41  ? 85  VAL A CA  1 
ATOM   637  C C   . VAL A 1 86  ? -14.433 3.062   -1.046  1.00 17.81  ? 85  VAL A C   1 
ATOM   638  O O   . VAL A 1 86  ? -15.352 3.493   -1.766  1.00 13.67  ? 85  VAL A O   1 
ATOM   639  C CB  . VAL A 1 86  ? -12.793 4.963   -1.217  1.00 13.96  ? 85  VAL A CB  1 
ATOM   640  C CG1 . VAL A 1 86  ? -12.975 5.253   0.248   1.00 15.70  ? 85  VAL A CG1 1 
ATOM   641  C CG2 . VAL A 1 86  ? -11.340 5.274   -1.578  1.00 11.99  ? 85  VAL A CG2 1 
ATOM   642  N N   . ASP A 1 87  ? -14.644 2.204   -0.026  1.00 8.69   ? 86  ASP A N   1 
ATOM   643  C CA  . ASP A 1 87  ? -15.990 1.728   0.294   1.00 11.03  ? 86  ASP A CA  1 
ATOM   644  C C   . ASP A 1 87  ? -16.075 1.626   1.775   1.00 15.43  ? 86  ASP A C   1 
ATOM   645  O O   . ASP A 1 87  ? -15.783 0.603   2.391   1.00 10.25  ? 86  ASP A O   1 
ATOM   646  C CB  . ASP A 1 87  ? -16.263 0.372   -0.454  1.00 16.48  ? 86  ASP A CB  1 
ATOM   647  C CG  . ASP A 1 87  ? -17.646 -0.278  -0.429  1.00 22.16  ? 86  ASP A CG  1 
ATOM   648  O OD1 . ASP A 1 87  ? -18.523 0.298   0.326   1.00 16.33  ? 86  ASP A OD1 1 
ATOM   649  O OD2 . ASP A 1 87  ? -17.930 -1.271  -1.030  1.00 35.67  ? 86  ASP A OD2 1 
ATOM   650  N N   . GLY A 1 88  ? -16.458 2.742   2.334   1.00 9.97   ? 87  GLY A N   1 
ATOM   651  C CA  . GLY A 1 88  ? -16.579 2.822   3.773   1.00 13.38  ? 87  GLY A CA  1 
ATOM   652  C C   . GLY A 1 88  ? -15.209 2.710   4.479   1.00 10.76  ? 87  GLY A C   1 
ATOM   653  O O   . GLY A 1 88  ? -14.295 3.496   4.275   1.00 17.74  ? 87  GLY A O   1 
ATOM   654  N N   . ASN A 1 89  ? -15.077 1.708   5.339   1.00 7.39   ? 88  ASN A N   1 
ATOM   655  C CA  . ASN A 1 89  ? -13.844 1.502   6.077   1.00 10.98  ? 88  ASN A CA  1 
ATOM   656  C C   . ASN A 1 89  ? -12.876 0.578   5.312   1.00 11.85  ? 88  ASN A C   1 
ATOM   657  O O   . ASN A 1 89  ? -11.820 0.255   5.824   1.00 12.00  ? 88  ASN A O   1 
ATOM   658  C CB  . ASN A 1 89  ? -14.067 0.860   7.469   1.00 14.04  ? 88  ASN A CB  1 
ATOM   659  C CG  . ASN A 1 89  ? -14.797 -0.461  7.215   1.00 27.97  ? 88  ASN A CG  1 
ATOM   660  O OD1 . ASN A 1 89  ? -16.036 -0.458  7.045   1.00 100.00 ? 88  ASN A OD1 1 
ATOM   661  N ND2 . ASN A 1 89  ? -14.074 -1.573  7.125   1.00 99.42  ? 88  ASN A ND2 1 
ATOM   662  N N   . VAL A 1 90  ? -13.232 0.154   4.110   1.00 8.44   ? 89  VAL A N   1 
ATOM   663  C CA  . VAL A 1 90  ? -12.352 -0.725  3.336   1.00 7.60   ? 89  VAL A CA  1 
ATOM   664  C C   . VAL A 1 90  ? -11.854 -0.010  2.090   1.00 7.24   ? 89  VAL A C   1 
ATOM   665  O O   . VAL A 1 90  ? -12.677 0.411   1.278   1.00 12.96  ? 89  VAL A O   1 
ATOM   666  C CB  . VAL A 1 90  ? -13.087 -2.010  2.806   1.00 12.53  ? 89  VAL A CB  1 
ATOM   667  C CG1 . VAL A 1 90  ? -12.090 -2.913  2.052   1.00 11.57  ? 89  VAL A CG1 1 
ATOM   668  C CG2 . VAL A 1 90  ? -13.609 -2.777  3.981   1.00 16.37  ? 89  VAL A CG2 1 
ATOM   669  N N   . VAL A 1 91  ? -10.534 0.123   1.932   1.00 5.88   ? 90  VAL A N   1 
ATOM   670  C CA  . VAL A 1 91  ? -9.958  0.770   0.762   1.00 11.30  ? 90  VAL A CA  1 
ATOM   671  C C   . VAL A 1 91  ? -9.192  -0.346  0.032   1.00 14.88  ? 90  VAL A C   1 
ATOM   672  O O   . VAL A 1 91  ? -8.351  -0.963  0.670   1.00 8.65   ? 90  VAL A O   1 
ATOM   673  C CB  . VAL A 1 91  ? -8.957  1.825   1.258   1.00 12.63  ? 90  VAL A CB  1 
ATOM   674  C CG1 . VAL A 1 91  ? -8.305  2.465   0.019   1.00 13.89  ? 90  VAL A CG1 1 
ATOM   675  C CG2 . VAL A 1 91  ? -9.773  2.926   1.979   1.00 14.90  ? 90  VAL A CG2 1 
ATOM   676  N N   . THR A 1 92  ? -9.480  -0.629  -1.248  1.00 7.87   ? 91  THR A N   1 
ATOM   677  C CA  . THR A 1 92  ? -8.780  -1.694  -1.952  1.00 8.74   ? 91  THR A CA  1 
ATOM   678  C C   . THR A 1 92  ? -7.959  -1.072  -3.027  1.00 12.20  ? 91  THR A C   1 
ATOM   679  O O   . THR A 1 92  ? -8.470  -0.301  -3.813  1.00 12.55  ? 91  THR A O   1 
ATOM   680  C CB  . THR A 1 92  ? -9.814  -2.594  -2.624  1.00 10.48  ? 91  THR A CB  1 
ATOM   681  O OG1 . THR A 1 92  ? -10.660 -3.121  -1.612  1.00 12.06  ? 91  THR A OG1 1 
ATOM   682  C CG2 . THR A 1 92  ? -9.180  -3.784  -3.305  1.00 9.19   ? 91  THR A CG2 1 
ATOM   683  N N   . HIS A 1 93  ? -6.692  -1.395  -3.052  1.00 5.83   ? 92  HIS A N   1 
ATOM   684  C CA  . HIS A 1 93  ? -5.821  -0.846  -4.068  1.00 7.05   ? 92  HIS A CA  1 
ATOM   685  C C   . HIS A 1 93  ? -5.392  -1.965  -4.969  1.00 14.11  ? 92  HIS A C   1 
ATOM   686  O O   . HIS A 1 93  ? -4.751  -2.881  -4.467  1.00 11.29  ? 92  HIS A O   1 
ATOM   687  C CB  . HIS A 1 93  ? -4.565  -0.391  -3.318  1.00 9.03   ? 92  HIS A CB  1 
ATOM   688  C CG  . HIS A 1 93  ? -3.541  0.364   -4.083  1.00 14.37  ? 92  HIS A CG  1 
ATOM   689  N ND1 . HIS A 1 93  ? -2.359  0.915   -3.436  1.00 8.73   ? 92  HIS A ND1 1 
ATOM   690  C CD2 . HIS A 1 93  ? -3.501  0.644   -5.385  1.00 17.47  ? 92  HIS A CD2 1 
ATOM   691  C CE1 . HIS A 1 93  ? -1.704  1.536   -4.405  1.00 8.91   ? 92  HIS A CE1 1 
ATOM   692  N NE2 . HIS A 1 93  ? -2.307  1.390   -5.568  1.00 19.45  ? 92  HIS A NE2 1 
ATOM   693  N N   . VAL A 1 94  ? -5.755  -1.905  -6.250  1.00 9.66   ? 93  VAL A N   1 
ATOM   694  C CA  . VAL A 1 94  ? -5.377  -2.949  -7.180  1.00 21.33  ? 93  VAL A CA  1 
ATOM   695  C C   . VAL A 1 94  ? -4.232  -2.382  -7.969  1.00 12.19  ? 93  VAL A C   1 
ATOM   696  O O   . VAL A 1 94  ? -4.352  -1.243  -8.417  1.00 6.84   ? 93  VAL A O   1 
ATOM   697  C CB  . VAL A 1 94  ? -6.478  -3.358  -8.147  1.00 17.38  ? 93  VAL A CB  1 
ATOM   698  C CG1 . VAL A 1 94  ? -5.997  -4.475  -9.118  1.00 15.86  ? 93  VAL A CG1 1 
ATOM   699  C CG2 . VAL A 1 94  ? -7.741  -3.707  -7.381  1.00 18.63  ? 93  VAL A CG2 1 
ATOM   700  N N   . VAL A 1 95  ? -3.135  -3.133  -8.136  1.00 7.56   ? 94  VAL A N   1 
ATOM   701  C CA  . VAL A 1 95  ? -2.045  -2.536  -8.895  1.00 13.59  ? 94  VAL A CA  1 
ATOM   702  C C   . VAL A 1 95  ? -1.637  -3.470  -9.992  1.00 18.43  ? 94  VAL A C   1 
ATOM   703  O O   . VAL A 1 95  ? -1.580  -4.666  -9.742  1.00 14.43  ? 94  VAL A O   1 
ATOM   704  C CB  . VAL A 1 95  ? -0.827  -2.156  -8.035  1.00 16.27  ? 94  VAL A CB  1 
ATOM   705  C CG1 . VAL A 1 95  ? -1.203  -1.237  -6.870  1.00 11.74  ? 94  VAL A CG1 1 
ATOM   706  C CG2 . VAL A 1 95  ? -0.239  -3.409  -7.472  1.00 21.08  ? 94  VAL A CG2 1 
ATOM   707  N N   . LYS A 1 96  ? -1.366  -2.937  -11.184 1.00 9.35   ? 95  LYS A N   1 
ATOM   708  C CA  . LYS A 1 96  ? -0.957  -3.785  -12.321 1.00 12.14  ? 95  LYS A CA  1 
ATOM   709  C C   . LYS A 1 96  ? 0.440   -3.378  -12.741 1.00 14.62  ? 95  LYS A C   1 
ATOM   710  O O   . LYS A 1 96  ? 0.658   -2.227  -13.062 1.00 10.40  ? 95  LYS A O   1 
ATOM   711  C CB  . LYS A 1 96  ? -1.962  -3.750  -13.551 1.00 17.14  ? 95  LYS A CB  1 
ATOM   712  C CG  . LYS A 1 96  ? -1.457  -4.339  -14.869 1.00 99.61  ? 95  LYS A CG  1 
ATOM   713  C CD  . LYS A 1 96  ? -0.565  -5.538  -14.686 1.00 44.23  ? 95  LYS A CD  1 
ATOM   714  C CE  . LYS A 1 96  ? -0.112  -5.967  -16.046 1.00 99.77  ? 95  LYS A CE  1 
ATOM   715  N NZ  . LYS A 1 96  ? 0.498   -7.278  -16.016 1.00 86.56  ? 95  LYS A NZ  1 
ATOM   716  N N   . GLY A 1 97  ? 1.401   -4.287  -12.734 1.00 12.79  ? 96  GLY A N   1 
ATOM   717  C CA  . GLY A 1 97  ? 2.744   -3.900  -13.125 1.00 14.62  ? 96  GLY A CA  1 
ATOM   718  C C   . GLY A 1 97  ? 3.280   -4.887  -14.129 1.00 23.50  ? 96  GLY A C   1 
ATOM   719  O O   . GLY A 1 97  ? 2.568   -5.791  -14.525 1.00 16.82  ? 96  GLY A O   1 
ATOM   720  N N   . ASP A 1 98  ? 4.523   -4.751  -14.555 1.00 20.89  ? 97  ASP A N   1 
ATOM   721  C CA  . ASP A 1 98  ? 5.042   -5.710  -15.525 1.00 28.18  ? 97  ASP A CA  1 
ATOM   722  C C   . ASP A 1 98  ? 5.045   -7.130  -14.968 1.00 15.66  ? 97  ASP A C   1 
ATOM   723  O O   . ASP A 1 98  ? 4.836   -8.121  -15.692 1.00 18.00  ? 97  ASP A O   1 
ATOM   724  C CB  . ASP A 1 98  ? 6.562   -5.493  -15.726 1.00 27.32  ? 97  ASP A CB  1 
ATOM   725  C CG  . ASP A 1 98  ? 6.989   -4.291  -16.450 1.00 68.53  ? 97  ASP A CG  1 
ATOM   726  O OD1 . ASP A 1 98  ? 6.314   -4.107  -17.568 1.00 53.63  ? 97  ASP A OD1 1 
ATOM   727  O OD2 . ASP A 1 98  ? 7.896   -3.602  -16.030 1.00 99.97  ? 97  ASP A OD2 1 
ATOM   728  N N   . ALA A 1 99  ? 5.317   -7.218  -13.664 1.00 12.28  ? 98  ALA A N   1 
ATOM   729  C CA  . ALA A 1 99  ? 5.370   -8.527  -13.020 1.00 15.60  ? 98  ALA A CA  1 
ATOM   730  C C   . ALA A 1 99  ? 4.016   -9.232  -12.861 1.00 18.16  ? 98  ALA A C   1 
ATOM   731  O O   . ALA A 1 99  ? 3.941   -10.460 -12.736 1.00 15.66  ? 98  ALA A O   1 
ATOM   732  C CB  . ALA A 1 99  ? 6.068   -8.436  -11.651 1.00 14.23  ? 98  ALA A CB  1 
ATOM   733  N N   . GLY A 1 100 ? 2.918   -8.478  -12.841 1.00 12.70  ? 99  GLY A N   1 
ATOM   734  C CA  . GLY A 1 100 ? 1.626   -9.115  -12.666 1.00 8.05   ? 99  GLY A CA  1 
ATOM   735  C C   . GLY A 1 100 ? 0.658   -8.183  -11.940 1.00 12.83  ? 99  GLY A C   1 
ATOM   736  O O   . GLY A 1 100 ? 0.799   -6.974  -12.058 1.00 9.54   ? 99  GLY A O   1 
ATOM   737  N N   . VAL A 1 101 ? -0.313  -8.739  -11.204 1.00 8.13   ? 100 VAL A N   1 
ATOM   738  C CA  . VAL A 1 101 ? -1.304  -7.930  -10.491 1.00 5.16   ? 100 VAL A CA  1 
ATOM   739  C C   . VAL A 1 101 ? -1.293  -8.197  -9.014  1.00 12.60  ? 100 VAL A C   1 
ATOM   740  O O   . VAL A 1 101 ? -1.138  -9.333  -8.611  1.00 16.10  ? 100 VAL A O   1 
ATOM   741  C CB  . VAL A 1 101 ? -2.675  -8.404  -11.019 1.00 10.63  ? 100 VAL A CB  1 
ATOM   742  C CG1 . VAL A 1 101 ? -3.806  -7.669  -10.326 1.00 19.92  ? 100 VAL A CG1 1 
ATOM   743  C CG2 . VAL A 1 101 ? -2.798  -8.021  -12.475 1.00 18.92  ? 100 VAL A CG2 1 
ATOM   744  N N   . ALA A 1 102 ? -1.444  -7.179  -8.193  1.00 6.28   ? 101 ALA A N   1 
ATOM   745  C CA  . ALA A 1 102 ? -1.450  -7.434  -6.773  1.00 5.99   ? 101 ALA A CA  1 
ATOM   746  C C   . ALA A 1 102 ? -2.630  -6.657  -6.200  1.00 17.98  ? 101 ALA A C   1 
ATOM   747  O O   . ALA A 1 102 ? -3.061  -5.640  -6.787  1.00 11.54  ? 101 ALA A O   1 
ATOM   748  C CB  . ALA A 1 102 ? -0.193  -6.958  -6.087  1.00 5.54   ? 101 ALA A CB  1 
ATOM   749  N N   . THR A 1 103 ? -3.144  -7.132  -5.055  1.00 11.90  ? 102 THR A N   1 
ATOM   750  C CA  . THR A 1 103 ? -4.273  -6.496  -4.383  1.00 8.02   ? 102 THR A CA  1 
ATOM   751  C C   . THR A 1 103 ? -3.877  -6.180  -2.962  1.00 7.62   ? 102 THR A C   1 
ATOM   752  O O   . THR A 1 103 ? -3.361  -7.021  -2.253  1.00 9.43   ? 102 THR A O   1 
ATOM   753  C CB  . THR A 1 103 ? -5.500  -7.470  -4.384  1.00 4.50   ? 102 THR A CB  1 
ATOM   754  O OG1 . THR A 1 103 ? -5.907  -7.591  -5.723  1.00 13.86  ? 102 THR A OG1 1 
ATOM   755  C CG2 . THR A 1 103 ? -6.662  -6.884  -3.620  1.00 15.56  ? 102 THR A CG2 1 
ATOM   756  N N   . PHE A 1 104 ? -4.091  -4.958  -2.535  1.00 7.25   ? 103 PHE A N   1 
ATOM   757  C CA  . PHE A 1 104 ? -3.762  -4.579  -1.174  1.00 6.34   ? 103 PHE A CA  1 
ATOM   758  C C   . PHE A 1 104 ? -5.106  -4.162  -0.565  1.00 12.51  ? 103 PHE A C   1 
ATOM   759  O O   . PHE A 1 104 ? -5.636  -3.116  -0.939  1.00 12.54  ? 103 PHE A O   1 
ATOM   760  C CB  . PHE A 1 104 ? -2.815  -3.376  -1.081  1.00 10.93  ? 103 PHE A CB  1 
ATOM   761  C CG  . PHE A 1 104 ? -1.571  -3.554  -1.934  1.00 13.21  ? 103 PHE A CG  1 
ATOM   762  C CD1 . PHE A 1 104 ? -0.551  -4.353  -1.548  1.00 23.27  ? 103 PHE A CD1 1 
ATOM   763  C CD2 . PHE A 1 104 ? -1.467  -2.828  -3.143  1.00 36.17  ? 103 PHE A CD2 1 
ATOM   764  C CE1 . PHE A 1 104 ? 0.597   -4.483  -2.368  1.00 30.62  ? 103 PHE A CE1 1 
ATOM   765  C CE2 . PHE A 1 104 ? -0.346  -2.934  -3.950  1.00 48.75  ? 103 PHE A CE2 1 
ATOM   766  C CZ  . PHE A 1 104 ? 0.676   -3.784  -3.556  1.00 14.43  ? 103 PHE A CZ  1 
ATOM   767  N N   . LYS A 1 105 ? -5.674  -4.995  0.321   1.00 6.40   ? 104 LYS A N   1 
ATOM   768  C CA  . LYS A 1 105 ? -6.969  -4.740  0.972   1.00 7.39   ? 104 LYS A CA  1 
ATOM   769  C C   . LYS A 1 105 ? -6.695  -4.032  2.304   1.00 10.97  ? 104 LYS A C   1 
ATOM   770  O O   . LYS A 1 105 ? -6.097  -4.622  3.215   1.00 9.96   ? 104 LYS A O   1 
ATOM   771  C CB  . LYS A 1 105 ? -7.796  -6.040  1.063   1.00 8.30   ? 104 LYS A CB  1 
ATOM   772  C CG  . LYS A 1 105 ? -9.278  -5.848  1.512   1.00 13.70  ? 104 LYS A CG  1 
ATOM   773  C CD  . LYS A 1 105 ? -9.962  -7.219  1.722   1.00 25.35  ? 104 LYS A CD  1 
ATOM   774  C CE  . LYS A 1 105 ? -11.121 -7.405  2.734   1.00 38.97  ? 104 LYS A CE  1 
ATOM   775  N NZ  . LYS A 1 105 ? -12.290 -8.107  2.168   1.00 80.05  ? 104 LYS A NZ  1 
ATOM   776  N N   . LYS A 1 106 ? -7.097  -2.752  2.400   1.00 6.44   ? 105 LYS A N   1 
ATOM   777  C CA  . LYS A 1 106 ? -6.840  -1.983  3.615   1.00 4.87   ? 105 LYS A CA  1 
ATOM   778  C C   . LYS A 1 106 ? -8.100  -1.841  4.440   1.00 14.16  ? 105 LYS A C   1 
ATOM   779  O O   . LYS A 1 106 ? -9.033  -1.203  4.014   1.00 12.51  ? 105 LYS A O   1 
ATOM   780  C CB  . LYS A 1 106 ? -6.358  -0.618  3.184   1.00 6.33   ? 105 LYS A CB  1 
ATOM   781  C CG  . LYS A 1 106 ? -5.263  -0.715  2.137   1.00 13.02  ? 105 LYS A CG  1 
ATOM   782  C CD  . LYS A 1 106 ? -4.638  0.608   1.618   1.00 16.30  ? 105 LYS A CD  1 
ATOM   783  C CE  . LYS A 1 106 ? -4.029  1.528   2.644   1.00 20.54  ? 105 LYS A CE  1 
ATOM   784  N NZ  . LYS A 1 106 ? -3.559  2.803   2.024   1.00 20.34  ? 105 LYS A NZ  1 
ATOM   785  N N   . GLU A 1 107 ? -8.119  -2.449  5.609   1.00 7.64   ? 106 GLU A N   1 
ATOM   786  C CA  . GLU A 1 107 ? -9.280  -2.392  6.471   1.00 8.54   ? 106 GLU A CA  1 
ATOM   787  C C   . GLU A 1 107 ? -9.023  -1.574  7.712   1.00 12.04  ? 106 GLU A C   1 
ATOM   788  O O   . GLU A 1 107 ? -8.159  -1.906  8.510   1.00 9.57   ? 106 GLU A O   1 
ATOM   789  C CB  . GLU A 1 107 ? -9.723  -3.823  6.846   1.00 9.09   ? 106 GLU A CB  1 
ATOM   790  C CG  . GLU A 1 107 ? -10.241 -4.660  5.651   1.00 12.24  ? 106 GLU A CG  1 
ATOM   791  C CD  . GLU A 1 107 ? -10.560 -6.073  6.088   1.00 36.49  ? 106 GLU A CD  1 
ATOM   792  O OE1 . GLU A 1 107 ? -9.701  -6.908  6.301   1.00 29.48  ? 106 GLU A OE1 1 
ATOM   793  O OE2 . GLU A 1 107 ? -11.820 -6.299  6.299   1.00 35.27  ? 106 GLU A OE2 1 
ATOM   794  N N   . TYR A 1 108 ? -9.775  -0.485  7.893   1.00 7.15   ? 107 TYR A N   1 
ATOM   795  C CA  . TYR A 1 108 ? -9.586  0.351   9.071   1.00 6.86   ? 107 TYR A CA  1 
ATOM   796  C C   . TYR A 1 108 ? -10.637 0.067   10.138  1.00 12.81  ? 107 TYR A C   1 
ATOM   797  O O   . TYR A 1 108 ? -11.794 -0.094  9.818   1.00 12.47  ? 107 TYR A O   1 
ATOM   798  C CB  . TYR A 1 108 ? -9.802  1.798   8.648   1.00 9.75   ? 107 TYR A CB  1 
ATOM   799  C CG  . TYR A 1 108 ? -8.732  2.364   7.688   1.00 7.84   ? 107 TYR A CG  1 
ATOM   800  C CD1 . TYR A 1 108 ? -8.895  2.218   6.297   1.00 8.96   ? 107 TYR A CD1 1 
ATOM   801  C CD2 . TYR A 1 108 ? -7.624  3.038   8.188   1.00 7.19   ? 107 TYR A CD2 1 
ATOM   802  C CE1 . TYR A 1 108 ? -7.946  2.733   5.412   1.00 9.23   ? 107 TYR A CE1 1 
ATOM   803  C CE2 . TYR A 1 108 ? -6.664  3.570   7.315   1.00 10.60  ? 107 TYR A CE2 1 
ATOM   804  C CZ  . TYR A 1 108 ? -6.852  3.418   5.934   1.00 12.66  ? 107 TYR A CZ  1 
ATOM   805  O OH  . TYR A 1 108 ? -5.909  3.945   5.051   1.00 16.80  ? 107 TYR A OH  1 
ATOM   806  N N   . ASN A 1 109 ? -10.211 0.001   11.387  1.00 12.81  ? 108 ASN A N   1 
ATOM   807  C CA  . ASN A 1 109 ? -11.058 -0.267  12.533  1.00 9.59   ? 108 ASN A CA  1 
ATOM   808  C C   . ASN A 1 109 ? -10.442 0.468   13.699  1.00 15.09  ? 108 ASN A C   1 
ATOM   809  O O   . ASN A 1 109 ? -9.520  0.007   14.367  1.00 14.62  ? 108 ASN A O   1 
ATOM   810  C CB  . ASN A 1 109 ? -11.320 -1.782  12.792  1.00 21.85  ? 108 ASN A CB  1 
ATOM   811  C CG  . ASN A 1 109 ? -11.970 -2.061  14.189  1.00 29.81  ? 108 ASN A CG  1 
ATOM   812  O OD1 . ASN A 1 109 ? -12.912 -1.344  14.673  1.00 70.36  ? 108 ASN A OD1 1 
ATOM   813  N ND2 . ASN A 1 109 ? -11.433 -3.085  14.857  1.00 66.92  ? 108 ASN A ND2 1 
ATOM   814  N N   . GLY A 1 110 ? -10.956 1.652   13.932  1.00 13.28  ? 109 GLY A N   1 
ATOM   815  C CA  . GLY A 1 110 ? -10.427 2.429   15.010  1.00 18.69  ? 109 GLY A CA  1 
ATOM   816  C C   . GLY A 1 110 ? -9.000  2.773   14.679  1.00 16.14  ? 109 GLY A C   1 
ATOM   817  O O   . GLY A 1 110 ? -8.671  3.142   13.538  1.00 23.32  ? 109 GLY A O   1 
ATOM   818  N N   . ASP A 1 111 ? -8.182  2.624   15.705  1.00 11.76  ? 110 ASP A N   1 
ATOM   819  C CA  . ASP A 1 111 ? -6.786  2.905   15.600  1.00 12.36  ? 110 ASP A CA  1 
ATOM   820  C C   . ASP A 1 111 ? -6.005  1.800   14.916  1.00 16.67  ? 110 ASP A C   1 
ATOM   821  O O   . ASP A 1 111 ? -4.795  1.880   14.830  1.00 13.79  ? 110 ASP A O   1 
ATOM   822  C CB  . ASP A 1 111 ? -6.215  3.252   16.941  1.00 12.12  ? 110 ASP A CB  1 
ATOM   823  C CG  . ASP A 1 111 ? -6.512  4.687   17.315  1.00 53.56  ? 110 ASP A CG  1 
ATOM   824  O OD1 . ASP A 1 111 ? -7.086  5.471   16.431  1.00 28.00  ? 110 ASP A OD1 1 
ATOM   825  O OD2 . ASP A 1 111 ? -6.191  5.109   18.361  1.00 30.19  ? 110 ASP A OD2 1 
ATOM   826  N N   . ASP A 1 112 ? -6.670  0.775   14.416  1.00 13.17  ? 111 ASP A N   1 
ATOM   827  C CA  . ASP A 1 112 ? -5.906  -0.258  13.744  1.00 9.82   ? 111 ASP A CA  1 
ATOM   828  C C   . ASP A 1 112 ? -6.190  -0.282  12.254  1.00 9.07   ? 111 ASP A C   1 
ATOM   829  O O   . ASP A 1 112 ? -7.328  -0.041  11.826  1.00 10.40  ? 111 ASP A O   1 
ATOM   830  C CB  . ASP A 1 112 ? -6.334  -1.666  14.249  1.00 12.25  ? 111 ASP A CB  1 
ATOM   831  C CG  . ASP A 1 112 ? -6.078  -1.910  15.705  1.00 15.61  ? 111 ASP A CG  1 
ATOM   832  O OD1 . ASP A 1 112 ? -4.844  -1.925  16.048  1.00 19.53  ? 111 ASP A OD1 1 
ATOM   833  O OD2 . ASP A 1 112 ? -6.945  -2.045  16.491  1.00 28.12  ? 111 ASP A OD2 1 
ATOM   834  N N   . LEU A 1 113 ? -5.156  -0.587  11.456  1.00 11.60  ? 112 LEU A N   1 
ATOM   835  C CA  . LEU A 1 113 ? -5.285  -0.679  10.001  1.00 6.92   ? 112 LEU A CA  1 
ATOM   836  C C   . LEU A 1 113 ? -4.649  -2.042  9.651   1.00 10.38  ? 112 LEU A C   1 
ATOM   837  O O   . LEU A 1 113 ? -3.528  -2.275  10.083  1.00 10.28  ? 112 LEU A O   1 
ATOM   838  C CB  . LEU A 1 113 ? -4.616  0.495   9.257   1.00 6.08   ? 112 LEU A CB  1 
ATOM   839  C CG  . LEU A 1 113 ? -4.240  0.221   7.788   1.00 8.96   ? 112 LEU A CG  1 
ATOM   840  C CD1 . LEU A 1 113 ? -5.435  -0.069  6.839   1.00 11.06  ? 112 LEU A CD1 1 
ATOM   841  C CD2 . LEU A 1 113 ? -3.466  1.419   7.238   1.00 14.29  ? 112 LEU A CD2 1 
ATOM   842  N N   . VAL A 1 114 ? -5.351  -2.928  8.935   1.00 6.33   ? 113 VAL A N   1 
ATOM   843  C CA  . VAL A 1 114 ? -4.793  -4.226  8.579   1.00 4.99   ? 113 VAL A CA  1 
ATOM   844  C C   . VAL A 1 114 ? -4.749  -4.254  7.088   1.00 6.17   ? 113 VAL A C   1 
ATOM   845  O O   . VAL A 1 114 ? -5.746  -3.967  6.485   1.00 8.08   ? 113 VAL A O   1 
ATOM   846  C CB  . VAL A 1 114 ? -5.728  -5.363  9.070   1.00 16.05  ? 113 VAL A CB  1 
ATOM   847  C CG1 . VAL A 1 114 ? -5.116  -6.727  8.709   1.00 13.95  ? 113 VAL A CG1 1 
ATOM   848  C CG2 . VAL A 1 114 ? -5.954  -5.308  10.617  1.00 10.34  ? 113 VAL A CG2 1 
ATOM   849  N N   . VAL A 1 115 ? -3.620  -4.574  6.483   1.00 7.97   ? 114 VAL A N   1 
ATOM   850  C CA  . VAL A 1 115 ? -3.528  -4.624  5.044   1.00 8.63   ? 114 VAL A CA  1 
ATOM   851  C C   . VAL A 1 115 ? -3.244  -6.075  4.674   1.00 9.84   ? 114 VAL A C   1 
ATOM   852  O O   . VAL A 1 115 ? -2.296  -6.649  5.186   1.00 8.91   ? 114 VAL A O   1 
ATOM   853  C CB  . VAL A 1 115 ? -2.343  -3.766  4.519   1.00 10.79  ? 114 VAL A CB  1 
ATOM   854  C CG1 . VAL A 1 115 ? -2.295  -3.853  2.975   1.00 12.71  ? 114 VAL A CG1 1 
ATOM   855  C CG2 . VAL A 1 115 ? -2.529  -2.257  4.843   1.00 8.22   ? 114 VAL A CG2 1 
ATOM   856  N N   . THR A 1 116 ? -4.074  -6.649  3.821   1.00 9.08   ? 115 THR A N   1 
ATOM   857  C CA  . THR A 1 116 ? -3.921  -8.021  3.398   1.00 5.92   ? 115 THR A CA  1 
ATOM   858  C C   . THR A 1 116 ? -3.483  -7.913  1.956   1.00 13.72  ? 115 THR A C   1 
ATOM   859  O O   . THR A 1 116 ? -4.149  -7.262  1.174   1.00 8.18   ? 115 THR A O   1 
ATOM   860  C CB  . THR A 1 116 ? -5.258  -8.715  3.470   1.00 11.36  ? 115 THR A CB  1 
ATOM   861  O OG1 . THR A 1 116 ? -5.623  -8.605  4.848   1.00 10.95  ? 115 THR A OG1 1 
ATOM   862  C CG2 . THR A 1 116 ? -5.035  -10.214 3.147   1.00 9.06   ? 115 THR A CG2 1 
ATOM   863  N N   . ILE A 1 117 ? -2.375  -8.554  1.614   1.00 8.88   ? 116 ILE A N   1 
ATOM   864  C CA  . ILE A 1 117 ? -1.869  -8.492  0.270   1.00 4.10   ? 116 ILE A CA  1 
ATOM   865  C C   . ILE A 1 117 ? -1.794  -9.825  -0.412  1.00 12.51  ? 116 ILE A C   1 
ATOM   866  O O   . ILE A 1 117 ? -1.282  -10.773 0.175   1.00 10.43  ? 116 ILE A O   1 
ATOM   867  C CB  . ILE A 1 117 ? -0.411  -8.043  0.530   1.00 5.49   ? 116 ILE A CB  1 
ATOM   868  C CG1 . ILE A 1 117 ? -0.375  -6.683  1.262   1.00 10.01  ? 116 ILE A CG1 1 
ATOM   869  C CG2 . ILE A 1 117 ? 0.204   -7.893  -0.839  1.00 11.83  ? 116 ILE A CG2 1 
ATOM   870  C CD1 . ILE A 1 117 ? 1.029   -6.184  1.640   1.00 15.00  ? 116 ILE A CD1 1 
ATOM   871  N N   . THR A 1 118 ? -2.308  -9.880  -1.638  1.00 8.58   ? 117 THR A N   1 
ATOM   872  C CA  . THR A 1 118 ? -2.306  -11.085 -2.454  1.00 6.72   ? 117 THR A CA  1 
ATOM   873  C C   . THR A 1 118 ? -1.632  -10.734 -3.788  1.00 15.60  ? 117 THR A C   1 
ATOM   874  O O   . THR A 1 118 ? -1.623  -9.565  -4.191  1.00 11.21  ? 117 THR A O   1 
ATOM   875  C CB  . THR A 1 118 ? -3.645  -11.745 -2.585  1.00 19.73  ? 117 THR A CB  1 
ATOM   876  O OG1 . THR A 1 118 ? -4.584  -10.780 -2.974  1.00 18.64  ? 117 THR A OG1 1 
ATOM   877  C CG2 . THR A 1 118 ? -4.059  -12.422 -1.274  1.00 17.75  ? 117 THR A CG2 1 
ATOM   878  N N   . SER A 1 119 ? -1.038  -11.719 -4.481  1.00 11.61  ? 118 SER A N   1 
ATOM   879  C CA  . SER A 1 119 ? -0.335  -11.476 -5.751  1.00 15.45  ? 118 SER A CA  1 
ATOM   880  C C   . SER A 1 119 ? -0.701  -12.502 -6.805  1.00 17.62  ? 118 SER A C   1 
ATOM   881  O O   . SER A 1 119 ? -1.080  -13.619 -6.478  1.00 13.72  ? 118 SER A O   1 
ATOM   882  C CB  . SER A 1 119 ? 1.103   -11.781 -5.333  1.00 21.55  ? 118 SER A CB  1 
ATOM   883  O OG  . SER A 1 119 ? 1.932   -12.135 -6.374  1.00 18.12  ? 118 SER A OG  1 
ATOM   884  N N   . SER A 1 120 ? -0.601  -12.165 -8.071  1.00 9.62   ? 119 SER A N   1 
ATOM   885  C CA  . SER A 1 120 ? -0.964  -13.166 -9.056  1.00 6.85   ? 119 SER A CA  1 
ATOM   886  C C   . SER A 1 120 ? 0.176   -14.174 -9.256  1.00 11.15  ? 119 SER A C   1 
ATOM   887  O O   . SER A 1 120 ? 0.021   -15.154 -9.977  1.00 14.82  ? 119 SER A O   1 
ATOM   888  C CB  . SER A 1 120 ? -1.304  -12.517 -10.404 1.00 13.17  ? 119 SER A CB  1 
ATOM   889  O OG  . SER A 1 120 ? -0.183  -11.748 -10.812 1.00 12.09  ? 119 SER A OG  1 
ATOM   890  N N   . ASN A 1 121 ? 1.330   -13.960 -8.632  1.00 10.17  ? 120 ASN A N   1 
ATOM   891  C CA  . ASN A 1 121 ? 2.416   -14.915 -8.836  1.00 10.10  ? 120 ASN A CA  1 
ATOM   892  C C   . ASN A 1 121 ? 2.733   -15.849 -7.689  1.00 24.86  ? 120 ASN A C   1 
ATOM   893  O O   . ASN A 1 121 ? 3.695   -16.605 -7.788  1.00 16.00  ? 120 ASN A O   1 
ATOM   894  C CB  . ASN A 1 121 ? 3.694   -14.099 -9.062  1.00 8.08   ? 120 ASN A CB  1 
ATOM   895  C CG  . ASN A 1 121 ? 3.645   -13.347 -10.391 1.00 12.84  ? 120 ASN A CG  1 
ATOM   896  O OD1 . ASN A 1 121 ? 2.899   -13.694 -11.308 1.00 20.66  ? 120 ASN A OD1 1 
ATOM   897  N ND2 . ASN A 1 121 ? 4.451   -12.309 -10.510 1.00 11.56  ? 120 ASN A ND2 1 
ATOM   898  N N   . TRP A 1 122 ? 1.951   -15.802 -6.615  1.00 10.46  ? 121 TRP A N   1 
ATOM   899  C CA  . TRP A 1 122 ? 2.195   -16.627 -5.468  1.00 7.79   ? 121 TRP A CA  1 
ATOM   900  C C   . TRP A 1 122 ? 0.922   -16.897 -4.766  1.00 12.84  ? 121 TRP A C   1 
ATOM   901  O O   . TRP A 1 122 ? 0.011   -16.136 -4.878  1.00 13.52  ? 121 TRP A O   1 
ATOM   902  C CB  . TRP A 1 122 ? 2.856   -15.612 -4.533  1.00 17.60  ? 121 TRP A CB  1 
ATOM   903  C CG  . TRP A 1 122 ? 3.374   -16.211 -3.307  1.00 22.54  ? 121 TRP A CG  1 
ATOM   904  C CD1 . TRP A 1 122 ? 3.878   -17.465 -3.151  1.00 54.01  ? 121 TRP A CD1 1 
ATOM   905  C CD2 . TRP A 1 122 ? 3.439   -15.574 -2.057  1.00 34.44  ? 121 TRP A CD2 1 
ATOM   906  N NE1 . TRP A 1 122 ? 4.273   -17.637 -1.853  1.00 63.20  ? 121 TRP A NE1 1 
ATOM   907  C CE2 . TRP A 1 122 ? 4.016   -16.479 -1.166  1.00 32.32  ? 121 TRP A CE2 1 
ATOM   908  C CE3 . TRP A 1 122 ? 3.061   -14.337 -1.630  1.00 30.18  ? 121 TRP A CE3 1 
ATOM   909  C CZ2 . TRP A 1 122 ? 4.216   -16.171 0.146   1.00 52.71  ? 121 TRP A CZ2 1 
ATOM   910  C CZ3 . TRP A 1 122 ? 3.276   -14.041 -0.318  1.00 44.63  ? 121 TRP A CZ3 1 
ATOM   911  C CH2 . TRP A 1 122 ? 3.848   -14.952 0.543   1.00 22.13  ? 121 TRP A CH2 1 
ATOM   912  N N   . ASP A 1 123 ? 0.848   -17.958 -4.016  1.00 16.51  ? 122 ASP A N   1 
ATOM   913  C CA  . ASP A 1 123 ? -0.379  -18.277 -3.317  1.00 27.63  ? 122 ASP A CA  1 
ATOM   914  C C   . ASP A 1 123 ? -0.432  -17.876 -1.874  1.00 14.18  ? 122 ASP A C   1 
ATOM   915  O O   . ASP A 1 123 ? -1.437  -18.107 -1.223  1.00 30.99  ? 122 ASP A O   1 
ATOM   916  C CB  . ASP A 1 123 ? -0.364  -19.789 -3.131  1.00 86.94  ? 122 ASP A CB  1 
ATOM   917  C CG  . ASP A 1 123 ? -0.869  -20.452 -4.340  1.00 100.00 ? 122 ASP A CG  1 
ATOM   918  O OD1 . ASP A 1 123 ? -1.738  -19.922 -4.996  1.00 100.00 ? 122 ASP A OD1 1 
ATOM   919  O OD2 . ASP A 1 123 ? -0.282  -21.602 -4.620  1.00 100.00 ? 122 ASP A OD2 1 
ATOM   920  N N   . GLY A 1 124 ? 0.636   -17.313 -1.361  1.00 8.25   ? 123 GLY A N   1 
ATOM   921  C CA  . GLY A 1 124 ? 0.654   -16.931 0.034   1.00 12.84  ? 123 GLY A CA  1 
ATOM   922  C C   . GLY A 1 124 ? -0.168  -15.669 0.228   1.00 16.29  ? 123 GLY A C   1 
ATOM   923  O O   . GLY A 1 124 ? -0.650  -15.105 -0.737  1.00 15.84  ? 123 GLY A O   1 
ATOM   924  N N   . VAL A 1 125 ? -0.312  -15.262 1.480   1.00 11.65  ? 124 VAL A N   1 
ATOM   925  C CA  . VAL A 1 125 ? -1.045  -14.066 1.897   1.00 10.20  ? 124 VAL A CA  1 
ATOM   926  C C   . VAL A 1 125 ? -0.048  -13.296 2.758   1.00 14.34  ? 124 VAL A C   1 
ATOM   927  O O   . VAL A 1 125 ? 0.583   -13.902 3.631   1.00 10.07  ? 124 VAL A O   1 
ATOM   928  C CB  . VAL A 1 125 ? -2.211  -14.428 2.869   1.00 7.21   ? 124 VAL A CB  1 
ATOM   929  C CG1 . VAL A 1 125 ? -2.878  -13.071 3.298   1.00 7.74   ? 124 VAL A CG1 1 
ATOM   930  C CG2 . VAL A 1 125 ? -3.236  -15.255 2.092   1.00 10.21  ? 124 VAL A CG2 1 
ATOM   931  N N   . ALA A 1 126 ? 0.126   -11.988 2.526   1.00 7.24   ? 125 ALA A N   1 
ATOM   932  C CA  . ALA A 1 126 ? 1.060   -11.180 3.330   1.00 6.09   ? 125 ALA A CA  1 
ATOM   933  C C   . ALA A 1 126 ? 0.198   -10.211 4.123   1.00 11.43  ? 125 ALA A C   1 
ATOM   934  O O   . ALA A 1 126 ? -0.876  -9.860  3.625   1.00 7.07   ? 125 ALA A O   1 
ATOM   935  C CB  . ALA A 1 126 ? 2.096   -10.344 2.501   1.00 7.81   ? 125 ALA A CB  1 
ATOM   936  N N   . ARG A 1 127 ? 0.650   -9.801  5.318   1.00 10.16  ? 126 ARG A N   1 
ATOM   937  C CA  . ARG A 1 127 ? -0.110  -8.885  6.138   1.00 8.73   ? 126 ARG A CA  1 
ATOM   938  C C   . ARG A 1 127 ? 0.767   -7.798  6.675   1.00 10.61  ? 126 ARG A C   1 
ATOM   939  O O   . ARG A 1 127 ? 1.919   -8.054  7.003   1.00 9.17   ? 126 ARG A O   1 
ATOM   940  C CB  . ARG A 1 127 ? -0.617  -9.623  7.371   1.00 6.23   ? 126 ARG A CB  1 
ATOM   941  C CG  . ARG A 1 127 ? -1.908  -10.337 7.095   1.00 11.70  ? 126 ARG A CG  1 
ATOM   942  C CD  . ARG A 1 127 ? -3.076  -9.455  7.466   1.00 8.81   ? 126 ARG A CD  1 
ATOM   943  N NE  . ARG A 1 127 ? -4.388  -10.007 7.247   1.00 10.73  ? 126 ARG A NE  1 
ATOM   944  C CZ  . ARG A 1 127 ? -5.002  -10.760 8.150   1.00 14.32  ? 126 ARG A CZ  1 
ATOM   945  N NH1 . ARG A 1 127 ? -4.394  -11.060 9.279   1.00 12.04  ? 126 ARG A NH1 1 
ATOM   946  N NH2 . ARG A 1 127 ? -6.242  -11.231 7.897   1.00 14.06  ? 126 ARG A NH2 1 
ATOM   947  N N   . ARG A 1 128 ? 0.214   -6.588  6.757   1.00 6.43   ? 127 ARG A N   1 
ATOM   948  C CA  . ARG A 1 128 ? 0.923   -5.441  7.304   1.00 4.50   ? 127 ARG A CA  1 
ATOM   949  C C   . ARG A 1 128 ? -0.057  -4.852  8.307   1.00 8.75   ? 127 ARG A C   1 
ATOM   950  O O   . ARG A 1 128 ? -1.196  -4.589  7.963   1.00 10.32  ? 127 ARG A O   1 
ATOM   951  C CB  . ARG A 1 128 ? 1.459   -4.397  6.343   1.00 9.06   ? 127 ARG A CB  1 
ATOM   952  C CG  . ARG A 1 128 ? 2.317   -5.056  5.221   1.00 13.58  ? 127 ARG A CG  1 
ATOM   953  C CD  . ARG A 1 128 ? 2.904   -3.954  4.356   1.00 15.01  ? 127 ARG A CD  1 
ATOM   954  N NE  . ARG A 1 128 ? 4.249   -3.539  4.775   1.00 13.49  ? 127 ARG A NE  1 
ATOM   955  C CZ  . ARG A 1 128 ? 4.837   -2.501  4.183   1.00 17.24  ? 127 ARG A CZ  1 
ATOM   956  N NH1 . ARG A 1 128 ? 4.220   -1.804  3.219   1.00 13.91  ? 127 ARG A NH1 1 
ATOM   957  N NH2 . ARG A 1 128 ? 6.028   -2.172  4.553   1.00 13.07  ? 127 ARG A NH2 1 
ATOM   958  N N   . TYR A 1 129 ? 0.386   -4.704  9.542   1.00 8.96   ? 128 TYR A N   1 
ATOM   959  C CA  . TYR A 1 129 ? -0.400  -4.185  10.649  1.00 12.16  ? 128 TYR A CA  1 
ATOM   960  C C   . TYR A 1 129 ? 0.126   -2.791  11.039  1.00 18.15  ? 128 TYR A C   1 
ATOM   961  O O   . TYR A 1 129 ? 1.318   -2.593  11.332  1.00 10.69  ? 128 TYR A O   1 
ATOM   962  C CB  . TYR A 1 129 ? -0.309  -5.135  11.875  1.00 5.98   ? 128 TYR A CB  1 
ATOM   963  C CG  . TYR A 1 129 ? -0.717  -6.540  11.533  1.00 10.40  ? 128 TYR A CG  1 
ATOM   964  C CD1 . TYR A 1 129 ? -2.046  -6.966  11.624  1.00 8.93   ? 128 TYR A CD1 1 
ATOM   965  C CD2 . TYR A 1 129 ? 0.248   -7.458  11.119  1.00 12.11  ? 128 TYR A CD2 1 
ATOM   966  C CE1 . TYR A 1 129 ? -2.421  -8.252  11.305  1.00 13.92  ? 128 TYR A CE1 1 
ATOM   967  C CE2 . TYR A 1 129 ? -0.114  -8.769  10.796  1.00 9.44   ? 128 TYR A CE2 1 
ATOM   968  C CZ  . TYR A 1 129 ? -1.419  -9.173  10.893  1.00 11.09  ? 128 TYR A CZ  1 
ATOM   969  O OH  . TYR A 1 129 ? -1.763  -10.454 10.572  1.00 12.72  ? 128 TYR A OH  1 
ATOM   970  N N   . TYR A 1 130 ? -0.786  -1.816  11.043  1.00 6.70   ? 129 TYR A N   1 
ATOM   971  C CA  . TYR A 1 130 ? -0.413  -0.459  11.391  1.00 5.57   ? 129 TYR A CA  1 
ATOM   972  C C   . TYR A 1 130 ? -1.295  0.022   12.535  1.00 8.31   ? 129 TYR A C   1 
ATOM   973  O O   . TYR A 1 130 ? -2.396  -0.472  12.728  1.00 12.13  ? 129 TYR A O   1 
ATOM   974  C CB  . TYR A 1 130 ? -0.735  0.398   10.151  1.00 11.16  ? 129 TYR A CB  1 
ATOM   975  C CG  . TYR A 1 130 ? 0.064   0.272   8.850   1.00 9.28   ? 129 TYR A CG  1 
ATOM   976  C CD1 . TYR A 1 130 ? -0.117  -0.812  8.011   1.00 11.01  ? 129 TYR A CD1 1 
ATOM   977  C CD2 . TYR A 1 130 ? 0.948   1.295   8.489   1.00 9.78   ? 129 TYR A CD2 1 
ATOM   978  C CE1 . TYR A 1 130 ? 0.621   -0.892  6.809   1.00 10.43  ? 129 TYR A CE1 1 
ATOM   979  C CE2 . TYR A 1 130 ? 1.670   1.237   7.299   1.00 10.70  ? 129 TYR A CE2 1 
ATOM   980  C CZ  . TYR A 1 130 ? 1.490   0.124   6.474   1.00 14.39  ? 129 TYR A CZ  1 
ATOM   981  O OH  . TYR A 1 130 ? 2.165   0.068   5.303   1.00 13.65  ? 129 TYR A OH  1 
ATOM   982  N N   . LYS A 1 131 ? -0.790  0.979   13.277  1.00 8.98   ? 130 LYS A N   1 
ATOM   983  C CA  . LYS A 1 131 ? -1.496  1.530   14.395  1.00 15.60  ? 130 LYS A CA  1 
ATOM   984  C C   . LYS A 1 131 ? -1.387  3.070   14.424  1.00 13.64  ? 130 LYS A C   1 
ATOM   985  O O   . LYS A 1 131 ? -0.342  3.648   14.149  1.00 10.63  ? 130 LYS A O   1 
ATOM   986  C CB  . LYS A 1 131 ? -0.764  0.861   15.558  1.00 15.68  ? 130 LYS A CB  1 
ATOM   987  C CG  . LYS A 1 131 ? -1.440  0.928   16.879  1.00 37.45  ? 130 LYS A CG  1 
ATOM   988  C CD  . LYS A 1 131 ? -2.249  -0.297  17.171  1.00 47.33  ? 130 LYS A CD  1 
ATOM   989  C CE  . LYS A 1 131 ? -1.585  -1.234  18.149  1.00 47.97  ? 130 LYS A CE  1 
ATOM   990  N NZ  . LYS A 1 131 ? -2.182  -2.580  18.127  1.00 76.11  ? 130 LYS A NZ  1 
ATOM   991  N N   . ALA A 1 132 ? -2.490  3.740   14.766  1.00 15.77  ? 131 ALA A N   1 
ATOM   992  C CA  . ALA A 1 132 ? -2.558  5.188   14.873  1.00 13.25  ? 131 ALA A CA  1 
ATOM   993  C C   . ALA A 1 132 ? -2.492  5.431   16.367  1.00 20.89  ? 131 ALA A C   1 
ATOM   994  O O   . ALA A 1 132 ? -2.620  4.513   17.165  1.00 22.77  ? 131 ALA A O   1 
ATOM   995  C CB  . ALA A 1 132 ? -3.841  5.735   14.281  1.00 8.26   ? 131 ALA A CB  1 
ATOM   996  O OXT . ALA A 1 132 ? -2.276  6.528   16.824  1.00 25.53  ? 131 ALA A OXT 1 
HETATM 997  S S   . SO4 B 2 .   ? -1.330  2.052   -0.325  1.00 76.87  ? 200 SO4 A S   1 
HETATM 998  O O1  . SO4 B 2 .   ? -2.593  2.771   -0.528  1.00 56.01  ? 200 SO4 A O1  1 
HETATM 999  O O2  . SO4 B 2 .   ? -1.044  1.956   1.091   1.00 100.00 ? 200 SO4 A O2  1 
HETATM 1000 O O3  . SO4 B 2 .   ? -1.422  0.677   -0.836  1.00 69.51  ? 200 SO4 A O3  1 
HETATM 1001 O O4  . SO4 B 2 .   ? -0.232  2.796   -1.004  1.00 66.10  ? 200 SO4 A O4  1 
HETATM 1002 C C1  . PLM C 3 .   ? 0.582   -0.853  2.354   1.00 20.24  ? 133 PLM A C1  1 
HETATM 1003 O O1  . PLM C 3 .   ? -0.405  -0.174  2.688   1.00 29.75  ? 133 PLM A O1  1 
HETATM 1004 O O2  . PLM C 3 .   ? 1.400   -1.303  3.173   1.00 19.87  ? 133 PLM A O2  1 
HETATM 1005 C C2  . PLM C 3 .   ? 0.893   -1.119  0.864   1.00 54.71  ? 133 PLM A C2  1 
HETATM 1006 C C3  . PLM C 3 .   ? 2.110   -2.022  0.563   1.00 36.62  ? 133 PLM A C3  1 
HETATM 1007 C C4  . PLM C 3 .   ? 3.364   -1.181  0.192   1.00 34.50  ? 133 PLM A C4  1 
HETATM 1008 C C5  . PLM C 3 .   ? 3.642   -1.158  -1.326  1.00 31.60  ? 133 PLM A C5  1 
HETATM 1009 C C6  . PLM C 3 .   ? 4.881   -1.991  -1.696  1.00 30.18  ? 133 PLM A C6  1 
HETATM 1010 C C7  . PLM C 3 .   ? 4.804   -2.311  -3.184  1.00 28.67  ? 133 PLM A C7  1 
HETATM 1011 C C8  . PLM C 3 .   ? 6.085   -2.839  -3.811  1.00 21.37  ? 133 PLM A C8  1 
HETATM 1012 C C9  . PLM C 3 .   ? 5.642   -4.059  -4.621  1.00 36.65  ? 133 PLM A C9  1 
HETATM 1013 C CA  . PLM C 3 .   ? 5.754   -3.912  -6.146  1.00 29.79  ? 133 PLM A CA  1 
HETATM 1014 C CB  . PLM C 3 .   ? 4.392   -4.193  -6.798  1.00 43.59  ? 133 PLM A CB  1 
HETATM 1015 C CC  . PLM C 3 .   ? 4.501   -4.586  -8.295  1.00 25.74  ? 133 PLM A CC  1 
HETATM 1016 C CD  . PLM C 3 .   ? 3.095   -4.787  -8.948  1.00 22.53  ? 133 PLM A CD  1 
HETATM 1017 C CE  . PLM C 3 .   ? 2.863   -6.213  -9.437  1.00 32.01  ? 133 PLM A CE  1 
HETATM 1018 C CF  . PLM C 3 .   ? 2.917   -7.156  -8.235  1.00 29.45  ? 133 PLM A CF  1 
HETATM 1019 C CG  . PLM C 3 .   ? 2.662   -8.645  -8.584  1.00 25.04  ? 133 PLM A CG  1 
HETATM 1020 O O   . HOH D 4 .   ? -14.119 3.446   14.512  1.00 43.35  ? 201 HOH A O   1 
HETATM 1021 O O   . HOH D 4 .   ? -5.471  7.974   7.834   1.00 8.37   ? 202 HOH A O   1 
HETATM 1022 O O   . HOH D 4 .   ? -4.237  5.756   6.351   1.00 14.23  ? 203 HOH A O   1 
HETATM 1023 O O   . HOH D 4 .   ? -5.762  4.140   2.246   1.00 27.75  ? 204 HOH A O   1 
HETATM 1024 O O   . HOH D 4 .   ? 1.957   9.727   6.669   1.00 15.54  ? 205 HOH A O   1 
HETATM 1025 O O   . HOH D 4 .   ? 6.760   4.552   11.739  1.00 22.44  ? 206 HOH A O   1 
HETATM 1026 O O   . HOH D 4 .   ? 8.263   6.592   7.984   1.00 10.67  ? 207 HOH A O   1 
HETATM 1027 O O   . HOH D 4 .   ? 7.159   -7.291  11.856  1.00 25.27  ? 208 HOH A O   1 
HETATM 1028 O O   . HOH D 4 .   ? 7.401   -10.018 6.262   1.00 26.18  ? 209 HOH A O   1 
HETATM 1029 O O   . HOH D 4 .   ? 7.256   -13.015 7.882   1.00 39.63  ? 210 HOH A O   1 
HETATM 1030 O O   . HOH D 4 .   ? 8.908   -6.276  -10.744 1.00 43.16  ? 211 HOH A O   1 
HETATM 1031 O O   . HOH D 4 .   ? 6.080   -5.003  -11.969 1.00 30.77  ? 212 HOH A O   1 
HETATM 1032 O O   . HOH D 4 .   ? 13.874  -4.494  -9.069  1.00 24.99  ? 213 HOH A O   1 
HETATM 1033 O O   . HOH D 4 .   ? 14.425  -11.291 -6.271  1.00 19.28  ? 214 HOH A O   1 
HETATM 1034 O O   . HOH D 4 .   ? 5.228   -17.852 -9.428  1.00 19.67  ? 215 HOH A O   1 
HETATM 1035 O O   . HOH D 4 .   ? 20.259  -6.475  -5.712  1.00 30.77  ? 216 HOH A O   1 
HETATM 1036 O O   . HOH D 4 .   ? 18.776  -2.498  0.416   1.00 28.77  ? 217 HOH A O   1 
HETATM 1037 O O   . HOH D 4 .   ? 20.054  -7.205  0.402   1.00 43.40  ? 218 HOH A O   1 
HETATM 1038 O O   . HOH D 4 .   ? 8.695   -2.571  5.906   1.00 18.33  ? 219 HOH A O   1 
HETATM 1039 O O   . HOH D 4 .   ? 7.463   -0.366  2.827   1.00 26.53  ? 220 HOH A O   1 
HETATM 1040 O O   . HOH D 4 .   ? 4.235   2.780   -1.617  1.00 24.48  ? 221 HOH A O   1 
HETATM 1041 O O   . HOH D 4 .   ? -3.136  12.854  2.826   1.00 19.68  ? 222 HOH A O   1 
HETATM 1042 O O   . HOH D 4 .   ? -6.007  16.009  -8.868  1.00 43.87  ? 223 HOH A O   1 
HETATM 1043 O O   . HOH D 4 .   ? -4.533  17.067  -6.718  1.00 28.49  ? 224 HOH A O   1 
HETATM 1044 O O   . HOH D 4 .   ? -1.891  16.358  -6.683  1.00 17.09  ? 225 HOH A O   1 
HETATM 1045 O O   . HOH D 4 .   ? -1.793  13.383  -7.158  1.00 24.36  ? 226 HOH A O   1 
HETATM 1046 O O   . HOH D 4 .   ? -1.287  15.555  -4.075  1.00 19.86  ? 227 HOH A O   1 
HETATM 1047 O O   . HOH D 4 .   ? 3.292   14.892  -3.174  1.00 19.61  ? 228 HOH A O   1 
HETATM 1048 O O   . HOH D 4 .   ? 1.251   8.460   -0.903  1.00 17.94  ? 229 HOH A O   1 
HETATM 1049 O O   . HOH D 4 .   ? 1.243   6.732   -2.990  1.00 18.66  ? 230 HOH A O   1 
HETATM 1050 O O   . HOH D 4 .   ? 2.420   7.092   -5.526  1.00 16.10  ? 231 HOH A O   1 
HETATM 1051 O O   . HOH D 4 .   ? -0.565  5.182   -4.451  1.00 22.48  ? 232 HOH A O   1 
HETATM 1052 O O   . HOH D 4 .   ? 6.560   6.854   -0.025  1.00 33.65  ? 233 HOH A O   1 
HETATM 1053 O O   . HOH D 4 .   ? 12.995  8.309   4.185   1.00 33.93  ? 234 HOH A O   1 
HETATM 1054 O O   . HOH D 4 .   ? 10.762  7.821   7.173   1.00 22.62  ? 235 HOH A O   1 
HETATM 1055 O O   . HOH D 4 .   ? 13.050  8.825   8.436   1.00 17.57  ? 236 HOH A O   1 
HETATM 1056 O O   . HOH D 4 .   ? -8.129  5.224   -8.085  1.00 12.01  ? 237 HOH A O   1 
HETATM 1057 O O   . HOH D 4 .   ? -15.587 3.445   -6.680  1.00 28.57  ? 238 HOH A O   1 
HETATM 1058 O O   . HOH D 4 .   ? -14.949 6.721   -11.150 1.00 45.07  ? 239 HOH A O   1 
HETATM 1059 O O   . HOH D 4 .   ? -15.543 7.660   1.672   1.00 22.67  ? 240 HOH A O   1 
HETATM 1060 O O   . HOH D 4 .   ? -6.465  8.823   -14.731 1.00 25.53  ? 241 HOH A O   1 
HETATM 1061 O O   . HOH D 4 .   ? -2.703  8.614   -15.544 1.00 33.14  ? 242 HOH A O   1 
HETATM 1062 O O   . HOH D 4 .   ? -1.184  9.674   -12.786 1.00 19.41  ? 243 HOH A O   1 
HETATM 1063 O O   . HOH D 4 .   ? 10.016  1.447   -13.820 1.00 32.10  ? 244 HOH A O   1 
HETATM 1064 O O   . HOH D 4 .   ? -12.787 -1.490  -1.247  1.00 19.82  ? 245 HOH A O   1 
HETATM 1065 O O   . HOH D 4 .   ? -9.724  -1.222  -6.632  1.00 28.36  ? 246 HOH A O   1 
HETATM 1066 O O   . HOH D 4 .   ? -7.120  -6.514  5.338   1.00 9.81   ? 247 HOH A O   1 
HETATM 1067 O O   . HOH D 4 .   ? -4.065  -9.921  -6.859  1.00 46.67  ? 248 HOH A O   1 
HETATM 1068 O O   . HOH D 4 .   ? -4.407  -11.362 -9.105  1.00 27.55  ? 249 HOH A O   1 
HETATM 1069 O O   . HOH D 4 .   ? -5.511  -9.050  -0.988  1.00 15.62  ? 250 HOH A O   1 
HETATM 1070 O O   . HOH D 4 .   ? -2.885  -2.874  14.198  1.00 17.64  ? 251 HOH A O   1 
HETATM 1071 O O   . HOH D 4 .   ? -1.327  -14.357 -3.152  1.00 12.81  ? 252 HOH A O   1 
HETATM 1072 O O   . HOH D 4 .   ? -11.862 11.370  11.349  1.00 28.78  ? 253 HOH A O   1 
HETATM 1073 O O   . HOH D 4 .   ? 2.518   12.249  7.533   1.00 24.58  ? 254 HOH A O   1 
HETATM 1074 O O   . HOH D 4 .   ? 3.987   10.769  9.103   1.00 45.87  ? 255 HOH A O   1 
HETATM 1075 O O   . HOH D 4 .   ? 7.514   -15.885 -3.118  1.00 35.80  ? 256 HOH A O   1 
HETATM 1076 O O   . HOH D 4 .   ? 17.073  -9.255  0.093   1.00 36.96  ? 257 HOH A O   1 
HETATM 1077 O O   . HOH D 4 .   ? 17.136  0.328   4.465   1.00 33.45  ? 258 HOH A O   1 
HETATM 1078 O O   . HOH D 4 .   ? -13.917 9.337   -5.540  1.00 24.19  ? 259 HOH A O   1 
HETATM 1079 O O   . HOH D 4 .   ? -15.315 8.077   -8.313  1.00 41.54  ? 260 HOH A O   1 
HETATM 1080 O O   . HOH D 4 .   ? 6.358   4.926   2.082   1.00 48.42  ? 261 HOH A O   1 
HETATM 1081 O O   . HOH D 4 .   ? -7.623  8.497   -9.823  1.00 18.44  ? 262 HOH A O   1 
HETATM 1082 O O   . HOH D 4 .   ? -0.470  10.462  -10.375 1.00 38.22  ? 263 HOH A O   1 
HETATM 1083 O O   . HOH D 4 .   ? -4.629  10.304  -9.344  1.00 40.13  ? 264 HOH A O   1 
HETATM 1084 O O   . HOH D 4 .   ? -7.508  15.207  -2.662  1.00 35.57  ? 265 HOH A O   1 
HETATM 1085 O O   . HOH D 4 .   ? -4.121  -15.358 -3.458  1.00 44.24  ? 266 HOH A O   1 
HETATM 1086 O O   . HOH D 4 .   ? 0.912   -12.819 -12.873 1.00 37.99  ? 267 HOH A O   1 
HETATM 1087 O O   . HOH D 4 .   ? 10.027  -3.128  9.063   1.00 24.70  ? 268 HOH A O   1 
HETATM 1088 O O   . HOH D 4 .   ? -14.085 12.373  -1.141  1.00 38.12  ? 269 HOH A O   1 
HETATM 1089 O O   . HOH D 4 .   ? -13.829 0.788   -7.552  1.00 32.31  ? 270 HOH A O   1 
# 
